data_3M0U
# 
_entry.id   3M0U 
# 
_audit_conform.dict_name       mmcif_pdbx.dic 
_audit_conform.dict_version    5.379 
_audit_conform.dict_location   http://mmcif.pdb.org/dictionaries/ascii/mmcif_pdbx.dic 
# 
loop_
_database_2.database_id 
_database_2.database_code 
_database_2.pdbx_database_accession 
_database_2.pdbx_DOI 
PDB   3M0U         pdb_00003m0u 10.2210/pdb3m0u/pdb 
RCSB  RCSB057965   ?            ?                   
WWPDB D_1000057965 ?            ?                   
# 
loop_
_pdbx_database_related.db_name 
_pdbx_database_related.db_id 
_pdbx_database_related.details 
_pdbx_database_related.content_type 
PDB 1SHG 'alpha-spectrin SH3 domain'                                                          unspecified 
PDB 3I9Q 'Crystal Structure of the triple mutant S19G-P20D-R21S of alpha spectrin SH3 domain' unspecified 
PDB 2F2W 'alpha-spectrin SH3 domain R21A mutant'                                              unspecified 
PDB 2F2X 'alpha-spectrin SH3 domain R21G mutant'                                              unspecified 
PDB 3M0P 'alpha-spectrin SH3 domain R21D mutant at pH 4.0'                                    unspecified 
PDB 3M0Q 'alpha-spectrin SH3 domain R21D mutant at 5.0'                                       unspecified 
PDB 3M0R 'alpha-spectrin SH3 domain R21D mutant at pH 6.0'                                    unspecified 
PDB 3M0S 'alpha-spectrin SH3 domain R21D mutant at pH 7.0'                                    unspecified 
PDB 3M0T 'alpha-spectrin SH3 domain R21D mutant at pH 9.0'                                    unspecified 
# 
_pdbx_database_status.entry_id                        3M0U 
_pdbx_database_status.status_code                     REL 
_pdbx_database_status.deposit_site                    RCSB 
_pdbx_database_status.process_site                    RCSB 
_pdbx_database_status.recvd_initial_deposition_date   2010-03-03 
_pdbx_database_status.status_code_sf                  REL 
_pdbx_database_status.status_code_mr                  ? 
_pdbx_database_status.SG_entry                        ? 
_pdbx_database_status.status_code_cs                  ? 
_pdbx_database_status.methods_development_category    ? 
_pdbx_database_status.pdb_format_compatible           Y 
_pdbx_database_status.status_code_nmr_data            ? 
# 
loop_
_audit_author.name 
_audit_author.pdbx_ordinal 
'Gavira, J.A.'       1 
'Camara-Artigas, A.' 2 
# 
loop_
_citation.id 
_citation.title 
_citation.journal_abbrev 
_citation.journal_volume 
_citation.page_first 
_citation.page_last 
_citation.year 
_citation.journal_id_ASTM 
_citation.country 
_citation.journal_id_ISSN 
_citation.journal_id_CSD 
_citation.book_publisher 
_citation.pdbx_database_id_PubMed 
_citation.pdbx_database_id_DOI 
primary 'Understanding the polymorphic behaviour of a mutant of the alpha-spectrin SH3 domain by means of two 1.1 A structures' 
'Acta Crystallogr.,Sect.D' ?  ?    ?    2011 ABCRE6 DK 0907-4449 0766 ? ?        ?                         
1       'The effect of a proline residue on the rate of growth and the space group of alpha-spectrin SH3-domain crystals.'      
'Acta Crystallogr.,Sect.D' 65 1247 1252 2009 ABCRE6 DK 0907-4449 0766 ? 19966410 10.1107/S0907444909038037 
# 
loop_
_citation_author.citation_id 
_citation_author.name 
_citation_author.ordinal 
_citation_author.identifier_ORCID 
primary 'Camara-Artigas, A.'  1  ? 
primary 'Gavira, J.A.'        2  ? 
primary 'Casares, S.'         3  ? 
primary 'Garcia-Ruiz, J.M.'   4  ? 
primary 'Conejero-Lara, F.'   5  ? 
primary 'Allen, J.P.'         6  ? 
primary 'Martinez, J.'        7  ? 
1       'Camara-Artigas, A.'  8  ? 
1       'Andujar-Sanchez, M.' 9  ? 
1       'Ortiz-Salmeron, E.'  10 ? 
1       'Cuadri, C.'          11 ? 
1       'Casares, S.'         12 ? 
# 
_cell.length_a           42.929 
_cell.length_b           42.929 
_cell.length_c           127.486 
_cell.angle_alpha        90.000 
_cell.angle_beta         90.000 
_cell.angle_gamma        120.000 
_cell.entry_id           3M0U 
_cell.pdbx_unique_axis   ? 
_cell.Z_PDB              12 
_cell.length_a_esd       ? 
_cell.length_b_esd       ? 
_cell.length_c_esd       ? 
_cell.angle_alpha_esd    ? 
_cell.angle_beta_esd     ? 
_cell.angle_gamma_esd    ? 
# 
_symmetry.space_group_name_H-M             'P 65 2 2' 
_symmetry.entry_id                         3M0U 
_symmetry.Int_Tables_number                179 
_symmetry.pdbx_full_space_group_name_H-M   ? 
_symmetry.cell_setting                     ? 
_symmetry.space_group_name_Hall            ? 
# 
loop_
_entity.id 
_entity.type 
_entity.src_method 
_entity.pdbx_description 
_entity.formula_weight 
_entity.pdbx_number_of_molecules 
_entity.pdbx_ec 
_entity.pdbx_mutation 
_entity.pdbx_fragment 
_entity.details 
1 polymer     man 'Spectrin alpha chain, brain' 7187.138 1  ? R21D 'UNP residues 965 to 1025' ? 
2 non-polymer syn 'FORMIC ACID'                 46.025   1  ? ?    ?                          ? 
3 water       nat water                         18.015   42 ? ?    ?                          ? 
# 
_entity_name_com.entity_id   1 
_entity_name_com.name        'Spectrin, non-erythroid alpha chain, Fodrin alpha chain' 
# 
_entity_poly.entity_id                      1 
_entity_poly.type                           'polypeptide(L)' 
_entity_poly.nstd_linkage                   no 
_entity_poly.nstd_monomer                   no 
_entity_poly.pdbx_seq_one_letter_code       MDETGKELVLALYDYQEKSPDEVTMKKGDILTLLNSTNKDWWKVEVNDRQGFVPAAYVKKLD 
_entity_poly.pdbx_seq_one_letter_code_can   MDETGKELVLALYDYQEKSPDEVTMKKGDILTLLNSTNKDWWKVEVNDRQGFVPAAYVKKLD 
_entity_poly.pdbx_strand_id                 A 
_entity_poly.pdbx_target_identifier         ? 
# 
loop_
_entity_poly_seq.entity_id 
_entity_poly_seq.num 
_entity_poly_seq.mon_id 
_entity_poly_seq.hetero 
1 1  MET n 
1 2  ASP n 
1 3  GLU n 
1 4  THR n 
1 5  GLY n 
1 6  LYS n 
1 7  GLU n 
1 8  LEU n 
1 9  VAL n 
1 10 LEU n 
1 11 ALA n 
1 12 LEU n 
1 13 TYR n 
1 14 ASP n 
1 15 TYR n 
1 16 GLN n 
1 17 GLU n 
1 18 LYS n 
1 19 SER n 
1 20 PRO n 
1 21 ASP n 
1 22 GLU n 
1 23 VAL n 
1 24 THR n 
1 25 MET n 
1 26 LYS n 
1 27 LYS n 
1 28 GLY n 
1 29 ASP n 
1 30 ILE n 
1 31 LEU n 
1 32 THR n 
1 33 LEU n 
1 34 LEU n 
1 35 ASN n 
1 36 SER n 
1 37 THR n 
1 38 ASN n 
1 39 LYS n 
1 40 ASP n 
1 41 TRP n 
1 42 TRP n 
1 43 LYS n 
1 44 VAL n 
1 45 GLU n 
1 46 VAL n 
1 47 ASN n 
1 48 ASP n 
1 49 ARG n 
1 50 GLN n 
1 51 GLY n 
1 52 PHE n 
1 53 VAL n 
1 54 PRO n 
1 55 ALA n 
1 56 ALA n 
1 57 TYR n 
1 58 VAL n 
1 59 LYS n 
1 60 LYS n 
1 61 LEU n 
1 62 ASP n 
# 
_entity_src_gen.entity_id                          1 
_entity_src_gen.pdbx_src_id                        1 
_entity_src_gen.pdbx_alt_source_flag               sample 
_entity_src_gen.pdbx_seq_type                      ? 
_entity_src_gen.pdbx_beg_seq_num                   ? 
_entity_src_gen.pdbx_end_seq_num                   ? 
_entity_src_gen.gene_src_common_name               chicken 
_entity_src_gen.gene_src_genus                     ? 
_entity_src_gen.pdbx_gene_src_gene                 'SPTAN1, SPTA2' 
_entity_src_gen.gene_src_species                   ? 
_entity_src_gen.gene_src_strain                    ? 
_entity_src_gen.gene_src_tissue                    ? 
_entity_src_gen.gene_src_tissue_fraction           ? 
_entity_src_gen.gene_src_details                   ? 
_entity_src_gen.pdbx_gene_src_fragment             ? 
_entity_src_gen.pdbx_gene_src_scientific_name      'Gallus gallus' 
_entity_src_gen.pdbx_gene_src_ncbi_taxonomy_id     9031 
_entity_src_gen.pdbx_gene_src_variant              ? 
_entity_src_gen.pdbx_gene_src_cell_line            ? 
_entity_src_gen.pdbx_gene_src_atcc                 ? 
_entity_src_gen.pdbx_gene_src_organ                ? 
_entity_src_gen.pdbx_gene_src_organelle            ? 
_entity_src_gen.pdbx_gene_src_cell                 ? 
_entity_src_gen.pdbx_gene_src_cellular_location    ? 
_entity_src_gen.host_org_common_name               ? 
_entity_src_gen.pdbx_host_org_scientific_name      'Escherichia coli' 
_entity_src_gen.pdbx_host_org_ncbi_taxonomy_id     562 
_entity_src_gen.host_org_genus                     ? 
_entity_src_gen.pdbx_host_org_gene                 ? 
_entity_src_gen.pdbx_host_org_organ                ? 
_entity_src_gen.host_org_species                   ? 
_entity_src_gen.pdbx_host_org_tissue               ? 
_entity_src_gen.pdbx_host_org_tissue_fraction      ? 
_entity_src_gen.pdbx_host_org_strain               'BL21(DE3)' 
_entity_src_gen.pdbx_host_org_variant              ? 
_entity_src_gen.pdbx_host_org_cell_line            ? 
_entity_src_gen.pdbx_host_org_atcc                 ? 
_entity_src_gen.pdbx_host_org_culture_collection   ? 
_entity_src_gen.pdbx_host_org_cell                 ? 
_entity_src_gen.pdbx_host_org_organelle            ? 
_entity_src_gen.pdbx_host_org_cellular_location    ? 
_entity_src_gen.pdbx_host_org_vector_type          plasmid 
_entity_src_gen.pdbx_host_org_vector               ? 
_entity_src_gen.host_org_details                   ? 
_entity_src_gen.expression_system_id               ? 
_entity_src_gen.plasmid_name                       pET26 
_entity_src_gen.plasmid_details                    ? 
_entity_src_gen.pdbx_description                   ? 
# 
_struct_ref.id                         1 
_struct_ref.db_name                    UNP 
_struct_ref.db_code                    SPTA2_CHICK 
_struct_ref.pdbx_db_accession          P07751 
_struct_ref.entity_id                  1 
_struct_ref.pdbx_seq_one_letter_code   DETGKELVLALYDYQEKSPREVTMKKGDILTLLNSTNKDWWKVEVNDRQGFVPAAYVKKLD 
_struct_ref.pdbx_align_begin           965 
_struct_ref.pdbx_db_isoform            ? 
# 
_struct_ref_seq.align_id                      1 
_struct_ref_seq.ref_id                        1 
_struct_ref_seq.pdbx_PDB_id_code              3M0U 
_struct_ref_seq.pdbx_strand_id                A 
_struct_ref_seq.seq_align_beg                 2 
_struct_ref_seq.pdbx_seq_align_beg_ins_code   ? 
_struct_ref_seq.seq_align_end                 62 
_struct_ref_seq.pdbx_seq_align_end_ins_code   ? 
_struct_ref_seq.pdbx_db_accession             P07751 
_struct_ref_seq.db_align_beg                  965 
_struct_ref_seq.pdbx_db_align_beg_ins_code    ? 
_struct_ref_seq.db_align_end                  1025 
_struct_ref_seq.pdbx_db_align_end_ins_code    ? 
_struct_ref_seq.pdbx_auth_seq_align_beg       2 
_struct_ref_seq.pdbx_auth_seq_align_end       62 
# 
loop_
_struct_ref_seq_dif.align_id 
_struct_ref_seq_dif.pdbx_pdb_id_code 
_struct_ref_seq_dif.mon_id 
_struct_ref_seq_dif.pdbx_pdb_strand_id 
_struct_ref_seq_dif.seq_num 
_struct_ref_seq_dif.pdbx_pdb_ins_code 
_struct_ref_seq_dif.pdbx_seq_db_name 
_struct_ref_seq_dif.pdbx_seq_db_accession_code 
_struct_ref_seq_dif.db_mon_id 
_struct_ref_seq_dif.pdbx_seq_db_seq_num 
_struct_ref_seq_dif.details 
_struct_ref_seq_dif.pdbx_auth_seq_num 
_struct_ref_seq_dif.pdbx_ordinal 
1 3M0U MET A 1  ? UNP P07751 ?   ?   'expression tag'      1  1 
1 3M0U ASP A 21 ? UNP P07751 ARG 984 'engineered mutation' 21 2 
# 
loop_
_chem_comp.id 
_chem_comp.type 
_chem_comp.mon_nstd_flag 
_chem_comp.name 
_chem_comp.pdbx_synonyms 
_chem_comp.formula 
_chem_comp.formula_weight 
ALA 'L-peptide linking' y ALANINE         ? 'C3 H7 N O2'     89.093  
ARG 'L-peptide linking' y ARGININE        ? 'C6 H15 N4 O2 1' 175.209 
ASN 'L-peptide linking' y ASPARAGINE      ? 'C4 H8 N2 O3'    132.118 
ASP 'L-peptide linking' y 'ASPARTIC ACID' ? 'C4 H7 N O4'     133.103 
FMT non-polymer         . 'FORMIC ACID'   ? 'C H2 O2'        46.025  
GLN 'L-peptide linking' y GLUTAMINE       ? 'C5 H10 N2 O3'   146.144 
GLU 'L-peptide linking' y 'GLUTAMIC ACID' ? 'C5 H9 N O4'     147.129 
GLY 'peptide linking'   y GLYCINE         ? 'C2 H5 N O2'     75.067  
HOH non-polymer         . WATER           ? 'H2 O'           18.015  
ILE 'L-peptide linking' y ISOLEUCINE      ? 'C6 H13 N O2'    131.173 
LEU 'L-peptide linking' y LEUCINE         ? 'C6 H13 N O2'    131.173 
LYS 'L-peptide linking' y LYSINE          ? 'C6 H15 N2 O2 1' 147.195 
MET 'L-peptide linking' y METHIONINE      ? 'C5 H11 N O2 S'  149.211 
PHE 'L-peptide linking' y PHENYLALANINE   ? 'C9 H11 N O2'    165.189 
PRO 'L-peptide linking' y PROLINE         ? 'C5 H9 N O2'     115.130 
SER 'L-peptide linking' y SERINE          ? 'C3 H7 N O3'     105.093 
THR 'L-peptide linking' y THREONINE       ? 'C4 H9 N O3'     119.119 
TRP 'L-peptide linking' y TRYPTOPHAN      ? 'C11 H12 N2 O2'  204.225 
TYR 'L-peptide linking' y TYROSINE        ? 'C9 H11 N O3'    181.189 
VAL 'L-peptide linking' y VALINE          ? 'C5 H11 N O2'    117.146 
# 
_exptl.crystals_number   1 
_exptl.entry_id          3M0U 
_exptl.method            'X-RAY DIFFRACTION' 
# 
_exptl_crystal.id                    1 
_exptl_crystal.density_Matthews      2.36 
_exptl_crystal.density_meas          ? 
_exptl_crystal.density_percent_sol   47.86 
_exptl_crystal.description           ? 
_exptl_crystal.F_000                 ? 
_exptl_crystal.preparation           ? 
# 
_exptl_crystal_grow.crystal_id      1 
_exptl_crystal_grow.method          'batch, under oil' 
_exptl_crystal_grow.pH              6.5 
_exptl_crystal_grow.temp            298 
_exptl_crystal_grow.pdbx_details    '2 M sodium formate, 0.1 M MES pH 6.5, batch, under oil, temperature 298K' 
_exptl_crystal_grow.temp_details    ? 
_exptl_crystal_grow.pdbx_pH_range   ? 
# 
_diffrn.id                     1 
_diffrn.ambient_temp           100 
_diffrn.ambient_temp_details   ? 
_diffrn.crystal_id             1 
# 
_diffrn_detector.diffrn_id              1 
_diffrn_detector.detector               CCD 
_diffrn_detector.type                   'CCD ADSC_Q210' 
_diffrn_detector.pdbx_collection_date   2008-03-04 
_diffrn_detector.details                ? 
# 
_diffrn_radiation.diffrn_id                        1 
_diffrn_radiation.pdbx_diffrn_protocol             'SINGLE WAVELENGTH' 
_diffrn_radiation.monochromator                    ? 
_diffrn_radiation.wavelength_id                    1 
_diffrn_radiation.pdbx_monochromatic_or_laue_m_l   M 
_diffrn_radiation.pdbx_scattering_type             x-ray 
# 
_diffrn_radiation_wavelength.id           1 
_diffrn_radiation_wavelength.wavelength   0.97752 
_diffrn_radiation_wavelength.wt           1.0 
# 
_diffrn_source.diffrn_id                   1 
_diffrn_source.source                      SYNCHROTRON 
_diffrn_source.type                        'ESRF BEAMLINE BM16' 
_diffrn_source.pdbx_wavelength_list        0.97752 
_diffrn_source.pdbx_wavelength             ? 
_diffrn_source.pdbx_synchrotron_site       ESRF 
_diffrn_source.pdbx_synchrotron_beamline   BM16 
# 
_reflns.entry_id                     3M0U 
_reflns.d_resolution_high            1.100 
_reflns.d_resolution_low             37.190 
_reflns.observed_criterion_sigma_F   0.00 
_reflns.observed_criterion_sigma_I   0.00 
_reflns.number_all                   29341 
_reflns.number_obs                   27903 
_reflns.percent_possible_obs         95.1 
_reflns.pdbx_Rmerge_I_obs            0.073 
_reflns.pdbx_Rsym_value              0.073 
_reflns.pdbx_netI_over_sigmaI        12.8 
_reflns.B_iso_Wilson_estimate        10.780 
_reflns.pdbx_redundancy              4.3 
_reflns.R_free_details               ? 
_reflns.limit_h_max                  ? 
_reflns.limit_h_min                  ? 
_reflns.limit_k_max                  ? 
_reflns.limit_k_min                  ? 
_reflns.limit_l_max                  ? 
_reflns.limit_l_min                  ? 
_reflns.observed_criterion_F_max     ? 
_reflns.observed_criterion_F_min     ? 
_reflns.pdbx_chi_squared             ? 
_reflns.pdbx_scaling_rejects         ? 
_reflns.pdbx_ordinal                 1 
_reflns.pdbx_diffrn_id               1 
# 
_reflns_shell.d_res_high             1.10 
_reflns_shell.d_res_low              1.14 
_reflns_shell.percent_possible_obs   ? 
_reflns_shell.percent_possible_all   81.9 
_reflns_shell.Rmerge_I_obs           0.094 
_reflns_shell.meanI_over_sigI_obs    7.1 
_reflns_shell.pdbx_Rsym_value        0.094 
_reflns_shell.pdbx_redundancy        2.3 
_reflns_shell.number_unique_all      2330 
_reflns_shell.number_measured_all    ? 
_reflns_shell.number_measured_obs    ? 
_reflns_shell.number_unique_obs      ? 
_reflns_shell.pdbx_chi_squared       ? 
_reflns_shell.pdbx_ordinal           1 
_reflns_shell.pdbx_diffrn_id         1 
# 
_refine.entry_id                                 3M0U 
_refine.ls_d_res_high                            1.100 
_refine.ls_d_res_low                             20.000 
_refine.pdbx_ls_sigma_F                          0.00 
_refine.pdbx_data_cutoff_high_absF               ? 
_refine.pdbx_data_cutoff_low_absF                ? 
_refine.ls_percent_reflns_obs                    95.350 
_refine.ls_number_reflns_obs                     26450 
_refine.ls_number_reflns_all                     27739 
_refine.pdbx_ls_cross_valid_method               THROUGHOUT 
_refine.pdbx_R_Free_selection_details            RANDOM 
_refine.details                                  
'HYDROGENS HAVE BEEN ADDED IN THE RIDING POSITIONS U VALUES      : REFINED INDIVIDUALLY' 
_refine.ls_R_factor_all                          0.15776 
_refine.ls_R_factor_obs                          0.158 
_refine.ls_R_factor_R_work                       0.157 
_refine.ls_wR_factor_R_work                      0.148 
_refine.ls_R_factor_R_free                       0.168 
_refine.ls_wR_factor_R_free                      0.162 
_refine.ls_percent_reflns_R_free                 5.100 
_refine.ls_number_reflns_R_free                  1412 
_refine.ls_R_factor_R_free_error                 ? 
_refine.B_iso_mean                               19.748 
_refine.solvent_model_param_bsol                 ? 
_refine.solvent_model_param_ksol                 ? 
_refine.pdbx_isotropic_thermal_model             ? 
_refine.aniso_B[1][1]                            -0.100 
_refine.aniso_B[2][2]                            -0.100 
_refine.aniso_B[3][3]                            0.160 
_refine.aniso_B[1][2]                            -0.050 
_refine.aniso_B[1][3]                            0.000 
_refine.aniso_B[2][3]                            0.000 
_refine.correlation_coeff_Fo_to_Fc               0.969 
_refine.correlation_coeff_Fo_to_Fc_free          0.966 
_refine.overall_SU_R_Cruickshank_DPI             0.027 
_refine.overall_SU_R_free                        0.027 
_refine.pdbx_overall_ESU_R                       0.028 
_refine.pdbx_overall_ESU_R_Free                  0.027 
_refine.overall_SU_ML                            0.014 
_refine.overall_SU_B                             0.644 
_refine.solvent_model_details                    MASK 
_refine.pdbx_solvent_vdw_probe_radii             1.400 
_refine.pdbx_solvent_ion_probe_radii             0.800 
_refine.pdbx_solvent_shrinkage_radii             0.800 
_refine.ls_number_parameters                     ? 
_refine.ls_number_restraints                     ? 
_refine.pdbx_starting_model                      'PDB entry 1SHG' 
_refine.pdbx_method_to_determine_struct          'MOLECULAR REPLACEMENT' 
_refine.pdbx_stereochemistry_target_values       'MAXIMUM LIKELIHOOD' 
_refine.pdbx_stereochem_target_val_spec_case     ? 
_refine.overall_FOM_work_R_set                   0.929 
_refine.B_iso_max                                70.45 
_refine.B_iso_min                                8.31 
_refine.occupancy_max                            1.00 
_refine.occupancy_min                            0.50 
_refine.pdbx_ls_sigma_I                          0.00 
_refine.ls_redundancy_reflns_obs                 ? 
_refine.ls_R_factor_R_free_error_details         ? 
_refine.pdbx_data_cutoff_high_rms_absF           ? 
_refine.overall_FOM_free_R_set                   ? 
_refine.pdbx_overall_phase_error                 ? 
_refine.pdbx_refine_id                           'X-RAY DIFFRACTION' 
_refine.pdbx_diffrn_id                           1 
_refine.pdbx_TLS_residual_ADP_flag               ? 
_refine.pdbx_overall_SU_R_free_Cruickshank_DPI   ? 
_refine.pdbx_overall_SU_R_Blow_DPI               ? 
_refine.pdbx_overall_SU_R_free_Blow_DPI          ? 
# 
_refine_hist.pdbx_refine_id                   'X-RAY DIFFRACTION' 
_refine_hist.cycle_id                         LAST 
_refine_hist.pdbx_number_atoms_protein        473 
_refine_hist.pdbx_number_atoms_nucleic_acid   0 
_refine_hist.pdbx_number_atoms_ligand         3 
_refine_hist.number_atoms_solvent             42 
_refine_hist.number_atoms_total               518 
_refine_hist.d_res_high                       1.100 
_refine_hist.d_res_low                        20.000 
# 
loop_
_refine_ls_restr.type 
_refine_ls_restr.number 
_refine_ls_restr.dev_ideal 
_refine_ls_restr.dev_ideal_target 
_refine_ls_restr.weight 
_refine_ls_restr.pdbx_refine_id 
_refine_ls_restr.pdbx_restraint_function 
r_bond_refined_d       491 0.022  0.022  ? 'X-RAY DIFFRACTION' ? 
r_angle_refined_deg    665 1.979  1.987  ? 'X-RAY DIFFRACTION' ? 
r_dihedral_angle_1_deg 59  5.454  5.000  ? 'X-RAY DIFFRACTION' ? 
r_dihedral_angle_2_deg 22  47.403 26.364 ? 'X-RAY DIFFRACTION' ? 
r_dihedral_angle_3_deg 93  10.323 15.000 ? 'X-RAY DIFFRACTION' ? 
r_dihedral_angle_4_deg 1   21.605 15.000 ? 'X-RAY DIFFRACTION' ? 
r_chiral_restr         73  0.151  0.200  ? 'X-RAY DIFFRACTION' ? 
r_gen_planes_refined   368 0.014  0.021  ? 'X-RAY DIFFRACTION' ? 
r_mcbond_it            297 3.978  1.500  ? 'X-RAY DIFFRACTION' ? 
r_mcangle_it           479 6.051  2.000  ? 'X-RAY DIFFRACTION' ? 
r_scbond_it            194 7.941  3.000  ? 'X-RAY DIFFRACTION' ? 
r_scangle_it           186 11.822 4.500  ? 'X-RAY DIFFRACTION' ? 
r_rigid_bond_restr     491 4.540  3.000  ? 'X-RAY DIFFRACTION' ? 
r_sphericity_free      42  22.595 3.000  ? 'X-RAY DIFFRACTION' ? 
r_sphericity_bonded    482 10.812 3.000  ? 'X-RAY DIFFRACTION' ? 
# 
_refine_ls_shell.d_res_high                       1.100 
_refine_ls_shell.d_res_low                        1.128 
_refine_ls_shell.pdbx_total_number_of_bins_used   20 
_refine_ls_shell.percent_reflns_obs               79.410 
_refine_ls_shell.number_reflns_R_work             1578 
_refine_ls_shell.R_factor_all                     ? 
_refine_ls_shell.R_factor_R_work                  0.308 
_refine_ls_shell.R_factor_R_free                  0.318 
_refine_ls_shell.percent_reflns_R_free            ? 
_refine_ls_shell.number_reflns_R_free             84 
_refine_ls_shell.R_factor_R_free_error            ? 
_refine_ls_shell.number_reflns_all                1662 
_refine_ls_shell.number_reflns_obs                ? 
_refine_ls_shell.redundancy_reflns_obs            ? 
_refine_ls_shell.pdbx_refine_id                   'X-RAY DIFFRACTION' 
# 
_struct.entry_id                  3M0U 
_struct.title                     
'Crystal Structure of the R21D mutant of alpha-spectrin SH3 domain. Hexagonal crystal obtained in sodium formate at pH 6.5.' 
_struct.pdbx_model_details        ? 
_struct.pdbx_CASP_flag            ? 
_struct.pdbx_model_type_details   ? 
# 
_struct_keywords.entry_id        3M0U 
_struct_keywords.text            
'SH3-like barrel, Actin capping, Actin-binding, Calmodulin-binding, Cytoskeleton, Phosphoprotein, SH3 domain, SIGNALING PROTEIN' 
_struct_keywords.pdbx_keywords   'SIGNALING PROTEIN' 
# 
loop_
_struct_asym.id 
_struct_asym.pdbx_blank_PDB_chainid_flag 
_struct_asym.pdbx_modified 
_struct_asym.entity_id 
_struct_asym.details 
A N N 1 ? 
B N N 2 ? 
C N N 3 ? 
# 
_struct_biol.id        1 
_struct_biol.details   ? 
# 
_struct_sheet.id               A 
_struct_sheet.type             ? 
_struct_sheet.number_strands   5 
_struct_sheet.details          ? 
# 
loop_
_struct_sheet_order.sheet_id 
_struct_sheet_order.range_id_1 
_struct_sheet_order.range_id_2 
_struct_sheet_order.offset 
_struct_sheet_order.sense 
A 1 2 ? anti-parallel 
A 2 3 ? anti-parallel 
A 3 4 ? anti-parallel 
A 4 5 ? anti-parallel 
# 
loop_
_struct_sheet_range.sheet_id 
_struct_sheet_range.id 
_struct_sheet_range.beg_label_comp_id 
_struct_sheet_range.beg_label_asym_id 
_struct_sheet_range.beg_label_seq_id 
_struct_sheet_range.pdbx_beg_PDB_ins_code 
_struct_sheet_range.end_label_comp_id 
_struct_sheet_range.end_label_asym_id 
_struct_sheet_range.end_label_seq_id 
_struct_sheet_range.pdbx_end_PDB_ins_code 
_struct_sheet_range.beg_auth_comp_id 
_struct_sheet_range.beg_auth_asym_id 
_struct_sheet_range.beg_auth_seq_id 
_struct_sheet_range.end_auth_comp_id 
_struct_sheet_range.end_auth_asym_id 
_struct_sheet_range.end_auth_seq_id 
A 1 ARG A 49 ? PRO A 54 ? ARG A 49 PRO A 54 
A 2 TRP A 41 ? VAL A 46 ? TRP A 41 VAL A 46 
A 3 ILE A 30 ? ASN A 35 ? ILE A 30 ASN A 35 
A 4 LEU A 8  ? ALA A 11 ? LEU A 8  ALA A 11 
A 5 VAL A 58 ? LEU A 61 ? VAL A 58 LEU A 61 
# 
loop_
_pdbx_struct_sheet_hbond.sheet_id 
_pdbx_struct_sheet_hbond.range_id_1 
_pdbx_struct_sheet_hbond.range_id_2 
_pdbx_struct_sheet_hbond.range_1_label_atom_id 
_pdbx_struct_sheet_hbond.range_1_label_comp_id 
_pdbx_struct_sheet_hbond.range_1_label_asym_id 
_pdbx_struct_sheet_hbond.range_1_label_seq_id 
_pdbx_struct_sheet_hbond.range_1_PDB_ins_code 
_pdbx_struct_sheet_hbond.range_1_auth_atom_id 
_pdbx_struct_sheet_hbond.range_1_auth_comp_id 
_pdbx_struct_sheet_hbond.range_1_auth_asym_id 
_pdbx_struct_sheet_hbond.range_1_auth_seq_id 
_pdbx_struct_sheet_hbond.range_2_label_atom_id 
_pdbx_struct_sheet_hbond.range_2_label_comp_id 
_pdbx_struct_sheet_hbond.range_2_label_asym_id 
_pdbx_struct_sheet_hbond.range_2_label_seq_id 
_pdbx_struct_sheet_hbond.range_2_PDB_ins_code 
_pdbx_struct_sheet_hbond.range_2_auth_atom_id 
_pdbx_struct_sheet_hbond.range_2_auth_comp_id 
_pdbx_struct_sheet_hbond.range_2_auth_asym_id 
_pdbx_struct_sheet_hbond.range_2_auth_seq_id 
A 1 2 O GLY A 51 ? O GLY A 51 N VAL A 44 ? N VAL A 44 
A 2 3 O LYS A 43 ? O LYS A 43 N LEU A 34 ? N LEU A 34 
A 3 4 O LEU A 31 ? O LEU A 31 N VAL A 9  ? N VAL A 9  
A 4 5 N LEU A 10 ? N LEU A 10 O LYS A 59 ? O LYS A 59 
# 
_struct_site.id                   AC1 
_struct_site.pdbx_evidence_code   Software 
_struct_site.pdbx_auth_asym_id    A 
_struct_site.pdbx_auth_comp_id    FMT 
_struct_site.pdbx_auth_seq_id     63 
_struct_site.pdbx_auth_ins_code   ? 
_struct_site.pdbx_num_residues    3 
_struct_site.details              'BINDING SITE FOR RESIDUE FMT A 63' 
# 
loop_
_struct_site_gen.id 
_struct_site_gen.site_id 
_struct_site_gen.pdbx_num_res 
_struct_site_gen.label_comp_id 
_struct_site_gen.label_asym_id 
_struct_site_gen.label_seq_id 
_struct_site_gen.pdbx_auth_ins_code 
_struct_site_gen.auth_comp_id 
_struct_site_gen.auth_asym_id 
_struct_site_gen.auth_seq_id 
_struct_site_gen.label_atom_id 
_struct_site_gen.label_alt_id 
_struct_site_gen.symmetry 
_struct_site_gen.details 
1 AC1 3 LYS A 59 ? LYS A 59 . ? 1_555  ? 
2 AC1 3 LYS A 59 ? LYS A 59 . ? 12_564 ? 
3 AC1 3 LYS A 60 ? LYS A 60 . ? 12_564 ? 
# 
_atom_sites.entry_id                    3M0U 
_atom_sites.fract_transf_matrix[1][1]   0.00976916 
_atom_sites.fract_transf_matrix[1][2]   -0.02285906 
_atom_sites.fract_transf_matrix[1][3]   0.01027194 
_atom_sites.fract_transf_matrix[2][1]   -0.01106877 
_atom_sites.fract_transf_matrix[2][2]   -0.01062890 
_atom_sites.fract_transf_matrix[2][3]   0.02209098 
_atom_sites.fract_transf_matrix[3][1]   -0.00495506 
_atom_sites.fract_transf_matrix[3][2]   -0.00412515 
_atom_sites.fract_transf_matrix[3][3]   -0.00446754 
_atom_sites.fract_transf_vector[1]      0.410657 
_atom_sites.fract_transf_vector[2]      0.410373 
_atom_sites.fract_transf_vector[3]      -0.015418 
# 
loop_
_atom_type.symbol 
C 
N 
O 
S 
# 
loop_
_atom_site.group_PDB 
_atom_site.id 
_atom_site.type_symbol 
_atom_site.label_atom_id 
_atom_site.label_alt_id 
_atom_site.label_comp_id 
_atom_site.label_asym_id 
_atom_site.label_entity_id 
_atom_site.label_seq_id 
_atom_site.pdbx_PDB_ins_code 
_atom_site.Cartn_x 
_atom_site.Cartn_y 
_atom_site.Cartn_z 
_atom_site.occupancy 
_atom_site.B_iso_or_equiv 
_atom_site.pdbx_formal_charge 
_atom_site.auth_seq_id 
_atom_site.auth_comp_id 
_atom_site.auth_asym_id 
_atom_site.auth_atom_id 
_atom_site.pdbx_PDB_model_num 
ATOM   1   N N   . GLY A 1 5  ? -14.396 -4.786  9.950   1.00 42.84 ? 5   GLY A N   1 
ATOM   2   C CA  . GLY A 1 5  ? -13.150 -3.968  9.790   1.00 38.42 ? 5   GLY A CA  1 
ATOM   3   C C   . GLY A 1 5  ? -12.991 -3.478  8.358   1.00 33.47 ? 5   GLY A C   1 
ATOM   4   O O   . GLY A 1 5  ? -13.065 -4.272  7.415   1.00 35.43 ? 5   GLY A O   1 
ATOM   5   N N   . LYS A 1 6  ? -12.753 -2.178  8.195   1.00 29.45 ? 6   LYS A N   1 
ATOM   6   C CA  . LYS A 1 6  ? -12.553 -1.564  6.890   1.00 23.09 ? 6   LYS A CA  1 
ATOM   7   C C   . LYS A 1 6  ? -11.165 -1.885  6.206   1.00 24.96 ? 6   LYS A C   1 
ATOM   8   O O   . LYS A 1 6  ? -10.987 -1.730  5.022   1.00 28.95 ? 6   LYS A O   1 
ATOM   9   C CB  . LYS A 1 6  ? -12.694 -0.029  7.083   1.00 20.42 ? 6   LYS A CB  1 
ATOM   10  C CG  . LYS A 1 6  ? -14.022 0.351   7.459   1.00 19.04 ? 6   LYS A CG  1 
ATOM   11  C CD  . LYS A 1 6  ? -14.195 1.833   7.418   1.00 19.04 ? 6   LYS A CD  1 
ATOM   12  C CE  . LYS A 1 6  ? -13.564 2.657   8.513   1.00 16.54 ? 6   LYS A CE  1 
ATOM   13  N NZ  . LYS A 1 6  ? -14.098 2.261   9.807   1.00 15.43 ? 6   LYS A NZ  1 
ATOM   14  N N   . GLU A 1 7  ? -10.155 -2.220  6.936   1.00 21.68 ? 7   GLU A N   1 
ATOM   15  C CA  . GLU A 1 7  ? -8.877  -2.541  6.489   1.00 19.18 ? 7   GLU A CA  1 
ATOM   16  C C   . GLU A 1 7  ? -8.260  -1.460  5.652   1.00 15.84 ? 7   GLU A C   1 
ATOM   17  O O   . GLU A 1 7  ? -7.927  -1.706  4.508   1.00 21.36 ? 7   GLU A O   1 
ATOM   18  C CB  . GLU A 1 7  ? -8.829  -3.906  5.796   1.00 24.44 ? 7   GLU A CB  1 
ATOM   19  C CG  . GLU A 1 7  ? -9.301  -5.048  6.691   1.00 32.19 ? 7   GLU A CG  1 
ATOM   20  C CD  . GLU A 1 7  ? -9.412  -6.339  5.901   1.00 52.00 ? 7   GLU A CD  1 
ATOM   21  O OE1 . GLU A 1 7  ? -10.330 -6.425  5.030   1.00 52.00 ? 7   GLU A OE1 1 
ATOM   22  O OE2 . GLU A 1 7  ? -8.562  -7.239  6.138   1.00 61.35 ? 7   GLU A OE2 1 
ATOM   23  N N   . LEU A 1 8  ? -8.113  -0.274  6.236   1.00 15.98 ? 8   LEU A N   1 
ATOM   24  C CA  . LEU A 1 8  ? -7.525  0.846   5.527   1.00 14.32 ? 8   LEU A CA  1 
ATOM   25  C C   . LEU A 1 8  ? -6.131  1.144   6.063   1.00 13.87 ? 8   LEU A C   1 
ATOM   26  O O   . LEU A 1 8  ? -5.863  0.934   7.246   1.00 15.83 ? 8   LEU A O   1 
ATOM   27  C CB  . LEU A 1 8  ? -8.402  2.084   5.733   1.00 15.43 ? 8   LEU A CB  1 
ATOM   28  C CG  . LEU A 1 8  ? -9.847  1.991   5.175   1.00 16.84 ? 8   LEU A CG  1 
ATOM   29  C CD1 . LEU A 1 8  ? -10.635 3.239   5.600   1.00 20.65 ? 8   LEU A CD1 1 
ATOM   30  C CD2 . LEU A 1 8  ? -9.868  1.706   3.697   1.00 19.92 ? 8   LEU A CD2 1 
ATOM   31  N N   . VAL A 1 9  ? -5.281  1.651   5.177   1.00 12.81 ? 9   VAL A N   1 
ATOM   32  C CA  . VAL A 1 9  ? -3.944  2.102   5.572   1.00 11.17 ? 9   VAL A CA  1 
ATOM   33  C C   . VAL A 1 9  ? -3.727  3.491   4.998   1.00 10.83 ? 9   VAL A C   1 
ATOM   34  O O   . VAL A 1 9  ? -4.315  3.854   3.977   1.00 13.28 ? 9   VAL A O   1 
ATOM   35  C CB  . VAL A 1 9  ? -2.807  1.149   5.106   1.00 13.14 ? 9   VAL A CB  1 
ATOM   36  C CG1 . VAL A 1 9  ? -2.919  -0.213  5.789   1.00 17.10 ? 9   VAL A CG1 1 
ATOM   37  C CG2 . VAL A 1 9  ? -2.682  1.064   3.631   1.00 16.48 ? 9   VAL A CG2 1 
ATOM   38  N N   . LEU A 1 10 ? -2.903  4.261   5.672   1.00 10.81 ? 10  LEU A N   1 
ATOM   39  C CA  . LEU A 1 10 ? -2.549  5.605   5.258   1.00 10.48 ? 10  LEU A CA  1 
ATOM   40  C C   . LEU A 1 10 ? -1.147  5.584   4.701   1.00 9.72  ? 10  LEU A C   1 
ATOM   41  O O   . LEU A 1 10 ? -0.225  5.074   5.328   1.00 10.77 ? 10  LEU A O   1 
ATOM   42  C CB  . LEU A 1 10 ? -2.594  6.512   6.496   1.00 12.96 ? 10  LEU A CB  1 
ATOM   43  C CG  . LEU A 1 10 ? -2.127  7.946   6.317   1.00 13.79 ? 10  LEU A CG  1 
ATOM   44  C CD1 . LEU A 1 10 ? -3.028  8.697   5.401   1.00 18.20 ? 10  LEU A CD1 1 
ATOM   45  C CD2 . LEU A 1 10 ? -1.993  8.618   7.667   1.00 19.02 ? 10  LEU A CD2 1 
ATOM   46  N N   . ALA A 1 11 ? -0.948  6.195   3.533   1.00 9.21  ? 11  ALA A N   1 
ATOM   47  C CA  . ALA A 1 11 ? 0.409   6.389   2.963   1.00 8.86  ? 11  ALA A CA  1 
ATOM   48  C C   . ALA A 1 11 ? 1.140   7.458   3.736   1.00 8.74  ? 11  ALA A C   1 
ATOM   49  O O   . ALA A 1 11 ? 0.702   8.617   3.811   1.00 10.44 ? 11  ALA A O   1 
ATOM   50  C CB  . ALA A 1 11 ? 0.320   6.730   1.515   1.00 10.07 ? 11  ALA A CB  1 
ATOM   51  N N   . LEU A 1 12 ? 2.290   7.110   4.283   1.00 9.01  ? 12  LEU A N   1 
ATOM   52  C CA  . LEU A 1 12 ? 3.148   8.018   5.041   1.00 9.08  ? 12  LEU A CA  1 
ATOM   53  C C   . LEU A 1 12 ? 4.124   8.766   4.167   1.00 9.06  ? 12  LEU A C   1 
ATOM   54  O O   . LEU A 1 12 ? 4.609   9.836   4.563   1.00 11.07 ? 12  LEU A O   1 
ATOM   55  C CB  . LEU A 1 12 ? 3.935   7.227   6.101   1.00 10.97 ? 12  LEU A CB  1 
ATOM   56  C CG  . LEU A 1 12 ? 3.082   6.501   7.127   1.00 12.73 ? 12  LEU A CG  1 
ATOM   57  C CD1 . LEU A 1 12 ? 3.985   5.637   8.000   1.00 17.60 ? 12  LEU A CD1 1 
ATOM   58  C CD2 . LEU A 1 12 ? 2.215   7.441   7.956   1.00 17.35 ? 12  LEU A CD2 1 
ATOM   59  N N   . TYR A 1 13 ? 4.458   8.200   3.025   1.00 9.54  ? 13  TYR A N   1 
ATOM   60  C CA  . TYR A 1 13 ? 5.415   8.734   2.071   1.00 10.05 ? 13  TYR A CA  1 
ATOM   61  C C   . TYR A 1 13 ? 4.929   8.421   0.671   1.00 9.92  ? 13  TYR A C   1 
ATOM   62  O O   . TYR A 1 13 ? 4.239   7.400   0.488   1.00 12.12 ? 13  TYR A O   1 
ATOM   63  C CB  . TYR A 1 13 ? 6.819   8.115   2.250   1.00 11.16 ? 13  TYR A CB  1 
ATOM   64  C CG  . TYR A 1 13 ? 7.393   8.259   3.588   1.00 11.36 ? 13  TYR A CG  1 
ATOM   65  C CD1 . TYR A 1 13 ? 8.075   9.432   3.937   1.00 14.26 ? 13  TYR A CD1 1 
ATOM   66  C CD2 . TYR A 1 13 ? 7.308   7.266   4.530   1.00 13.93 ? 13  TYR A CD2 1 
ATOM   67  C CE1 . TYR A 1 13 ? 8.655   9.568   5.195   1.00 18.27 ? 13  TYR A CE1 1 
ATOM   68  C CE2 . TYR A 1 13 ? 7.882   7.387   5.790   1.00 17.74 ? 13  TYR A CE2 1 
ATOM   69  C CZ  . TYR A 1 13 ? 8.525   8.565   6.098   1.00 18.11 ? 13  TYR A CZ  1 
ATOM   70  O OH  . TYR A 1 13 ? 9.125   8.725   7.340   1.00 26.88 ? 13  TYR A OH  1 
ATOM   71  N N   . ASP A 1 14 ? 5.369   9.216   -0.306  1.00 10.02 ? 14  ASP A N   1 
ATOM   72  C CA  . ASP A 1 14 ? 5.199   8.850   -1.692  1.00 10.18 ? 14  ASP A CA  1 
ATOM   73  C C   . ASP A 1 14 ? 5.911   7.553   -1.999  1.00 10.13 ? 14  ASP A C   1 
ATOM   74  O O   . ASP A 1 14 ? 6.985   7.271   -1.415  1.00 12.02 ? 14  ASP A O   1 
ATOM   75  C CB  . ASP A 1 14 ? 5.819   9.986   -2.601  1.00 13.77 ? 14  ASP A CB  1 
ATOM   76  C CG  . ASP A 1 14 ? 4.992   11.255  -2.587  1.00 15.58 ? 14  ASP A CG  1 
ATOM   77  O OD1 . ASP A 1 14 ? 3.836   11.208  -2.118  1.00 16.77 ? 14  ASP A OD1 1 
ATOM   78  O OD2 . ASP A 1 14 ? 5.414   12.347  -3.023  1.00 21.17 ? 14  ASP A OD2 1 
ATOM   79  N N   . TYR A 1 15 ? 5.430   6.722   -2.874  1.00 9.49  ? 15  TYR A N   1 
ATOM   80  C CA  . TYR A 1 15 ? 6.157   5.551   -3.352  1.00 9.32  ? 15  TYR A CA  1 
ATOM   81  C C   . TYR A 1 15 ? 5.910   5.422   -4.833  1.00 9.05  ? 15  TYR A C   1 
ATOM   82  O O   . TYR A 1 15 ? 4.767   5.439   -5.290  1.00 11.02 ? 15  TYR A O   1 
ATOM   83  C CB  . TYR A 1 15 ? 5.698   4.255   -2.634  1.00 10.15 ? 15  TYR A CB  1 
ATOM   84  C CG  . TYR A 1 15 ? 6.502   3.058   -3.084  1.00 8.87  ? 15  TYR A CG  1 
ATOM   85  C CD1 . TYR A 1 15 ? 7.807   2.873   -2.667  1.00 9.47  ? 15  TYR A CD1 1 
ATOM   86  C CD2 . TYR A 1 15 ? 5.976   2.137   -3.986  1.00 9.82  ? 15  TYR A CD2 1 
ATOM   87  C CE1 . TYR A 1 15 ? 8.561   1.841   -3.130  1.00 9.46  ? 15  TYR A CE1 1 
ATOM   88  C CE2 . TYR A 1 15 ? 6.740   1.101   -4.493  1.00 9.91  ? 15  TYR A CE2 1 
ATOM   89  C CZ  . TYR A 1 15 ? 8.046   0.963   -4.089  1.00 9.69  ? 15  TYR A CZ  1 
ATOM   90  O OH  . TYR A 1 15 ? 8.879   -0.006  -4.572  1.00 12.01 ? 15  TYR A OH  1 
ATOM   91  N N   . GLN A 1 16 ? 6.989   5.240   -5.601  1.00 9.49  ? 16  GLN A N   1 
ATOM   92  C CA  . GLN A 1 16 ? 6.904   5.026   -7.045  1.00 9.81  ? 16  GLN A CA  1 
ATOM   93  C C   . GLN A 1 16 ? 7.097   3.543   -7.362  1.00 9.76  ? 16  GLN A C   1 
ATOM   94  O O   . GLN A 1 16 ? 8.094   2.937   -6.969  1.00 10.70 ? 16  GLN A O   1 
ATOM   95  C CB  . GLN A 1 16 ? 7.982   5.815   -7.718  1.00 12.67 ? 16  GLN A CB  1 
ATOM   96  C CG  . GLN A 1 16 ? 7.955   5.646   -9.199  1.00 20.94 ? 16  GLN A CG  1 
ATOM   97  C CD  . GLN A 1 16 ? 6.950   6.515   -9.825  1.00 27.98 ? 16  GLN A CD  1 
ATOM   98  O OE1 . GLN A 1 16 ? 6.277   7.329   -9.157  1.00 41.58 ? 16  GLN A OE1 1 
ATOM   99  N NE2 . GLN A 1 16 ? 6.879   6.410   -11.147 1.00 49.48 ? 16  GLN A NE2 1 
ATOM   100 N N   . GLU A 1 17 ? 6.153   2.970   -8.119  1.00 10.41 ? 17  GLU A N   1 
ATOM   101 C CA  . GLU A 1 17 ? 6.271   1.586   -8.509  1.00 10.73 ? 17  GLU A CA  1 
ATOM   102 C C   . GLU A 1 17 ? 7.559   1.366   -9.333  1.00 11.15 ? 17  GLU A C   1 
ATOM   103 O O   . GLU A 1 17 ? 7.905   2.201   -10.174 1.00 13.42 ? 17  GLU A O   1 
ATOM   104 C CB  . GLU A 1 17 ? 5.041   1.181   -9.326  1.00 11.99 ? 17  GLU A CB  1 
ATOM   105 C CG  . GLU A 1 17 ? 4.946   1.836   -10.688 1.00 14.30 ? 17  GLU A CG  1 
ATOM   106 C CD  . GLU A 1 17 ? 3.533   1.739   -11.186 1.00 16.55 ? 17  GLU A CD  1 
ATOM   107 O OE1 . GLU A 1 17 ? 2.654   2.433   -10.629 1.00 21.70 ? 17  GLU A OE1 1 
ATOM   108 O OE2 . GLU A 1 17 ? 3.202   0.936   -12.081 1.00 21.71 ? 17  GLU A OE2 1 
ATOM   109 N N   . LYS A 1 18 ? 8.221   0.249   -9.053  1.00 11.81 ? 18  LYS A N   1 
ATOM   110 C CA  . LYS A 1 18 ? 9.445   -0.077  -9.779  1.00 13.96 ? 18  LYS A CA  1 
ATOM   111 C C   . LYS A 1 18 ? 9.362   -1.348  -10.539 1.00 14.21 ? 18  LYS A C   1 
ATOM   112 O O   . LYS A 1 18 ? 10.319  -1.701  -11.196 1.00 18.62 ? 18  LYS A O   1 
ATOM   113 C CB  . LYS A 1 18 ? 10.606  -0.091  -8.811  1.00 17.01 ? 18  LYS A CB  1 
ATOM   114 C CG  . LYS A 1 18 ? 10.668  1.424   -8.299  1.00 18.66 ? 18  LYS A CG  1 
ATOM   115 C CD  . LYS A 1 18 ? 11.738  1.642   -7.427  1.00 17.94 ? 18  LYS A CD  1 
ATOM   116 C CE  . LYS A 1 18 ? 11.643  2.919   -6.608  1.00 15.29 ? 18  LYS A CE  1 
ATOM   117 N NZ  . LYS A 1 18 ? 10.588  2.803   -5.575  1.00 12.88 ? 18  LYS A NZ  1 
ATOM   118 N N   A SER A 1 19 ? 8.188   -1.970  -10.522 0.50 13.32 ? 19  SER A N   1 
ATOM   119 N N   B SER A 1 19 ? 8.238   -2.044  -10.466 0.50 12.73 ? 19  SER A N   1 
ATOM   120 C CA  A SER A 1 19 ? 7.933   -3.298  -11.067 0.50 13.49 ? 19  SER A CA  1 
ATOM   121 C CA  B SER A 1 19 ? 7.988   -3.199  -11.297 0.50 14.77 ? 19  SER A CA  1 
ATOM   122 C C   A SER A 1 19 ? 6.421   -3.344  -11.311 0.50 12.01 ? 19  SER A C   1 
ATOM   123 C C   B SER A 1 19 ? 6.469   -3.352  -11.340 0.50 12.52 ? 19  SER A C   1 
ATOM   124 O O   A SER A 1 19 ? 5.670   -2.683  -10.622 0.50 12.54 ? 19  SER A O   1 
ATOM   125 O O   B SER A 1 19 ? 5.758   -2.749  -10.565 0.50 13.03 ? 19  SER A O   1 
ATOM   126 C CB  A SER A 1 19 ? 8.344   -4.355  -10.029 0.50 15.02 ? 19  SER A CB  1 
ATOM   127 C CB  B SER A 1 19 ? 8.639   -4.401  -10.625 0.50 16.96 ? 19  SER A CB  1 
ATOM   128 O OG  A SER A 1 19 ? 8.145   -5.657  -10.543 0.50 21.95 ? 19  SER A OG  1 
ATOM   129 O OG  B SER A 1 19 ? 8.090   -4.568  -9.351  0.50 22.18 ? 19  SER A OG  1 
ATOM   130 N N   . PRO A 1 20 ? 5.956   -4.179  -12.258 1.00 13.73 ? 20  PRO A N   1 
ATOM   131 C CA  . PRO A 1 20 ? 4.513   -4.166  -12.536 1.00 15.03 ? 20  PRO A CA  1 
ATOM   132 C C   . PRO A 1 20 ? 3.655   -4.785  -11.451 1.00 12.64 ? 20  PRO A C   1 
ATOM   133 O O   . PRO A 1 20 ? 2.420   -4.615  -11.525 1.00 16.75 ? 20  PRO A O   1 
ATOM   134 C CB  . PRO A 1 20 ? 4.374   -4.914  -13.859 1.00 19.26 ? 20  PRO A CB  1 
ATOM   135 C CG  . PRO A 1 20 ? 5.630   -5.552  -14.092 1.00 20.25 ? 20  PRO A CG  1 
ATOM   136 C CD  . PRO A 1 20 ? 6.745   -4.891  -13.283 1.00 17.31 ? 20  PRO A CD  1 
ATOM   137 N N   . ASP A 1 21 ? 4.262   -5.458  -10.454 1.00 11.34 ? 21  ASP A N   1 
ATOM   138 C CA  . ASP A 1 21 ? 3.460   -5.933  -9.339  1.00 11.02 ? 21  ASP A CA  1 
ATOM   139 C C   . ASP A 1 21 ? 3.424   -4.963  -8.182  1.00 9.59  ? 21  ASP A C   1 
ATOM   140 O O   . ASP A 1 21 ? 2.851   -5.309  -7.156  1.00 11.75 ? 21  ASP A O   1 
ATOM   141 C CB  . ASP A 1 21 ? 3.926   -7.306  -8.857  1.00 15.79 ? 21  ASP A CB  1 
ATOM   142 C CG  . ASP A 1 21 ? 5.313   -7.292  -8.364  1.00 17.50 ? 21  ASP A CG  1 
ATOM   143 O OD1 . ASP A 1 21 ? 6.020   -6.318  -8.447  1.00 18.76 ? 21  ASP A OD1 1 
ATOM   144 O OD2 . ASP A 1 21 ? 5.811   -8.350  -7.863  1.00 23.40 ? 21  ASP A OD2 1 
ATOM   145 N N   . GLU A 1 22 ? 3.939   -3.754  -8.357  1.00 9.90  ? 22  GLU A N   1 
ATOM   146 C CA  . GLU A 1 22 ? 3.879   -2.683  -7.347  1.00 9.04  ? 22  GLU A CA  1 
ATOM   147 C C   . GLU A 1 22 ? 2.869   -1.641  -7.758  1.00 10.03 ? 22  GLU A C   1 
ATOM   148 O O   . GLU A 1 22 ? 2.407   -1.631  -8.898  1.00 14.18 ? 22  GLU A O   1 
ATOM   149 C CB  . GLU A 1 22 ? 5.263   -2.063  -7.199  1.00 9.62  ? 22  GLU A CB  1 
ATOM   150 C CG  . GLU A 1 22 ? 6.259   -3.046  -6.649  1.00 10.55 ? 22  GLU A CG  1 
ATOM   151 C CD  . GLU A 1 22 ? 7.653   -2.541  -6.555  1.00 10.88 ? 22  GLU A CD  1 
ATOM   152 O OE1 . GLU A 1 22 ? 7.865   -1.306  -6.662  1.00 11.40 ? 22  GLU A OE1 1 
ATOM   153 O OE2 . GLU A 1 22 ? 8.567   -3.363  -6.328  1.00 14.67 ? 22  GLU A OE2 1 
ATOM   154 N N   . VAL A 1 23 ? 2.513   -0.762  -6.843  1.00 10.32 ? 23  VAL A N   1 
ATOM   155 C CA  . VAL A 1 23 ? 1.648   0.345   -7.134  1.00 10.81 ? 23  VAL A CA  1 
ATOM   156 C C   . VAL A 1 23 ? 2.301   1.622   -6.687  1.00 9.77  ? 23  VAL A C   1 
ATOM   157 O O   . VAL A 1 23 ? 3.163   1.621   -5.818  1.00 14.18 ? 23  VAL A O   1 
ATOM   158 C CB  . VAL A 1 23 ? 0.236   0.198   -6.582  1.00 15.11 ? 23  VAL A CB  1 
ATOM   159 C CG1 . VAL A 1 23 ? -0.534  -0.840  -7.252  1.00 24.48 ? 23  VAL A CG1 1 
ATOM   160 C CG2 . VAL A 1 23 ? 0.277   0.013   -5.187  1.00 17.45 ? 23  VAL A CG2 1 
ATOM   161 N N   . THR A 1 24 ? 1.929   2.711   -7.302  1.00 10.14 ? 24  THR A N   1 
ATOM   162 C CA  . THR A 1 24 ? 2.321   4.051   -6.947  1.00 10.58 ? 24  THR A CA  1 
ATOM   163 C C   . THR A 1 24 ? 1.352   4.687   -6.024  1.00 10.01 ? 24  THR A C   1 
ATOM   164 O O   . THR A 1 24 ? 0.130   4.543   -6.233  1.00 13.66 ? 24  THR A O   1 
ATOM   165 C CB  . THR A 1 24 ? 2.525   4.893   -8.236  1.00 11.84 ? 24  THR A CB  1 
ATOM   166 O OG1 . THR A 1 24 ? 3.616   4.341   -8.982  1.00 13.07 ? 24  THR A OG1 1 
ATOM   167 C CG2 . THR A 1 24 ? 2.807   6.342   -7.952  1.00 14.31 ? 24  THR A CG2 1 
ATOM   168 N N   . MET A 1 25 ? 1.826   5.361   -4.986  1.00 10.50 ? 25  MET A N   1 
ATOM   169 C CA  . MET A 1 25 ? 0.926   6.086   -4.095  1.00 11.25 ? 25  MET A CA  1 
ATOM   170 C C   . MET A 1 25 ? 1.555   7.420   -3.728  1.00 9.29  ? 25  MET A C   1 
ATOM   171 O O   . MET A 1 25 ? 2.756   7.610   -3.864  1.00 11.02 ? 25  MET A O   1 
ATOM   172 C CB  . MET A 1 25 ? 0.599   5.249   -2.863  1.00 14.50 ? 25  MET A CB  1 
ATOM   173 C CG  . MET A 1 25 ? 1.853   5.124   -1.934  1.00 17.01 ? 25  MET A CG  1 
ATOM   174 S SD  . MET A 1 25 ? 1.497   3.837   -0.613  1.00 13.98 ? 25  MET A SD  1 
ATOM   175 C CE  . MET A 1 25 ? 3.064   3.900   0.092   1.00 18.13 ? 25  MET A CE  1 
ATOM   176 N N   . LYS A 1 26 ? 0.718   8.314   -3.245  1.00 10.47 ? 26  LYS A N   1 
ATOM   177 C CA  . LYS A 1 26 ? 1.122   9.607   -2.744  1.00 10.68 ? 26  LYS A CA  1 
ATOM   178 C C   . LYS A 1 26 ? 0.858   9.675   -1.256  1.00 9.80  ? 26  LYS A C   1 
ATOM   179 O O   . LYS A 1 26 ? -0.143  9.148   -0.766  1.00 10.54 ? 26  LYS A O   1 
ATOM   180 C CB  . LYS A 1 26 ? 0.328   10.687  -3.457  1.00 14.62 ? 26  LYS A CB  1 
ATOM   181 C CG  . LYS A 1 26 ? 0.634   10.783  -4.909  1.00 21.55 ? 26  LYS A CG  1 
ATOM   182 C CD  . LYS A 1 26 ? 2.085   11.253  -5.205  1.00 39.05 ? 26  LYS A CD  1 
ATOM   183 C CE  . LYS A 1 26 ? 2.263   11.660  -6.688  1.00 50.76 ? 26  LYS A CE  1 
ATOM   184 N NZ  . LYS A 1 26 ? 2.204   10.499  -7.672  1.00 57.54 ? 26  LYS A NZ  1 
ATOM   185 N N   . LYS A 1 27 ? 1.726   10.402  -0.543  1.00 10.76 ? 27  LYS A N   1 
ATOM   186 C CA  . LYS A 1 27 ? 1.538   10.654  0.857   1.00 10.29 ? 27  LYS A CA  1 
ATOM   187 C C   . LYS A 1 27 ? 0.100   11.160  1.071   1.00 10.78 ? 27  LYS A C   1 
ATOM   188 O O   . LYS A 1 27 ? -0.357  12.072  0.364   1.00 12.53 ? 27  LYS A O   1 
ATOM   189 C CB  . LYS A 1 27 ? 2.524   11.686  1.353   1.00 12.47 ? 27  LYS A CB  1 
ATOM   190 C CG  . LYS A 1 27 ? 2.395   11.976  2.823   1.00 13.62 ? 27  LYS A CG  1 
ATOM   191 C CD  . LYS A 1 27 ? 3.476   12.921  3.332   1.00 16.85 ? 27  LYS A CD  1 
ATOM   192 C CE  . LYS A 1 27 ? 3.241   13.414  4.679   1.00 21.08 ? 27  LYS A CE  1 
ATOM   193 N NZ  . LYS A 1 27 ? 3.351   12.308  5.632   1.00 21.99 ? 27  LYS A NZ  1 
ATOM   194 N N   . GLY A 1 28 ? -0.593  10.609  2.064   1.00 10.61 ? 28  GLY A N   1 
ATOM   195 C CA  . GLY A 1 28 ? -1.951  11.007  2.385   1.00 12.29 ? 28  GLY A CA  1 
ATOM   196 C C   . GLY A 1 28 ? -3.014  10.167  1.726   1.00 11.51 ? 28  GLY A C   1 
ATOM   197 O O   . GLY A 1 28 ? -4.180  10.289  2.086   1.00 13.87 ? 28  GLY A O   1 
ATOM   198 N N   . ASP A 1 29 ? -2.653  9.348   0.745   1.00 10.25 ? 29  ASP A N   1 
ATOM   199 C CA  . ASP A 1 29 ? -3.595  8.430   0.151   1.00 10.50 ? 29  ASP A CA  1 
ATOM   200 C C   . ASP A 1 29 ? -4.075  7.424   1.187   1.00 9.86  ? 29  ASP A C   1 
ATOM   201 O O   . ASP A 1 29 ? -3.325  6.993   2.058   1.00 11.37 ? 29  ASP A O   1 
ATOM   202 C CB  . ASP A 1 29 ? -3.001  7.659   -1.036  1.00 11.05 ? 29  ASP A CB  1 
ATOM   203 C CG  . ASP A 1 29 ? -2.786  8.448   -2.273  1.00 12.46 ? 29  ASP A CG  1 
ATOM   204 O OD1 . ASP A 1 29 ? -3.277  9.615   -2.365  1.00 15.53 ? 29  ASP A OD1 1 
ATOM   205 O OD2 . ASP A 1 29 ? -2.118  7.901   -3.199  1.00 14.19 ? 29  ASP A OD2 1 
ATOM   206 N N   . ILE A 1 30 ? -5.336  7.020   1.049   1.00 9.87  ? 30  ILE A N   1 
ATOM   207 C CA  . ILE A 1 30 ? -5.948  6.013   1.905   1.00 9.98  ? 30  ILE A CA  1 
ATOM   208 C C   . ILE A 1 30 ? -6.170  4.778   1.038   1.00 9.62  ? 30  ILE A C   1 
ATOM   209 O O   . ILE A 1 30 ? -6.920  4.815   0.071   1.00 11.46 ? 30  ILE A O   1 
ATOM   210 C CB  . ILE A 1 30 ? -7.281  6.538   2.472   1.00 11.60 ? 30  ILE A CB  1 
ATOM   211 C CG1 . ILE A 1 30 ? -6.969  7.769   3.332   1.00 16.49 ? 30  ILE A CG1 1 
ATOM   212 C CG2 . ILE A 1 30 ? -7.933  5.424   3.312   1.00 14.34 ? 30  ILE A CG2 1 
ATOM   213 C CD1 . ILE A 1 30 ? -8.121  8.496   3.856   1.00 20.80 ? 30  ILE A CD1 1 
ATOM   214 N N   . LEU A 1 31 ? -5.458  3.712   1.362   1.00 10.46 ? 31  LEU A N   1 
ATOM   215 C CA  . LEU A 1 31 ? -5.443  2.499   0.559   1.00 10.75 ? 31  LEU A CA  1 
ATOM   216 C C   . LEU A 1 31 ? -6.189  1.394   1.287   1.00 10.79 ? 31  LEU A C   1 
ATOM   217 O O   . LEU A 1 31 ? -6.281  1.375   2.503   1.00 14.07 ? 31  LEU A O   1 
ATOM   218 C CB  . LEU A 1 31 ? -3.994  2.002   0.284   1.00 13.10 ? 31  LEU A CB  1 
ATOM   219 C CG  . LEU A 1 31 ? -3.090  3.029   -0.382  1.00 18.66 ? 31  LEU A CG  1 
ATOM   220 C CD1 . LEU A 1 31 ? -2.464  3.947   0.465   1.00 21.72 ? 31  LEU A CD1 1 
ATOM   221 C CD2 . LEU A 1 31 ? -2.000  2.361   -1.194  1.00 28.67 ? 31  LEU A CD2 1 
ATOM   222 N N   . THR A 1 32 ? -6.696  0.436   0.516   1.00 11.75 ? 32  THR A N   1 
ATOM   223 C CA  . THR A 1 32 ? -7.307  -0.750  1.112   1.00 12.31 ? 32  THR A CA  1 
ATOM   224 C C   . THR A 1 32 ? -6.249  -1.843  1.229   1.00 11.24 ? 32  THR A C   1 
ATOM   225 O O   . THR A 1 32 ? -5.529  -2.127  0.288   1.00 13.18 ? 32  THR A O   1 
ATOM   226 C CB  . THR A 1 32 ? -8.454  -1.234  0.248   1.00 14.68 ? 32  THR A CB  1 
ATOM   227 O OG1 . THR A 1 32 ? -9.445  -0.192  0.273   1.00 16.32 ? 32  THR A OG1 1 
ATOM   228 C CG2 . THR A 1 32 ? -9.047  -2.523  0.775   1.00 19.37 ? 32  THR A CG2 1 
ATOM   229 N N   . LEU A 1 33 ? -6.129  -2.421  2.396   1.00 12.29 ? 33  LEU A N   1 
ATOM   230 C CA  . LEU A 1 33 ? -5.136  -3.477  2.670   1.00 12.10 ? 33  LEU A CA  1 
ATOM   231 C C   . LEU A 1 33 ? -5.694  -4.808  2.212   1.00 12.40 ? 33  LEU A C   1 
ATOM   232 O O   . LEU A 1 33 ? -6.746  -5.215  2.670   1.00 17.29 ? 33  LEU A O   1 
ATOM   233 C CB  . LEU A 1 33 ? -4.809  -3.476  4.160   1.00 14.02 ? 33  LEU A CB  1 
ATOM   234 C CG  . LEU A 1 33 ? -3.698  -4.428  4.617   1.00 14.75 ? 33  LEU A CG  1 
ATOM   235 C CD1 . LEU A 1 33 ? -2.413  -4.202  3.835   1.00 15.14 ? 33  LEU A CD1 1 
ATOM   236 C CD2 . LEU A 1 33 ? -3.488  -4.252  6.079   1.00 18.08 ? 33  LEU A CD2 1 
ATOM   237 N N   . LEU A 1 34 ? -4.947  -5.522  1.379   1.00 12.03 ? 34  LEU A N   1 
ATOM   238 C CA  . LEU A 1 34 ? -5.315  -6.848  0.925   1.00 12.48 ? 34  LEU A CA  1 
ATOM   239 C C   . LEU A 1 34 ? -4.552  -7.965  1.596   1.00 13.02 ? 34  LEU A C   1 
ATOM   240 O O   . LEU A 1 34 ? -5.129  -9.001  1.847   1.00 16.31 ? 34  LEU A O   1 
ATOM   241 C CB  . LEU A 1 34 ? -5.112  -6.955  -0.575  1.00 14.65 ? 34  LEU A CB  1 
ATOM   242 C CG  . LEU A 1 34 ? -5.878  -5.914  -1.434  1.00 18.21 ? 34  LEU A CG  1 
ATOM   243 C CD1 . LEU A 1 34 ? -5.469  -6.010  -2.885  1.00 21.86 ? 34  LEU A CD1 1 
ATOM   244 C CD2 . LEU A 1 34 ? -7.403  -6.011  -1.262  1.00 22.96 ? 34  LEU A CD2 1 
ATOM   245 N N   . ASN A 1 35 ? -3.257  -7.806  1.819   1.00 12.20 ? 35  ASN A N   1 
ATOM   246 C CA  . ASN A 1 35 ? -2.462  -8.899  2.384   1.00 12.08 ? 35  ASN A CA  1 
ATOM   247 C C   . ASN A 1 35 ? -1.269  -8.288  3.111   1.00 10.68 ? 35  ASN A C   1 
ATOM   248 O O   . ASN A 1 35 ? -0.444  -7.609  2.500   1.00 12.79 ? 35  ASN A O   1 
ATOM   249 C CB  . ASN A 1 35 ? -2.004  -9.860  1.271   1.00 13.09 ? 35  ASN A CB  1 
ATOM   250 C CG  . ASN A 1 35 ? -1.321  -11.080 1.810   1.00 12.41 ? 35  ASN A CG  1 
ATOM   251 O OD1 . ASN A 1 35 ? -0.430  -11.000 2.635   1.00 14.40 ? 35  ASN A OD1 1 
ATOM   252 N ND2 . ASN A 1 35 ? -1.681  -12.229 1.314   1.00 17.07 ? 35  ASN A ND2 1 
ATOM   253 N N   . SER A 1 36 ? -1.219  -8.497  4.417   1.00 11.48 ? 36  SER A N   1 
ATOM   254 C CA  . SER A 1 36 ? -0.161  -7.985  5.278   1.00 11.53 ? 36  SER A CA  1 
ATOM   255 C C   . SER A 1 36 ? 0.635   -9.108  5.916   1.00 11.63 ? 36  SER A C   1 
ATOM   256 O O   . SER A 1 36 ? 1.230   -8.904  6.956   1.00 14.31 ? 36  SER A O   1 
ATOM   257 C CB  . SER A 1 36 ? -0.702  -7.036  6.349   1.00 14.24 ? 36  SER A CB  1 
ATOM   258 O OG  . SER A 1 36 ? -1.692  -7.667  7.104   1.00 18.09 ? 36  SER A OG  1 
ATOM   259 N N   . THR A 1 37 ? 0.678   -10.282 5.278   1.00 11.30 ? 37  THR A N   1 
ATOM   260 C CA  . THR A 1 37 ? 1.374   -11.406 5.875   1.00 12.51 ? 37  THR A CA  1 
ATOM   261 C C   . THR A 1 37 ? 2.883   -11.276 5.824   1.00 11.84 ? 37  THR A C   1 
ATOM   262 O O   . THR A 1 37 ? 3.561   -11.893 6.627   1.00 15.98 ? 37  THR A O   1 
ATOM   263 C CB  . THR A 1 37 ? 0.930   -12.750 5.218   1.00 12.65 ? 37  THR A CB  1 
ATOM   264 O OG1 . THR A 1 37 ? 1.266   -12.750 3.837   1.00 12.35 ? 37  THR A OG1 1 
ATOM   265 C CG2 . THR A 1 37 ? -0.551  -13.009 5.484   1.00 16.14 ? 37  THR A CG2 1 
ATOM   266 N N   . ASN A 1 38 ? 3.427   -10.541 4.871   1.00 11.67 ? 38  ASN A N   1 
ATOM   267 C CA  . ASN A 1 38 ? 4.866   -10.343 4.784   1.00 11.76 ? 38  ASN A CA  1 
ATOM   268 C C   . ASN A 1 38 ? 5.255   -9.121  5.599   1.00 12.79 ? 38  ASN A C   1 
ATOM   269 O O   . ASN A 1 38 ? 4.564   -8.130  5.616   1.00 14.50 ? 38  ASN A O   1 
ATOM   270 C CB  . ASN A 1 38 ? 5.257   -10.109 3.324   1.00 11.03 ? 38  ASN A CB  1 
ATOM   271 C CG  . ASN A 1 38 ? 6.728   -10.156 3.070   1.00 11.21 ? 38  ASN A CG  1 
ATOM   272 O OD1 . ASN A 1 38 ? 7.308   -11.301 2.903   1.00 14.47 ? 38  ASN A OD1 1 
ATOM   273 N ND2 . ASN A 1 38 ? 7.393   -9.066  3.067   1.00 11.10 ? 38  ASN A ND2 1 
ATOM   274 N N   . LYS A 1 39 ? 6.403   -9.170  6.272   1.00 14.48 ? 39  LYS A N   1 
ATOM   275 C CA  . LYS A 1 39 ? 6.783   -8.035  7.106   1.00 16.87 ? 39  LYS A CA  1 
ATOM   276 C C   . LYS A 1 39 ? 7.269   -6.838  6.320   1.00 13.90 ? 39  LYS A C   1 
ATOM   277 O O   . LYS A 1 39 ? 7.167   -5.732  6.841   1.00 16.63 ? 39  LYS A O   1 
ATOM   278 C CB  . LYS A 1 39 ? 7.708   -8.391  8.229   1.00 24.85 ? 39  LYS A CB  1 
ATOM   279 C CG  . LYS A 1 39 ? 9.079   -8.330  7.917   1.00 31.36 ? 39  LYS A CG  1 
ATOM   280 C CD  . LYS A 1 39 ? 9.924   -8.652  9.193   1.00 30.68 ? 39  LYS A CD  1 
ATOM   281 C CE  . LYS A 1 39 ? 11.271  -9.164  8.742   1.00 39.62 ? 39  LYS A CE  1 
ATOM   282 N NZ  . LYS A 1 39 ? 11.999  -8.126  7.941   1.00 41.79 ? 39  LYS A NZ  1 
ATOM   283 N N   . ASP A 1 40 ? 7.727   -7.035  5.091   1.00 12.45 ? 40  ASP A N   1 
ATOM   284 C CA  . ASP A 1 40 ? 8.345   -5.956  4.318   1.00 11.72 ? 40  ASP A CA  1 
ATOM   285 C C   . ASP A 1 40 ? 7.488   -5.395  3.207   1.00 10.29 ? 40  ASP A C   1 
ATOM   286 O O   . ASP A 1 40 ? 7.651   -4.211  2.893   1.00 11.45 ? 40  ASP A O   1 
ATOM   287 C CB  . ASP A 1 40 ? 9.659   -6.451  3.748   1.00 15.18 ? 40  ASP A CB  1 
ATOM   288 C CG  . ASP A 1 40 ? 10.656  -6.764  4.857   1.00 18.69 ? 40  ASP A CG  1 
ATOM   289 O OD1 . ASP A 1 40 ? 10.823  -5.937  5.767   1.00 25.24 ? 40  ASP A OD1 1 
ATOM   290 O OD2 . ASP A 1 40 ? 11.231  -7.818  4.836   1.00 26.87 ? 40  ASP A OD2 1 
ATOM   291 N N   . TRP A 1 41 ? 6.628   -6.190  2.601   1.00 9.90  ? 41  TRP A N   1 
ATOM   292 C CA  . TRP A 1 41 ? 5.859   -5.783  1.439   1.00 9.53  ? 41  TRP A CA  1 
ATOM   293 C C   . TRP A 1 41 ? 4.405   -6.132  1.661   1.00 9.28  ? 41  TRP A C   1 
ATOM   294 O O   . TRP A 1 41 ? 4.108   -7.308  1.902   1.00 11.27 ? 41  TRP A O   1 
ATOM   295 C CB  . TRP A 1 41 ? 6.369   -6.474  0.168   1.00 10.88 ? 41  TRP A CB  1 
ATOM   296 C CG  . TRP A 1 41 ? 7.740   -6.025  -0.219  1.00 11.07 ? 41  TRP A CG  1 
ATOM   297 C CD1 . TRP A 1 41 ? 8.934   -6.621  0.089   1.00 13.36 ? 41  TRP A CD1 1 
ATOM   298 C CD2 . TRP A 1 41 ? 8.055   -4.839  -0.966  1.00 11.19 ? 41  TRP A CD2 1 
ATOM   299 N NE1 . TRP A 1 41 ? 9.962   -5.845  -0.398  1.00 14.70 ? 41  TRP A NE1 1 
ATOM   300 C CE2 . TRP A 1 41 ? 9.458   -4.759  -1.061  1.00 13.18 ? 41  TRP A CE2 1 
ATOM   301 C CE3 . TRP A 1 41 ? 7.275   -3.855  -1.592  1.00 11.74 ? 41  TRP A CE3 1 
ATOM   302 C CZ2 . TRP A 1 41 ? 10.092  -3.727  -1.787  1.00 16.06 ? 41  TRP A CZ2 1 
ATOM   303 C CZ3 . TRP A 1 41 ? 7.915   -2.850  -2.315  1.00 15.03 ? 41  TRP A CZ3 1 
ATOM   304 C CH2 . TRP A 1 41 ? 9.293   -2.791  -2.383  1.00 16.03 ? 41  TRP A CH2 1 
ATOM   305 N N   . TRP A 1 42 ? 3.514   -5.152  1.586   1.00 9.21  ? 42  TRP A N   1 
ATOM   306 C CA  . TRP A 1 42 ? 2.084   -5.361  1.771   1.00 8.72  ? 42  TRP A CA  1 
ATOM   307 C C   . TRP A 1 42 ? 1.381   -5.181  0.451   1.00 9.02  ? 42  TRP A C   1 
ATOM   308 O O   . TRP A 1 42 ? 1.717   -4.275  -0.334  1.00 10.69 ? 42  TRP A O   1 
ATOM   309 C CB  . TRP A 1 42 ? 1.520   -4.417  2.822   1.00 10.16 ? 42  TRP A CB  1 
ATOM   310 C CG  . TRP A 1 42 ? 1.913   -4.745  4.222   1.00 10.15 ? 42  TRP A CG  1 
ATOM   311 C CD1 . TRP A 1 42 ? 2.689   -5.808  4.650   1.00 10.88 ? 42  TRP A CD1 1 
ATOM   312 C CD2 . TRP A 1 42 ? 1.499   -4.062  5.381   1.00 10.78 ? 42  TRP A CD2 1 
ATOM   313 N NE1 . TRP A 1 42 ? 2.805   -5.815  5.990   1.00 12.43 ? 42  TRP A NE1 1 
ATOM   314 C CE2 . TRP A 1 42 ? 2.079   -4.752  6.493   1.00 12.23 ? 42  TRP A CE2 1 
ATOM   315 C CE3 . TRP A 1 42 ? 0.689   -2.930  5.603   1.00 13.58 ? 42  TRP A CE3 1 
ATOM   316 C CZ2 . TRP A 1 42 ? 1.865   -4.361  7.823   1.00 16.05 ? 42  TRP A CZ2 1 
ATOM   317 C CZ3 . TRP A 1 42 ? 0.525   -2.498  6.898   1.00 17.11 ? 42  TRP A CZ3 1 
ATOM   318 C CH2 . TRP A 1 42 ? 1.114   -3.224  7.987   1.00 19.63 ? 42  TRP A CH2 1 
ATOM   319 N N   . LYS A 1 43 ? 0.364   -6.004  0.190   1.00 9.56  ? 43  LYS A N   1 
ATOM   320 C CA  . LYS A 1 43 ? -0.455  -5.842  -1.000  1.00 10.11 ? 43  LYS A CA  1 
ATOM   321 C C   . LYS A 1 43 ? -1.639  -4.949  -0.670  1.00 9.91  ? 43  LYS A C   1 
ATOM   322 O O   . LYS A 1 43 ? -2.352  -5.211  0.316   1.00 10.97 ? 43  LYS A O   1 
ATOM   323 C CB  . LYS A 1 43 ? -0.932  -7.202  -1.516  1.00 12.03 ? 43  LYS A CB  1 
ATOM   324 C CG  . LYS A 1 43 ? -1.412  -7.136  -2.921  1.00 17.38 ? 43  LYS A CG  1 
ATOM   325 C CD  . LYS A 1 43 ? -1.708  -8.494  -3.481  1.00 23.26 ? 43  LYS A CD  1 
ATOM   326 C CE  . LYS A 1 43 ? -1.841  -8.519  -5.015  1.00 39.38 ? 43  LYS A CE  1 
ATOM   327 N NZ  . LYS A 1 43 ? -2.328  -9.879  -5.364  1.00 50.29 ? 43  LYS A NZ  1 
ATOM   328 N N   . VAL A 1 44 ? -1.835  -3.934  -1.502  1.00 10.38 ? 44  VAL A N   1 
ATOM   329 C CA  . VAL A 1 44 ? -2.838  -2.904  -1.271  1.00 11.00 ? 44  VAL A CA  1 
ATOM   330 C C   . VAL A 1 44 ? -3.583  -2.651  -2.561  1.00 12.35 ? 44  VAL A C   1 
ATOM   331 O O   . VAL A 1 44 ? -3.141  -3.009  -3.652  1.00 15.29 ? 44  VAL A O   1 
ATOM   332 C CB  . VAL A 1 44 ? -2.169  -1.596  -0.764  1.00 12.19 ? 44  VAL A CB  1 
ATOM   333 C CG1 . VAL A 1 44 ? -1.571  -1.797  0.603   1.00 13.54 ? 44  VAL A CG1 1 
ATOM   334 C CG2 . VAL A 1 44 ? -1.184  -1.022  -1.756  1.00 14.48 ? 44  VAL A CG2 1 
ATOM   335 N N   . GLU A 1 45 ? -4.714  -1.963  -2.417  1.00 14.74 ? 45  GLU A N   1 
ATOM   336 C CA  . GLU A 1 45 ? -5.514  -1.513  -3.543  1.00 16.97 ? 45  GLU A CA  1 
ATOM   337 C C   . GLU A 1 45 ? -5.657  -0.017  -3.459  1.00 17.24 ? 45  GLU A C   1 
ATOM   338 O O   . GLU A 1 45 ? -6.022  0.567   -2.447  1.00 19.39 ? 45  GLU A O   1 
ATOM   339 C CB  . GLU A 1 45 ? -6.885  -2.194  -3.503  1.00 20.73 ? 45  GLU A CB  1 
ATOM   340 C CG  . GLU A 1 45 ? -7.851  -1.699  -4.531  1.00 23.37 ? 45  GLU A CG  1 
ATOM   341 C CD  . GLU A 1 45 ? -9.098  -2.563  -4.425  1.00 28.45 ? 45  GLU A CD  1 
ATOM   342 O OE1 . GLU A 1 45 ? -9.944  -2.286  -3.532  1.00 31.28 ? 45  GLU A OE1 1 
ATOM   343 O OE2 . GLU A 1 45 ? -9.191  -3.582  -5.153  1.00 33.23 ? 45  GLU A OE2 1 
ATOM   344 N N   . VAL A 1 46 ? -5.326  0.581   -4.593  1.00 20.34 ? 46  VAL A N   1 
ATOM   345 C CA  . VAL A 1 46 ? -5.486  2.014   -4.768  1.00 25.36 ? 46  VAL A CA  1 
ATOM   346 C C   . VAL A 1 46 ? -6.197  2.189   -6.066  1.00 26.83 ? 46  VAL A C   1 
ATOM   347 O O   . VAL A 1 46 ? -5.667  1.973   -7.146  1.00 29.76 ? 46  VAL A O   1 
ATOM   348 C CB  . VAL A 1 46 ? -4.133  2.731   -4.614  1.00 30.96 ? 46  VAL A CB  1 
ATOM   349 C CG1 . VAL A 1 46 ? -3.101  2.152   -5.527  1.00 37.31 ? 46  VAL A CG1 1 
ATOM   350 C CG2 . VAL A 1 46 ? -4.295  4.202   -4.859  1.00 38.65 ? 46  VAL A CG2 1 
ATOM   351 N N   . ASN A 1 47 ? -7.480  2.537   -5.876  1.00 34.81 ? 47  ASN A N   1 
ATOM   352 C CA  . ASN A 1 47 ? -8.532  2.532   -6.871  1.00 36.99 ? 47  ASN A CA  1 
ATOM   353 C C   . ASN A 1 47 ? -8.655  1.231   -7.599  1.00 39.19 ? 47  ASN A C   1 
ATOM   354 O O   . ASN A 1 47 ? -9.076  0.214   -7.029  1.00 42.85 ? 47  ASN A O   1 
ATOM   355 C CB  . ASN A 1 47 ? -8.278  3.653   -7.859  1.00 39.73 ? 47  ASN A CB  1 
ATOM   356 C CG  . ASN A 1 47 ? -8.148  4.943   -7.153  1.00 50.19 ? 47  ASN A CG  1 
ATOM   357 O OD1 . ASN A 1 47 ? -9.079  5.349   -6.431  1.00 60.70 ? 47  ASN A OD1 1 
ATOM   358 N ND2 . ASN A 1 47 ? -6.973  5.563   -7.265  1.00 53.40 ? 47  ASN A ND2 1 
ATOM   359 N N   . ASP A 1 48 ? -8.237  1.266   -8.858  1.00 36.41 ? 48  ASP A N   1 
ATOM   360 C CA  . ASP A 1 48 ? -8.431  0.085   -9.657  1.00 40.59 ? 48  ASP A CA  1 
ATOM   361 C C   . ASP A 1 48 ? -7.129  -0.638  -9.911  1.00 34.57 ? 48  ASP A C   1 
ATOM   362 O O   . ASP A 1 48 ? -7.037  -1.404  -10.871 1.00 38.77 ? 48  ASP A O   1 
ATOM   363 C CB  . ASP A 1 48 ? -9.132  0.463   -10.946 1.00 42.70 ? 48  ASP A CB  1 
ATOM   364 C CG  . ASP A 1 48 ? -10.570 0.864   -10.701 1.00 57.90 ? 48  ASP A CG  1 
ATOM   365 O OD1 . ASP A 1 48 ? -11.095 0.604   -9.587  1.00 67.32 ? 48  ASP A OD1 1 
ATOM   366 O OD2 . ASP A 1 48 ? -11.185 1.423   -11.636 1.00 70.45 ? 48  ASP A OD2 1 
ATOM   367 N N   . ARG A 1 49 ? -6.114  -0.405  -9.068  1.00 29.62 ? 49  ARG A N   1 
ATOM   368 C CA  . ARG A 1 49 ? -4.866  -1.108  -9.204  1.00 27.39 ? 49  ARG A CA  1 
ATOM   369 C C   . ARG A 1 49 ? -4.543  -1.772  -7.870  1.00 23.04 ? 49  ARG A C   1 
ATOM   370 O O   . ARG A 1 49 ? -4.855  -1.229  -6.803  1.00 26.17 ? 49  ARG A O   1 
ATOM   371 C CB  . ARG A 1 49 ? -3.736  -0.136  -9.537  1.00 30.49 ? 49  ARG A CB  1 
ATOM   372 C CG  . ARG A 1 49 ? -2.719  -0.872  -10.436 1.00 46.79 ? 49  ARG A CG  1 
ATOM   373 C CD  . ARG A 1 49 ? -1.429  -0.081  -10.625 1.00 58.77 ? 49  ARG A CD  1 
ATOM   374 N NE  . ARG A 1 49 ? -0.225  -0.905  -10.776 1.00 57.86 ? 49  ARG A NE  1 
ATOM   375 C CZ  . ARG A 1 49 ? 0.879   -0.444  -11.352 1.00 56.21 ? 49  ARG A CZ  1 
ATOM   376 N NH1 . ARG A 1 49 ? 0.866   0.809   -11.804 1.00 61.47 ? 49  ARG A NH1 1 
ATOM   377 N NH2 . ARG A 1 49 ? 1.958   -1.224  -11.509 1.00 43.63 ? 49  ARG A NH2 1 
ATOM   378 N N   . GLN A 1 50 ? -3.994  -2.961  -7.953  1.00 21.48 ? 50  GLN A N   1 
ATOM   379 C CA  . GLN A 1 50 ? -3.580  -3.672  -6.761  1.00 18.47 ? 50  GLN A CA  1 
ATOM   380 C C   . GLN A 1 50 ? -2.114  -4.047  -6.925  1.00 16.84 ? 50  GLN A C   1 
ATOM   381 O O   . GLN A 1 50 ? -1.640  -4.308  -8.037  1.00 21.35 ? 50  GLN A O   1 
ATOM   382 C CB  . GLN A 1 50 ? -4.378  -4.969  -6.599  1.00 21.72 ? 50  GLN A CB  1 
ATOM   383 C CG  . GLN A 1 50 ? -5.895  -4.761  -6.552  1.00 23.85 ? 50  GLN A CG  1 
ATOM   384 C CD  . GLN A 1 50 ? -6.632  -6.075  -6.274  1.00 35.13 ? 50  GLN A CD  1 
ATOM   385 O OE1 . GLN A 1 50 ? -6.083  -7.203  -6.426  1.00 37.43 ? 50  GLN A OE1 1 
ATOM   386 N NE2 . GLN A 1 50 ? -7.895  -5.940  -5.833  1.00 37.01 ? 50  GLN A NE2 1 
ATOM   387 N N   . GLY A 1 51 ? -1.367  -4.050  -5.839  1.00 13.64 ? 51  GLY A N   1 
ATOM   388 C CA  . GLY A 1 51 ? 0.017   -4.413  -5.922  1.00 12.69 ? 51  GLY A CA  1 
ATOM   389 C C   . GLY A 1 51 ? 0.704   -4.134  -4.601  1.00 9.78  ? 51  GLY A C   1 
ATOM   390 O O   . GLY A 1 51 ? 0.084   -3.736  -3.620  1.00 12.20 ? 51  GLY A O   1 
ATOM   391 N N   . PHE A 1 52 ? 2.006   -4.365  -4.615  1.00 8.97  ? 52  PHE A N   1 
ATOM   392 C CA  . PHE A 1 52 ? 2.807   -4.252  -3.409  1.00 9.02  ? 52  PHE A CA  1 
ATOM   393 C C   . PHE A 1 52 ? 3.330   -2.835  -3.202  1.00 8.98  ? 52  PHE A C   1 
ATOM   394 O O   . PHE A 1 52 ? 3.746   -2.163  -4.163  1.00 10.53 ? 52  PHE A O   1 
ATOM   395 C CB  . PHE A 1 52 ? 3.993   -5.209  -3.513  1.00 10.31 ? 52  PHE A CB  1 
ATOM   396 C CG  . PHE A 1 52 ? 3.612   -6.636  -3.411  1.00 11.11 ? 52  PHE A CG  1 
ATOM   397 C CD1 . PHE A 1 52 ? 3.190   -7.159  -2.173  1.00 13.00 ? 52  PHE A CD1 1 
ATOM   398 C CD2 . PHE A 1 52 ? 3.671   -7.456  -4.513  1.00 15.76 ? 52  PHE A CD2 1 
ATOM   399 C CE1 . PHE A 1 52 ? 2.833   -8.501  -2.083  1.00 16.37 ? 52  PHE A CE1 1 
ATOM   400 C CE2 . PHE A 1 52 ? 3.322   -8.795  -4.421  1.00 20.77 ? 52  PHE A CE2 1 
ATOM   401 C CZ  . PHE A 1 52 ? 2.867   -9.302  -3.242  1.00 20.45 ? 52  PHE A CZ  1 
ATOM   402 N N   . VAL A 1 53 ? 3.441   -2.466  -1.936  1.00 8.93  ? 53  VAL A N   1 
ATOM   403 C CA  . VAL A 1 53 ? 4.162   -1.273  -1.480  1.00 8.90  ? 53  VAL A CA  1 
ATOM   404 C C   . VAL A 1 53 ? 4.946   -1.692  -0.231  1.00 8.31  ? 53  VAL A C   1 
ATOM   405 O O   . VAL A 1 53 ? 4.610   -2.671  0.438   1.00 9.07  ? 53  VAL A O   1 
ATOM   406 C CB  . VAL A 1 53 ? 3.230   -0.095  -1.129  1.00 10.49 ? 53  VAL A CB  1 
ATOM   407 C CG1 . VAL A 1 53 ? 2.456   0.351   -2.373  1.00 13.40 ? 53  VAL A CG1 1 
ATOM   408 C CG2 . VAL A 1 53 ? 2.333   -0.397  0.053   1.00 12.95 ? 53  VAL A CG2 1 
ATOM   409 N N   . PRO A 1 54 ? 5.957   -0.925  0.144   1.00 8.83  ? 54  PRO A N   1 
ATOM   410 C CA  . PRO A 1 54 ? 6.691   -1.275  1.355   1.00 9.42  ? 54  PRO A CA  1 
ATOM   411 C C   . PRO A 1 54 ? 5.811   -1.072  2.584   1.00 8.86  ? 54  PRO A C   1 
ATOM   412 O O   . PRO A 1 54 ? 5.202   -0.019  2.751   1.00 9.89  ? 54  PRO A O   1 
ATOM   413 C CB  . PRO A 1 54 ? 7.878   -0.293  1.358   1.00 11.90 ? 54  PRO A CB  1 
ATOM   414 C CG  . PRO A 1 54 ? 7.967   0.230   -0.027  1.00 12.96 ? 54  PRO A CG  1 
ATOM   415 C CD  . PRO A 1 54 ? 6.569   0.234   -0.550  1.00 10.91 ? 54  PRO A CD  1 
ATOM   416 N N   . ALA A 1 55 ? 5.819   -2.040  3.487   1.00 9.66  ? 55  ALA A N   1 
ATOM   417 C CA  . ALA A 1 55 ? 5.064   -1.943  4.720   1.00 10.27 ? 55  ALA A CA  1 
ATOM   418 C C   . ALA A 1 55 ? 5.456   -0.735  5.542   1.00 9.96  ? 55  ALA A C   1 
ATOM   419 O O   . ALA A 1 55 ? 4.638   -0.142  6.202   1.00 12.31 ? 55  ALA A O   1 
ATOM   420 C CB  . ALA A 1 55 ? 5.248   -3.224  5.546   1.00 13.19 ? 55  ALA A CB  1 
ATOM   421 N N   . ALA A 1 56 ? 6.732   -0.375  5.506   1.00 10.02 ? 56  ALA A N   1 
ATOM   422 C CA  . ALA A 1 56 ? 7.210   0.752   6.290   1.00 12.12 ? 56  ALA A CA  1 
ATOM   423 C C   . ALA A 1 56 ? 6.663   2.093   5.801   1.00 10.26 ? 56  ALA A C   1 
ATOM   424 O O   . ALA A 1 56 ? 6.817   3.085   6.488   1.00 14.54 ? 56  ALA A O   1 
ATOM   425 C CB  . ALA A 1 56 ? 8.728   0.783   6.221   1.00 17.01 ? 56  ALA A CB  1 
ATOM   426 N N   . TYR A 1 57 ? 6.095   2.156   4.597   1.00 8.89  ? 57  TYR A N   1 
ATOM   427 C CA  . TYR A 1 57 ? 5.590   3.393   4.036   1.00 8.56  ? 57  TYR A CA  1 
ATOM   428 C C   . TYR A 1 57 ? 4.110   3.612   4.347   1.00 8.98  ? 57  TYR A C   1 
ATOM   429 O O   . TYR A 1 57 ? 3.592   4.643   3.916   1.00 10.90 ? 57  TYR A O   1 
ATOM   430 C CB  . TYR A 1 57 ? 5.788   3.442   2.544   1.00 9.28  ? 57  TYR A CB  1 
ATOM   431 C CG  . TYR A 1 57 ? 7.178   3.750   2.016   1.00 10.00 ? 57  TYR A CG  1 
ATOM   432 C CD1 . TYR A 1 57 ? 7.326   4.637   0.950   1.00 10.04 ? 57  TYR A CD1 1 
ATOM   433 C CD2 . TYR A 1 57 ? 8.295   3.149   2.502   1.00 11.87 ? 57  TYR A CD2 1 
ATOM   434 C CE1 . TYR A 1 57 ? 8.554   4.937   0.387   1.00 10.96 ? 57  TYR A CE1 1 
ATOM   435 C CE2 . TYR A 1 57 ? 9.560   3.415   1.929   1.00 12.85 ? 57  TYR A CE2 1 
ATOM   436 C CZ  . TYR A 1 57 ? 9.660   4.269   0.865   1.00 10.65 ? 57  TYR A CZ  1 
ATOM   437 O OH  . TYR A 1 57 ? 10.896  4.521   0.342   1.00 14.32 ? 57  TYR A OH  1 
ATOM   438 N N   . VAL A 1 58 ? 3.452   2.702   5.047   1.00 9.55  ? 58  VAL A N   1 
ATOM   439 C CA  . VAL A 1 58 ? 2.040   2.857   5.338   1.00 10.73 ? 58  VAL A CA  1 
ATOM   440 C C   . VAL A 1 58 ? 1.798   2.620   6.811   1.00 11.59 ? 58  VAL A C   1 
ATOM   441 O O   . VAL A 1 58 ? 2.615   2.013   7.494   1.00 14.78 ? 58  VAL A O   1 
ATOM   442 C CB  . VAL A 1 58 ? 1.148   1.932   4.486   1.00 11.20 ? 58  VAL A CB  1 
ATOM   443 C CG1 . VAL A 1 58 ? 1.299   2.226   3.027   1.00 13.24 ? 58  VAL A CG1 1 
ATOM   444 C CG2 . VAL A 1 58 ? 1.402   0.458   4.779   1.00 17.17 ? 58  VAL A CG2 1 
ATOM   445 N N   . LYS A 1 59 ? 0.654   3.068   7.310   1.00 12.44 ? 59  LYS A N   1 
ATOM   446 C CA  . LYS A 1 59 ? 0.238   2.837   8.687   1.00 13.96 ? 59  LYS A CA  1 
ATOM   447 C C   . LYS A 1 59 ? -1.184  2.336   8.657   1.00 12.86 ? 59  LYS A C   1 
ATOM   448 O O   . LYS A 1 59 ? -2.059  2.905   8.007   1.00 13.98 ? 59  LYS A O   1 
ATOM   449 C CB  . LYS A 1 59 ? 0.300   4.171   9.449   1.00 19.61 ? 59  LYS A CB  1 
ATOM   450 C CG  . LYS A 1 59 ? -0.231  4.210   10.771  1.00 25.05 ? 59  LYS A CG  1 
ATOM   451 C CD  . LYS A 1 59 ? -0.197  5.656   11.263  1.00 33.91 ? 59  LYS A CD  1 
ATOM   452 C CE  . LYS A 1 59 ? -0.532  5.677   12.755  1.00 51.59 ? 59  LYS A CE  1 
ATOM   453 N NZ  . LYS A 1 59 ? -0.830  7.054   13.266  1.00 60.84 ? 59  LYS A NZ  1 
ATOM   454 N N   . LYS A 1 60 ? -1.450  1.274   9.377   1.00 14.45 ? 60  LYS A N   1 
ATOM   455 C CA  . LYS A 1 60 ? -2.839  0.792   9.520   1.00 16.23 ? 60  LYS A CA  1 
ATOM   456 C C   . LYS A 1 60 ? -3.678  1.812   10.294  1.00 16.19 ? 60  LYS A C   1 
ATOM   457 O O   . LYS A 1 60 ? -3.241  2.341   11.305  1.00 20.19 ? 60  LYS A O   1 
ATOM   458 C CB  . LYS A 1 60 ? -2.862  -0.500  10.321  1.00 20.29 ? 60  LYS A CB  1 
ATOM   459 C CG  . LYS A 1 60 ? -2.322  -1.694  9.600   1.00 24.05 ? 60  LYS A CG  1 
ATOM   460 C CD  . LYS A 1 60 ? -2.512  -2.966  10.411  1.00 30.92 ? 60  LYS A CD  1 
ATOM   461 C CE  . LYS A 1 60 ? -1.981  -4.179  9.684   1.00 37.40 ? 60  LYS A CE  1 
ATOM   462 N NZ  . LYS A 1 60 ? -2.142  -5.391  10.554  1.00 46.34 ? 60  LYS A NZ  1 
ATOM   463 N N   . LEU A 1 61 ? -4.878  2.066   9.778   1.00 17.81 ? 61  LEU A N   1 
ATOM   464 C CA  . LEU A 1 61 ? -5.832  2.966   10.434  1.00 19.96 ? 61  LEU A CA  1 
ATOM   465 C C   . LEU A 1 61 ? -6.736  2.007   11.179  1.00 30.10 ? 61  LEU A C   1 
ATOM   466 O O   . LEU A 1 61 ? -7.716  1.477   10.632  1.00 38.54 ? 61  LEU A O   1 
ATOM   467 C CB  . LEU A 1 61 ? -6.625  3.756   9.387   1.00 21.68 ? 61  LEU A CB  1 
ATOM   468 C CG  . LEU A 1 61 ? -5.746  4.744   8.607   1.00 20.50 ? 61  LEU A CG  1 
ATOM   469 C CD1 . LEU A 1 61 ? -6.569  5.378   7.467   1.00 23.75 ? 61  LEU A CD1 1 
ATOM   470 C CD2 . LEU A 1 61 ? -5.112  5.839   9.491   1.00 28.42 ? 61  LEU A CD2 1 
ATOM   471 N N   . ASP A 1 62 ? -6.316  1.688   12.381  1.00 35.64 ? 62  ASP A N   1 
ATOM   472 C CA  . ASP A 1 62 ? -7.115  0.839   13.271  1.00 45.71 ? 62  ASP A CA  1 
ATOM   473 C C   . ASP A 1 62 ? -6.889  -0.634  12.875  1.00 50.55 ? 62  ASP A C   1 
ATOM   474 O O   . ASP A 1 62 ? -7.724  -1.304  12.247  1.00 54.11 ? 62  ASP A O   1 
ATOM   475 C CB  . ASP A 1 62 ? -8.603  1.295   13.354  1.00 50.23 ? 62  ASP A CB  1 
ATOM   476 C CG  . ASP A 1 62 ? -9.433  1.006   12.068  1.00 60.00 ? 62  ASP A CG  1 
ATOM   477 O OD1 . ASP A 1 62 ? -9.621  -0.182  11.710  1.00 69.27 ? 62  ASP A OD1 1 
ATOM   478 O OD2 . ASP A 1 62 ? -9.944  1.954   11.410  1.00 69.22 ? 62  ASP A OD2 1 
ATOM   479 O OXT . ASP A 1 62 ? -5.800  -1.178  13.144  1.00 53.06 ? 62  ASP A OXT 1 
HETATM 480 C C   . FMT B 2 .  ? -3.140  5.518   14.324  0.50 38.01 ? 63  FMT A C   1 
HETATM 481 O O1  . FMT B 2 .  ? -3.856  6.317   13.648  0.50 39.00 ? 63  FMT A O1  1 
HETATM 482 O O2  . FMT B 2 .  ? -2.927  5.493   15.507  1.00 45.96 ? 63  FMT A O2  1 
HETATM 483 O O   . HOH C 3 .  ? 10.774  5.696   -2.249  0.50 15.38 ? 64  HOH A O   1 
HETATM 484 O O   . HOH C 3 .  ? 9.780   5.295   -4.416  1.00 12.93 ? 65  HOH A O   1 
HETATM 485 O O   . HOH C 3 .  ? -2.788  12.032  -1.253  1.00 22.69 ? 66  HOH A O   1 
HETATM 486 O O   . HOH C 3 .  ? 2.197   -9.256  2.548   1.00 14.13 ? 67  HOH A O   1 
HETATM 487 O O   . HOH C 3 .  ? 8.935   -2.091  4.391   1.00 17.03 ? 68  HOH A O   1 
HETATM 488 O O   . HOH C 3 .  ? -3.244  -10.301 5.473   1.00 25.42 ? 69  HOH A O   1 
HETATM 489 O O   . HOH C 3 .  ? 8.938   9.156   -0.652  1.00 17.50 ? 70  HOH A O   1 
HETATM 490 O O   . HOH C 3 .  ? 4.199   9.040   -5.937  1.00 33.09 ? 71  HOH A O   1 
HETATM 491 O O   . HOH C 3 .  ? 0.751   10.786  5.751   1.00 22.04 ? 72  HOH A O   1 
HETATM 492 O O   . HOH C 3 .  ? 11.621  0.308   -4.037  1.00 19.68 ? 73  HOH A O   1 
HETATM 493 O O   . HOH C 3 .  ? -10.510 -0.083  -2.117  1.00 25.06 ? 74  HOH A O   1 
HETATM 494 O O   . HOH C 3 .  ? 6.320   12.083  5.095   1.00 21.16 ? 75  HOH A O   1 
HETATM 495 O O   . HOH C 3 .  ? 7.304   10.874  0.684   1.00 52.43 ? 76  HOH A O   1 
HETATM 496 O O   . HOH C 3 .  ? 1.151   -7.487  -11.894 1.00 29.58 ? 77  HOH A O   1 
HETATM 497 O O   . HOH C 3 .  ? -3.768  10.871  -4.715  1.00 36.12 ? 78  HOH A O   1 
HETATM 498 O O   . HOH C 3 .  ? -11.807 -0.684  1.772   1.00 30.57 ? 79  HOH A O   1 
HETATM 499 O O   . HOH C 3 .  ? -4.763  11.763  4.446   1.00 27.86 ? 80  HOH A O   1 
HETATM 500 O O   . HOH C 3 .  ? 1.002   -7.567  -7.153  1.00 27.85 ? 81  HOH A O   1 
HETATM 501 O O   . HOH C 3 .  ? 0.732   -0.049  10.709  1.00 35.18 ? 82  HOH A O   1 
HETATM 502 O O   . HOH C 3 .  ? -12.954 -0.223  10.773  1.00 36.89 ? 83  HOH A O   1 
HETATM 503 O O   . HOH C 3 .  ? 0.559   14.132  -1.298  1.00 31.65 ? 84  HOH A O   1 
HETATM 504 O O   . HOH C 3 .  ? -2.248  8.202   -5.857  1.00 40.81 ? 85  HOH A O   1 
HETATM 505 O O   . HOH C 3 .  ? 2.991   13.969  -2.129  1.00 39.93 ? 86  HOH A O   1 
HETATM 506 O O   . HOH C 3 .  ? 4.901   2.313   9.341   1.00 39.31 ? 87  HOH A O   1 
HETATM 507 O O   . HOH C 3 .  ? 2.357   -13.624 8.527   1.00 37.77 ? 88  HOH A O   1 
HETATM 508 O O   . HOH C 3 .  ? 9.758   11.466  8.326   1.00 34.11 ? 89  HOH A O   1 
HETATM 509 O O   . HOH C 3 .  ? 9.612   -3.310  6.761   1.00 36.42 ? 90  HOH A O   1 
HETATM 510 O O   . HOH C 3 .  ? 11.133  -2.630  -5.576  1.00 30.34 ? 91  HOH A O   1 
HETATM 511 O O   . HOH C 3 .  ? 3.725   -0.013  8.466   1.00 32.73 ? 92  HOH A O   1 
HETATM 512 O O   . HOH C 3 .  ? 10.255  -3.057  1.853   1.00 31.93 ? 93  HOH A O   1 
HETATM 513 O O   . HOH C 3 .  ? -3.793  -14.470 2.844   1.00 36.69 ? 94  HOH A O   1 
HETATM 514 O O   . HOH C 3 .  ? 1.785   -10.422 -7.290  1.00 43.50 ? 95  HOH A O   1 
HETATM 515 O O   . HOH C 3 .  ? 5.531   -4.909  8.948   1.00 35.01 ? 96  HOH A O   1 
HETATM 516 O O   . HOH C 3 .  ? 0.212   -3.533  -10.000 1.00 33.27 ? 97  HOH A O   1 
HETATM 517 O O   . HOH C 3 .  ? 12.881  -6.129  -0.612  1.00 41.01 ? 98  HOH A O   1 
HETATM 518 O O   . HOH C 3 .  ? 4.632   -0.642  -13.835 1.00 28.13 ? 99  HOH A O   1 
HETATM 519 O O   . HOH C 3 .  ? -9.166  2.277   -3.241  1.00 23.09 ? 100 HOH A O   1 
HETATM 520 O O   . HOH C 3 .  ? 2.864   -9.524  -11.512 1.00 36.55 ? 101 HOH A O   1 
HETATM 521 O O   . HOH C 3 .  ? 3.356   -8.391  8.635   1.00 43.79 ? 102 HOH A O   1 
HETATM 522 O O   . HOH C 3 .  ? 4.330   -10.607 -8.225  1.00 39.18 ? 103 HOH A O   1 
HETATM 523 O O   . HOH C 3 .  ? -1.232  3.678   -8.483  1.00 39.05 ? 104 HOH A O   1 
HETATM 524 O O   . HOH C 3 .  ? -9.204  0.399   8.962   1.00 30.13 ? 105 HOH A O   1 
# 
loop_
_atom_site_anisotrop.id 
_atom_site_anisotrop.type_symbol 
_atom_site_anisotrop.pdbx_label_atom_id 
_atom_site_anisotrop.pdbx_label_alt_id 
_atom_site_anisotrop.pdbx_label_comp_id 
_atom_site_anisotrop.pdbx_label_asym_id 
_atom_site_anisotrop.pdbx_label_seq_id 
_atom_site_anisotrop.pdbx_PDB_ins_code 
_atom_site_anisotrop.U[1][1] 
_atom_site_anisotrop.U[2][2] 
_atom_site_anisotrop.U[3][3] 
_atom_site_anisotrop.U[1][2] 
_atom_site_anisotrop.U[1][3] 
_atom_site_anisotrop.U[2][3] 
_atom_site_anisotrop.pdbx_auth_seq_id 
_atom_site_anisotrop.pdbx_auth_comp_id 
_atom_site_anisotrop.pdbx_auth_asym_id 
_atom_site_anisotrop.pdbx_auth_atom_id 
1   N N   . GLY A 5  ? 0.5355 0.5110 0.5811 -0.0879 0.0765  0.0528  5   GLY A N   
2   C CA  . GLY A 5  ? 0.4818 0.4610 0.5168 -0.0534 0.0911  0.0627  5   GLY A CA  
3   C C   . GLY A 5  ? 0.4375 0.3871 0.4469 -0.0580 0.1248  0.0477  5   GLY A C   
4   O O   . GLY A 5  ? 0.4637 0.3721 0.5102 -0.0624 0.0861  0.0158  5   GLY A O   
5   N N   . LYS A 6  ? 0.3772 0.2859 0.4558 0.0450  0.0789  0.0221  6   LYS A N   
6   C CA  . LYS A 6  ? 0.2193 0.2967 0.3610 0.0053  0.1021  0.0068  6   LYS A CA  
7   C C   . LYS A 6  ? 0.2776 0.2265 0.4442 -0.0755 0.0085  -0.0526 6   LYS A C   
8   O O   . LYS A 6  ? 0.3256 0.3951 0.3793 -0.0575 0.1122  -0.1011 6   LYS A O   
9   C CB  . LYS A 6  ? 0.1907 0.2443 0.3406 0.0351  0.0843  0.0677  6   LYS A CB  
10  C CG  . LYS A 6  ? 0.2241 0.2720 0.2273 0.0006  0.0342  -0.0048 6   LYS A CG  
11  C CD  . LYS A 6  ? 0.2356 0.2433 0.2442 0.0223  -0.0238 0.0451  6   LYS A CD  
12  C CE  . LYS A 6  ? 0.1781 0.2117 0.2385 0.0059  -0.0080 0.0108  6   LYS A CE  
13  N NZ  . LYS A 6  ? 0.1817 0.1958 0.2088 0.0394  -0.0056 0.0098  6   LYS A NZ  
14  N N   . GLU A 7  ? 0.2371 0.1848 0.4015 -0.0217 0.1320  0.0404  7   GLU A N   
15  C CA  . GLU A 7  ? 0.1900 0.1634 0.3751 0.0010  0.1112  0.0510  7   GLU A CA  
16  C C   . GLU A 7  ? 0.1227 0.1752 0.3037 0.0172  0.0827  0.0324  7   GLU A C   
17  O O   . GLU A 7  ? 0.2813 0.1704 0.3598 0.0306  0.1695  0.0178  7   GLU A O   
18  C CB  . GLU A 7  ? 0.2720 0.1921 0.4642 -0.0095 0.1485  0.0103  7   GLU A CB  
19  C CG  . GLU A 7  ? 0.4025 0.2528 0.5677 -0.0139 0.1706  0.0090  7   GLU A CG  
20  C CD  . GLU A 7  ? 0.6907 0.5666 0.7183 -0.0310 0.0518  0.0049  7   GLU A CD  
21  O OE1 . GLU A 7  ? 0.6584 0.6537 0.6635 -0.0754 0.0746  0.1028  7   GLU A OE1 
22  O OE2 . GLU A 7  ? 0.7453 0.7257 0.8600 0.0770  0.0403  0.0612  7   GLU A OE2 
23  N N   . LEU A 8  ? 0.1504 0.1933 0.2633 -0.0465 0.0181  0.0488  8   LEU A N   
24  C CA  . LEU A 8  ? 0.1155 0.1819 0.2467 -0.0474 -0.0093 0.0574  8   LEU A CA  
25  C C   . LEU A 8  ? 0.1434 0.1793 0.2043 -0.0133 0.0011  0.0389  8   LEU A C   
26  O O   . LEU A 8  ? 0.1563 0.2333 0.2119 -0.0372 -0.0001 0.0649  8   LEU A O   
27  C CB  . LEU A 8  ? 0.1221 0.2014 0.2626 -0.0353 -0.0160 0.0553  8   LEU A CB  
28  C CG  . LEU A 8  ? 0.1353 0.2234 0.2809 -0.0456 0.0005  0.0546  8   LEU A CG  
29  C CD1 . LEU A 8  ? 0.1653 0.2548 0.3642 0.0072  0.0310  0.0542  8   LEU A CD1 
30  C CD2 . LEU A 8  ? 0.1341 0.3767 0.2460 -0.0242 -0.0354 0.0023  8   LEU A CD2 
31  N N   . VAL A 9  ? 0.1184 0.1608 0.2074 -0.0395 0.0021  0.0424  9   VAL A N   
32  C CA  . VAL A 9  ? 0.0962 0.1344 0.1938 -0.0173 -0.0046 0.0084  9   VAL A CA  
33  C C   . VAL A 9  ? 0.1064 0.1313 0.1738 -0.0056 -0.0045 0.0101  9   VAL A C   
34  O O   . VAL A 9  ? 0.1424 0.1505 0.2114 -0.0278 -0.0358 0.0158  9   VAL A O   
35  C CB  . VAL A 9  ? 0.1508 0.1312 0.2172 -0.0050 -0.0017 0.0041  9   VAL A CB  
36  C CG1 . VAL A 9  ? 0.2335 0.1490 0.2672 0.0072  0.0043  0.0099  9   VAL A CG1 
37  C CG2 . VAL A 9  ? 0.1576 0.2275 0.2410 0.0257  0.0112  -0.0249 9   VAL A CG2 
38  N N   . LEU A 10 ? 0.1060 0.1313 0.1732 -0.0158 0.0017  0.0051  10  LEU A N   
39  C CA  . LEU A 10 ? 0.1045 0.1166 0.1767 -0.0092 0.0085  -0.0077 10  LEU A CA  
40  C C   . LEU A 10 ? 0.1096 0.1028 0.1566 -0.0112 -0.0108 0.0021  10  LEU A C   
41  O O   . LEU A 10 ? 0.0990 0.1528 0.1571 0.0045  -0.0095 0.0081  10  LEU A O   
42  C CB  . LEU A 10 ? 0.1520 0.1415 0.1986 -0.0031 0.0160  -0.0362 10  LEU A CB  
43  C CG  . LEU A 10 ? 0.1766 0.1551 0.1923 -0.0011 0.0144  -0.0450 10  LEU A CG  
44  C CD1 . LEU A 10 ? 0.2856 0.1398 0.2660 -0.0054 0.0029  -0.0144 10  LEU A CD1 
45  C CD2 . LEU A 10 ? 0.2808 0.2083 0.2333 -0.0236 0.0365  -0.0698 10  LEU A CD2 
46  N N   . ALA A 11 ? 0.0867 0.0993 0.1637 -0.0061 -0.0079 -0.0164 11  ALA A N   
47  C CA  . ALA A 11 ? 0.0904 0.0917 0.1543 -0.0101 -0.0046 -0.0234 11  ALA A CA  
48  C C   . ALA A 11 ? 0.0910 0.0913 0.1496 -0.0077 0.0042  -0.0272 11  ALA A C   
49  O O   . ALA A 11 ? 0.1171 0.0975 0.1821 -0.0010 -0.0092 -0.0344 11  ALA A O   
50  C CB  . ALA A 11 ? 0.1183 0.1190 0.1452 -0.0110 -0.0151 -0.0226 11  ALA A CB  
51  N N   . LEU A 12 ? 0.0893 0.1061 0.1466 -0.0051 -0.0128 -0.0292 12  LEU A N   
52  C CA  . LEU A 12 ? 0.0946 0.1036 0.1466 -0.0116 -0.0096 -0.0415 12  LEU A CA  
53  C C   . LEU A 12 ? 0.0946 0.0957 0.1538 -0.0073 -0.0037 -0.0345 12  LEU A C   
54  O O   . LEU A 12 ? 0.1342 0.1077 0.1784 -0.0195 -0.0013 -0.0555 12  LEU A O   
55  C CB  . LEU A 12 ? 0.1265 0.1400 0.1501 -0.0187 -0.0236 -0.0258 12  LEU A CB  
56  C CG  . LEU A 12 ? 0.1627 0.1734 0.1477 -0.0395 -0.0041 -0.0212 12  LEU A CG  
57  C CD1 . LEU A 12 ? 0.2283 0.2450 0.1954 -0.0503 -0.0576 0.0280  12  LEU A CD1 
58  C CD2 . LEU A 12 ? 0.2169 0.2465 0.1959 -0.0444 0.0527  -0.0301 12  LEU A CD2 
59  N N   . TYR A 13 ? 0.1118 0.1033 0.1473 -0.0180 0.0041  -0.0473 13  TYR A N   
60  C CA  . TYR A 13 ? 0.1103 0.1211 0.1503 -0.0209 -0.0013 -0.0371 13  TYR A CA  
61  C C   . TYR A 13 ? 0.1083 0.1191 0.1496 -0.0221 0.0000  -0.0356 13  TYR A C   
62  O O   . TYR A 13 ? 0.1537 0.1435 0.1635 -0.0668 -0.0041 -0.0428 13  TYR A O   
63  C CB  . TYR A 13 ? 0.1127 0.1618 0.1495 -0.0090 -0.0150 -0.0508 13  TYR A CB  
64  C CG  . TYR A 13 ? 0.0907 0.1573 0.1836 -0.0023 0.0011  -0.0402 13  TYR A CG  
65  C CD1 . TYR A 13 ? 0.1378 0.1698 0.2340 -0.0217 -0.0354 -0.0642 13  TYR A CD1 
66  C CD2 . TYR A 13 ? 0.1113 0.2014 0.2165 0.0007  -0.0039 -0.0085 13  TYR A CD2 
67  C CE1 . TYR A 13 ? 0.1539 0.2716 0.2685 0.0126  -0.0632 -0.0897 13  TYR A CE1 
68  C CE2 . TYR A 13 ? 0.1337 0.2952 0.2449 0.0458  -0.0069 0.0226  13  TYR A CE2 
69  C CZ  . TYR A 13 ? 0.1682 0.3415 0.1782 0.0313  -0.0427 -0.0717 13  TYR A CZ  
70  O OH  . TYR A 13 ? 0.2551 0.5538 0.2122 0.0818  -0.0809 -0.1031 13  TYR A OH  
71  N N   . ASP A 14 ? 0.1185 0.1116 0.1508 -0.0254 -0.0022 -0.0428 14  ASP A N   
72  C CA  . ASP A 14 ? 0.1269 0.1092 0.1504 -0.0071 0.0019  -0.0253 14  ASP A CA  
73  C C   . ASP A 14 ? 0.0826 0.1557 0.1466 -0.0280 -0.0207 -0.0364 14  ASP A C   
74  O O   . ASP A 14 ? 0.1305 0.1553 0.1709 -0.0067 -0.0293 -0.0610 14  ASP A O   
75  C CB  . ASP A 14 ? 0.1601 0.1669 0.1958 -0.0114 -0.0009 0.0082  14  ASP A CB  
76  C CG  . ASP A 14 ? 0.2211 0.1136 0.2569 -0.0429 0.0137  0.0227  14  ASP A CG  
77  O OD1 . ASP A 14 ? 0.1969 0.1819 0.2581 -0.0033 0.0252  0.0059  14  ASP A OD1 
78  O OD2 . ASP A 14 ? 0.2558 0.2274 0.3210 -0.0352 0.0264  0.0337  14  ASP A OD2 
79  N N   . TYR A 15 ? 0.0981 0.1301 0.1325 -0.0124 -0.0215 -0.0304 15  TYR A N   
80  C CA  . TYR A 15 ? 0.1029 0.1210 0.1302 -0.0100 -0.0131 -0.0365 15  TYR A CA  
81  C C   . TYR A 15 ? 0.0959 0.1192 0.1288 -0.0154 -0.0116 -0.0164 15  TYR A C   
82  O O   . TYR A 15 ? 0.1055 0.1701 0.1431 -0.0055 -0.0269 -0.0294 15  TYR A O   
83  C CB  . TYR A 15 ? 0.1169 0.1296 0.1392 -0.0134 0.0050  -0.0162 15  TYR A CB  
84  C CG  . TYR A 15 ? 0.1104 0.1197 0.1067 -0.0300 -0.0074 -0.0169 15  TYR A CG  
85  C CD1 . TYR A 15 ? 0.1132 0.1261 0.1206 -0.0278 -0.0097 -0.0086 15  TYR A CD1 
86  C CD2 . TYR A 15 ? 0.1135 0.1210 0.1382 -0.0225 -0.0131 0.0057  15  TYR A CD2 
87  C CE1 . TYR A 15 ? 0.1149 0.1187 0.1257 -0.0110 -0.0026 -0.0090 15  TYR A CE1 
88  C CE2 . TYR A 15 ? 0.1125 0.1284 0.1356 -0.0201 -0.0108 -0.0088 15  TYR A CE2 
89  C CZ  . TYR A 15 ? 0.1215 0.1151 0.1313 -0.0216 0.0007  -0.0151 15  TYR A CZ  
90  O OH  . TYR A 15 ? 0.1445 0.1360 0.1760 0.0067  -0.0208 -0.0318 15  TYR A OH  
91  N N   . GLN A 16 ? 0.1088 0.1300 0.1215 -0.0279 -0.0114 -0.0120 16  GLN A N   
92  C CA  . GLN A 16 ? 0.1327 0.1269 0.1130 -0.0289 -0.0025 -0.0129 16  GLN A CA  
93  C C   . GLN A 16 ? 0.1234 0.1279 0.1193 -0.0309 -0.0016 -0.0099 16  GLN A C   
94  O O   . GLN A 16 ? 0.1285 0.1487 0.1293 -0.0147 -0.0083 -0.0197 16  GLN A O   
95  C CB  . GLN A 16 ? 0.1950 0.1464 0.1398 -0.0444 0.0257  0.0010  16  GLN A CB  
96  C CG  . GLN A 16 ? 0.3003 0.2355 0.2599 -0.0800 0.0187  0.0712  16  GLN A CG  
97  C CD  . GLN A 16 ? 0.3845 0.4511 0.2275 -0.1116 -0.0488 0.0689  16  GLN A CD  
98  O OE1 . GLN A 16 ? 0.4936 0.5359 0.5503 0.1070  -0.0121 0.0676  16  GLN A OE1 
99  N NE2 . GLN A 16 ? 0.7638 0.7285 0.3877 -0.0186 -0.0538 -0.0119 16  GLN A NE2 
100 N N   . GLU A 17 ? 0.1345 0.1447 0.1160 -0.0398 -0.0170 -0.0196 17  GLU A N   
101 C CA  . GLU A 17 ? 0.1296 0.1485 0.1292 -0.0393 -0.0036 -0.0309 17  GLU A CA  
102 C C   . GLU A 17 ? 0.1511 0.1489 0.1236 -0.0458 0.0061  -0.0246 17  GLU A C   
103 O O   . GLU A 17 ? 0.1810 0.1790 0.1499 -0.0393 0.0196  -0.0074 17  GLU A O   
104 C CB  . GLU A 17 ? 0.1575 0.1545 0.1434 -0.0456 -0.0338 -0.0216 17  GLU A CB  
105 C CG  . GLU A 17 ? 0.1780 0.2137 0.1513 -0.0399 -0.0479 -0.0230 17  GLU A CG  
106 C CD  . GLU A 17 ? 0.2555 0.2404 0.1328 -0.0233 -0.0400 -0.0325 17  GLU A CD  
107 O OE1 . GLU A 17 ? 0.2465 0.3465 0.2312 0.0211  -0.0729 -0.1082 17  GLU A OE1 
108 O OE2 . GLU A 17 ? 0.2871 0.3192 0.2183 -0.0259 -0.0848 -0.0885 17  GLU A OE2 
109 N N   . LYS A 18 ? 0.1371 0.1438 0.1679 -0.0223 0.0260  -0.0351 18  LYS A N   
110 C CA  . LYS A 18 ? 0.1749 0.1833 0.1719 -0.0276 0.0304  -0.0650 18  LYS A CA  
111 C C   . LYS A 18 ? 0.1707 0.2035 0.1656 -0.0225 0.0313  -0.0628 18  LYS A C   
112 O O   . LYS A 18 ? 0.1888 0.2588 0.2599 -0.0322 0.0509  -0.1136 18  LYS A O   
113 C CB  . LYS A 18 ? 0.1659 0.2830 0.1971 -0.0482 0.0114  -0.1159 18  LYS A CB  
114 C CG  . LYS A 18 ? 0.1548 0.2930 0.2611 -0.0530 0.0249  -0.0734 18  LYS A CG  
115 C CD  . LYS A 18 ? 0.2019 0.2678 0.2119 -0.0976 0.0525  -0.0388 18  LYS A CD  
116 C CE  . LYS A 18 ? 0.1563 0.2618 0.1627 -0.0732 0.0147  -0.0380 18  LYS A CE  
117 N NZ  . LYS A 18 ? 0.1251 0.2169 0.1473 -0.0496 0.0077  -0.0273 18  LYS A NZ  
118 N N   A SER A 19 ? 0.1696 0.1815 0.1547 -0.0268 0.0014  -0.0530 19  SER A N   
119 N N   B SER A 19 ? 0.1800 0.1508 0.1526 -0.0339 0.0210  -0.0563 19  SER A N   
120 C CA  A SER A 19 ? 0.1861 0.1778 0.1483 -0.0207 0.0200  -0.0603 19  SER A CA  
121 C CA  B SER A 19 ? 0.2071 0.1854 0.1686 -0.0396 0.0098  -0.0657 19  SER A CA  
122 C C   A SER A 19 ? 0.1828 0.1585 0.1150 -0.0226 0.0117  -0.0430 19  SER A C   
123 C C   B SER A 19 ? 0.2006 0.1551 0.1196 -0.0330 0.0180  -0.0506 19  SER A C   
124 O O   A SER A 19 ? 0.1836 0.1687 0.1242 -0.0352 0.0073  -0.0364 19  SER A O   
125 O O   B SER A 19 ? 0.1906 0.1645 0.1399 -0.0373 0.0173  -0.0478 19  SER A O   
126 C CB  A SER A 19 ? 0.2158 0.1842 0.1706 0.0186  0.0101  -0.0305 19  SER A CB  
127 C CB  B SER A 19 ? 0.2063 0.2201 0.2179 0.0255  0.0183  -0.0680 19  SER A CB  
128 O OG  A SER A 19 ? 0.3541 0.2075 0.2722 0.0064  -0.0176 -0.0729 19  SER A OG  
129 O OG  B SER A 19 ? 0.3491 0.2703 0.2231 0.0125  0.0348  -0.0095 19  SER A OG  
130 N N   . PRO A 20 ? 0.2019 0.2031 0.1164 -0.0312 0.0086  -0.0557 20  PRO A N   
131 C CA  . PRO A 20 ? 0.2249 0.2317 0.1146 -0.0439 -0.0160 -0.0319 20  PRO A CA  
132 C C   . PRO A 20 ? 0.1875 0.1666 0.1260 -0.0494 -0.0329 -0.0205 20  PRO A C   
133 O O   . PRO A 20 ? 0.1955 0.2510 0.1897 -0.0516 -0.0516 0.0296  20  PRO A O   
134 C CB  . PRO A 20 ? 0.2771 0.3172 0.1372 -0.0200 -0.0298 -0.0989 20  PRO A CB  
135 C CG  . PRO A 20 ? 0.2722 0.3101 0.1870 -0.0712 0.0074  -0.1381 20  PRO A CG  
136 C CD  . PRO A 20 ? 0.2656 0.2474 0.1446 -0.0551 0.0297  -0.0924 20  PRO A CD  
137 N N   . ASP A 21 ? 0.1842 0.1348 0.1118 -0.0289 -0.0286 -0.0363 21  ASP A N   
138 C CA  . ASP A 21 ? 0.1811 0.1292 0.1084 -0.0248 -0.0197 -0.0253 21  ASP A CA  
139 C C   . ASP A 21 ? 0.1323 0.1229 0.1089 -0.0082 -0.0217 -0.0298 21  ASP A C   
140 O O   . ASP A 21 ? 0.1962 0.1183 0.1316 -0.0252 0.0143  -0.0300 21  ASP A O   
141 C CB  . ASP A 21 ? 0.2688 0.1610 0.1699 0.0038  -0.0053 -0.0273 21  ASP A CB  
142 C CG  . ASP A 21 ? 0.2711 0.1879 0.2059 0.0432  0.0047  0.0015  21  ASP A CG  
143 O OD1 . ASP A 21 ? 0.2358 0.2393 0.2377 0.0152  -0.0360 -0.0151 21  ASP A OD1 
144 O OD2 . ASP A 21 ? 0.3224 0.2701 0.2965 0.0168  -0.0241 0.0022  21  ASP A OD2 
145 N N   . GLU A 22 ? 0.1558 0.1027 0.1175 -0.0232 -0.0136 -0.0318 22  GLU A N   
146 C CA  . GLU A 22 ? 0.1240 0.0983 0.1210 -0.0179 -0.0253 -0.0317 22  GLU A CA  
147 C C   . GLU A 22 ? 0.1297 0.1336 0.1177 -0.0268 -0.0222 -0.0102 22  GLU A C   
148 O O   . GLU A 22 ? 0.1983 0.1824 0.1581 0.0235  -0.0520 -0.0351 22  GLU A O   
149 C CB  . GLU A 22 ? 0.1217 0.1102 0.1334 -0.0148 -0.0127 -0.0287 22  GLU A CB  
150 C CG  . GLU A 22 ? 0.1322 0.1252 0.1432 -0.0129 -0.0056 -0.0165 22  GLU A CG  
151 C CD  . GLU A 22 ? 0.1650 0.1089 0.1395 -0.0111 0.0060  -0.0265 22  GLU A CD  
152 O OE1 . GLU A 22 ? 0.1356 0.1428 0.1545 -0.0280 -0.0092 -0.0280 22  GLU A OE1 
153 O OE2 . GLU A 22 ? 0.1440 0.1545 0.2585 -0.0003 -0.0214 -0.0108 22  GLU A OE2 
154 N N   . VAL A 23 ? 0.1369 0.1076 0.1474 -0.0059 -0.0197 -0.0277 23  VAL A N   
155 C CA  . VAL A 23 ? 0.1138 0.1154 0.1814 -0.0220 -0.0178 -0.0180 23  VAL A CA  
156 C C   . VAL A 23 ? 0.1150 0.1139 0.1423 -0.0105 -0.0282 -0.0080 23  VAL A C   
157 O O   . VAL A 23 ? 0.1997 0.1238 0.2152 -0.0221 -0.0981 -0.0012 23  VAL A O   
158 C CB  . VAL A 23 ? 0.1433 0.1774 0.2532 -0.0404 -0.0227 0.0053  23  VAL A CB  
159 C CG1 . VAL A 23 ? 0.2120 0.1953 0.5228 -0.0619 0.0035  -0.0152 23  VAL A CG1 
160 C CG2 . VAL A 23 ? 0.1701 0.2783 0.2144 -0.0081 -0.0114 0.0031  23  VAL A CG2 
161 N N   . THR A 24 ? 0.1383 0.1085 0.1383 -0.0162 -0.0384 -0.0144 24  THR A N   
162 C CA  . THR A 24 ? 0.1388 0.1180 0.1451 -0.0138 -0.0234 -0.0089 24  THR A CA  
163 C C   . THR A 24 ? 0.1092 0.1164 0.1545 -0.0096 -0.0272 -0.0172 24  THR A C   
164 O O   . THR A 24 ? 0.1273 0.1719 0.2198 -0.0054 -0.0334 -0.0349 24  THR A O   
165 C CB  . THR A 24 ? 0.1625 0.1407 0.1463 -0.0073 -0.0230 0.0187  24  THR A CB  
166 O OG1 . THR A 24 ? 0.1790 0.1728 0.1446 -0.0163 -0.0115 0.0140  24  THR A OG1 
167 C CG2 . THR A 24 ? 0.2288 0.1287 0.1861 -0.0302 -0.0143 0.0207  24  THR A CG2 
168 N N   . MET A 25 ? 0.1233 0.1208 0.1547 -0.0131 -0.0034 -0.0278 25  MET A N   
169 C CA  . MET A 25 ? 0.1294 0.1228 0.1749 -0.0201 0.0222  -0.0200 25  MET A CA  
170 C C   . MET A 25 ? 0.1016 0.1156 0.1355 -0.0102 -0.0149 -0.0009 25  MET A C   
171 O O   . MET A 25 ? 0.1038 0.1303 0.1844 -0.0083 -0.0047 -0.0176 25  MET A O   
172 C CB  . MET A 25 ? 0.1445 0.1630 0.2432 -0.0193 0.0153  -0.0102 25  MET A CB  
173 C CG  . MET A 25 ? 0.1282 0.2619 0.2562 0.0188  0.0570  0.0755  25  MET A CG  
174 S SD  . MET A 25 ? 0.1616 0.1723 0.1972 -0.0058 -0.0061 -0.0121 25  MET A SD  
175 C CE  . MET A 25 ? 0.1526 0.2334 0.3025 -0.0150 0.0309  0.0576  25  MET A CE  
176 N N   . LYS A 26 ? 0.1138 0.1135 0.1702 -0.0015 -0.0069 -0.0187 26  LYS A N   
177 C CA  . LYS A 26 ? 0.1288 0.1045 0.1725 -0.0009 -0.0026 -0.0090 26  LYS A CA  
178 C C   . LYS A 26 ? 0.1164 0.0975 0.1584 0.0028  -0.0112 -0.0246 26  LYS A C   
179 O O   . LYS A 26 ? 0.1060 0.1196 0.1745 -0.0194 0.0061  -0.0092 26  LYS A O   
180 C CB  . LYS A 26 ? 0.2128 0.1495 0.1930 0.0048  -0.0083 0.0222  26  LYS A CB  
181 C CG  . LYS A 26 ? 0.3315 0.2391 0.2478 0.0438  0.0059  0.0545  26  LYS A CG  
182 C CD  . LYS A 26 ? 0.5231 0.5289 0.4316 -0.0450 0.1076  0.0713  26  LYS A CD  
183 C CE  . LYS A 26 ? 0.7269 0.6788 0.5227 -0.0203 0.0749  0.0501  26  LYS A CE  
184 N NZ  . LYS A 26 ? 0.7917 0.7511 0.6434 -0.0472 0.0164  0.0176  26  LYS A NZ  
185 N N   . LYS A 27 ? 0.1168 0.1131 0.1786 -0.0207 -0.0042 -0.0243 27  LYS A N   
186 C CA  . LYS A 27 ? 0.1142 0.1112 0.1655 -0.0064 -0.0103 -0.0323 27  LYS A CA  
187 C C   . LYS A 27 ? 0.1234 0.0845 0.2014 -0.0030 -0.0174 -0.0200 27  LYS A C   
188 O O   . LYS A 27 ? 0.1442 0.1138 0.2178 0.0020  -0.0016 -0.0013 27  LYS A O   
189 C CB  . LYS A 27 ? 0.1281 0.1351 0.2103 -0.0368 -0.0186 -0.0409 27  LYS A CB  
190 C CG  . LYS A 27 ? 0.1746 0.1458 0.1968 -0.0270 -0.0262 -0.0460 27  LYS A CG  
191 C CD  . LYS A 27 ? 0.2181 0.1870 0.2348 -0.0506 -0.0411 -0.0597 27  LYS A CD  
192 C CE  . LYS A 27 ? 0.2632 0.2635 0.2740 -0.0325 -0.0501 -0.0931 27  LYS A CE  
193 N NZ  . LYS A 27 ? 0.2833 0.3090 0.2431 0.0241  -0.0370 -0.0986 27  LYS A NZ  
194 N N   . GLY A 28 ? 0.1232 0.1011 0.1786 -0.0137 0.0055  -0.0224 28  GLY A N   
195 C CA  . GLY A 28 ? 0.1087 0.1309 0.2273 -0.0017 0.0172  -0.0364 28  GLY A CA  
196 C C   . GLY A 28 ? 0.1059 0.1154 0.2160 0.0147  0.0086  -0.0179 28  GLY A C   
197 O O   . GLY A 28 ? 0.1162 0.1575 0.2529 0.0118  0.0255  -0.0286 28  GLY A O   
198 N N   . ASP A 29 ? 0.0927 0.1042 0.1923 -0.0059 -0.0006 -0.0111 29  ASP A N   
199 C CA  . ASP A 29 ? 0.0956 0.1237 0.1795 -0.0120 -0.0027 0.0061  29  ASP A CA  
200 C C   . ASP A 29 ? 0.0798 0.1150 0.1799 0.0110  -0.0087 -0.0048 29  ASP A C   
201 O O   . ASP A 29 ? 0.0953 0.1377 0.1990 -0.0014 -0.0165 0.0148  29  ASP A O   
202 C CB  . ASP A 29 ? 0.1104 0.1384 0.1707 -0.0095 0.0024  -0.0047 29  ASP A CB  
203 C CG  . ASP A 29 ? 0.0869 0.1898 0.1967 -0.0140 -0.0097 -0.0162 29  ASP A CG  
204 O OD1 . ASP A 29 ? 0.1482 0.2198 0.2220 0.0357  0.0190  0.0490  29  ASP A OD1 
205 O OD2 . ASP A 29 ? 0.1184 0.2364 0.1840 -0.0167 -0.0039 -0.0249 29  ASP A OD2 
206 N N   . ILE A 30 ? 0.0778 0.1064 0.1906 0.0028  -0.0058 0.0092  30  ILE A N   
207 C CA  . ILE A 30 ? 0.0921 0.1010 0.1858 -0.0040 0.0070  0.0105  30  ILE A CA  
208 C C   . ILE A 30 ? 0.0811 0.1044 0.1797 0.0081  -0.0013 0.0104  30  ILE A C   
209 O O   . ILE A 30 ? 0.0963 0.1381 0.2010 0.0112  -0.0247 -0.0115 30  ILE A O   
210 C CB  . ILE A 30 ? 0.1190 0.1126 0.2090 -0.0010 0.0362  -0.0064 30  ILE A CB  
211 C CG1 . ILE A 30 ? 0.2191 0.1456 0.2617 0.0008  0.0885  -0.0276 30  ILE A CG1 
212 C CG2 . ILE A 30 ? 0.1546 0.1509 0.2394 -0.0155 0.0371  0.0076  30  ILE A CG2 
213 C CD1 . ILE A 30 ? 0.1991 0.2673 0.3237 0.0237  0.0582  0.0168  30  ILE A CD1 
214 N N   . LEU A 31 ? 0.0934 0.1050 0.1990 -0.0024 -0.0051 0.0080  31  LEU A N   
215 C CA  . LEU A 31 ? 0.0832 0.1009 0.2242 -0.0010 0.0086  -0.0033 31  LEU A CA  
216 C C   . LEU A 31 ? 0.0813 0.1230 0.2056 -0.0015 -0.0086 0.0000  31  LEU A C   
217 O O   . LEU A 31 ? 0.1391 0.1715 0.2239 -0.0532 -0.0087 0.0191  31  LEU A O   
218 C CB  . LEU A 31 ? 0.0943 0.1225 0.2807 -0.0198 0.0226  0.0098  31  LEU A CB  
219 C CG  . LEU A 31 ? 0.1166 0.1782 0.4141 -0.0029 0.0541  -0.0360 31  LEU A CG  
220 C CD1 . LEU A 31 ? 0.1943 0.2449 0.3859 0.0018  0.0264  -0.0796 31  LEU A CD1 
221 C CD2 . LEU A 31 ? 0.2477 0.2261 0.6156 -0.0289 0.1515  0.0257  31  LEU A CD2 
222 N N   . THR A 32 ? 0.0992 0.1127 0.2345 0.0010  -0.0060 -0.0082 32  THR A N   
223 C CA  . THR A 32 ? 0.0823 0.1032 0.2821 -0.0053 0.0040  0.0071  32  THR A CA  
224 C C   . THR A 32 ? 0.0899 0.1148 0.2222 -0.0074 0.0107  -0.0057 32  THR A C   
225 O O   . THR A 32 ? 0.1290 0.1489 0.2227 0.0277  0.0130  0.0061  32  THR A O   
226 C CB  . THR A 32 ? 0.1028 0.1136 0.3410 0.0073  -0.0235 0.0015  32  THR A CB  
227 O OG1 . THR A 32 ? 0.1013 0.1417 0.3770 -0.0013 -0.0045 -0.0117 32  THR A OG1 
228 C CG2 . THR A 32 ? 0.1265 0.1355 0.4739 -0.0396 -0.0300 0.0247  32  THR A CG2 
229 N N   . LEU A 33 ? 0.1247 0.1111 0.2308 0.0036  0.0292  0.0050  33  LEU A N   
230 C CA  . LEU A 33 ? 0.1089 0.0949 0.2556 0.0082  0.0251  0.0124  33  LEU A CA  
231 C C   . LEU A 33 ? 0.0987 0.1033 0.2691 0.0030  0.0317  0.0151  33  LEU A C   
232 O O   . LEU A 33 ? 0.1350 0.1382 0.3836 -0.0300 0.0795  -0.0156 33  LEU A O   
233 C CB  . LEU A 33 ? 0.1595 0.1496 0.2233 0.0270  0.0348  0.0047  33  LEU A CB  
234 C CG  . LEU A 33 ? 0.1811 0.1697 0.2094 0.0433  0.0302  0.0114  33  LEU A CG  
235 C CD1 . LEU A 33 ? 0.1373 0.1879 0.2498 0.0154  0.0139  0.0194  33  LEU A CD1 
236 C CD2 . LEU A 33 ? 0.2484 0.2282 0.2102 0.0647  0.0409  0.0167  33  LEU A CD2 
237 N N   . LEU A 34 ? 0.1052 0.0941 0.2577 0.0027  0.0012  -0.0002 34  LEU A N   
238 C CA  . LEU A 34 ? 0.1194 0.1209 0.2337 -0.0024 -0.0043 -0.0102 34  LEU A CA  
239 C C   . LEU A 34 ? 0.1223 0.0983 0.2738 -0.0120 0.0095  -0.0075 34  LEU A C   
240 O O   . LEU A 34 ? 0.1529 0.1224 0.3441 -0.0281 -0.0121 0.0175  34  LEU A O   
241 C CB  . LEU A 34 ? 0.1491 0.1406 0.2668 -0.0013 -0.0433 -0.0300 34  LEU A CB  
242 C CG  . LEU A 34 ? 0.1769 0.2237 0.2913 -0.0171 -0.0316 0.0094  34  LEU A CG  
243 C CD1 . LEU A 34 ? 0.2790 0.2608 0.2907 0.0156  -0.0484 0.0122  34  LEU A CD1 
244 C CD2 . LEU A 34 ? 0.1752 0.2917 0.4054 0.0271  -0.0490 0.0362  34  LEU A CD2 
245 N N   . ASN A 35 ? 0.1200 0.1085 0.2348 0.0015  0.0120  -0.0019 35  ASN A N   
246 C CA  . ASN A 35 ? 0.1354 0.1050 0.2186 0.0118  0.0096  -0.0021 35  ASN A CA  
247 C C   . ASN A 35 ? 0.1215 0.0836 0.2004 0.0034  0.0138  -0.0008 35  ASN A C   
248 O O   . ASN A 35 ? 0.1393 0.1417 0.2048 -0.0200 0.0094  0.0288  35  ASN A O   
249 C CB  . ASN A 35 ? 0.1544 0.1147 0.2281 0.0082  0.0002  -0.0232 35  ASN A CB  
250 C CG  . ASN A 35 ? 0.1557 0.0891 0.2267 0.0071  0.0061  -0.0081 35  ASN A CG  
251 O OD1 . ASN A 35 ? 0.2012 0.1199 0.2260 0.0442  -0.0192 -0.0257 35  ASN A OD1 
252 N ND2 . ASN A 35 ? 0.1992 0.1114 0.3376 0.0116  -0.0352 -0.0239 35  ASN A ND2 
253 N N   . SER A 36 ? 0.1384 0.1022 0.1955 0.0078  0.0249  0.0020  36  SER A N   
254 C CA  . SER A 36 ? 0.1487 0.1094 0.1798 0.0170  0.0190  -0.0026 36  SER A CA  
255 C C   . SER A 36 ? 0.1496 0.1218 0.1706 0.0159  0.0201  -0.0068 36  SER A C   
256 O O   . SER A 36 ? 0.2203 0.1330 0.1904 0.0273  0.0009  -0.0136 36  SER A O   
257 C CB  . SER A 36 ? 0.2121 0.1207 0.2080 0.0390  0.0352  -0.0096 36  SER A CB  
258 O OG  . SER A 36 ? 0.2236 0.2168 0.2467 0.0243  0.0842  -0.0113 36  SER A OG  
259 N N   . THR A 37 ? 0.1542 0.0896 0.1854 0.0149  0.0349  0.0013  37  THR A N   
260 C CA  . THR A 37 ? 0.1630 0.1124 0.1997 0.0106  0.0302  0.0047  37  THR A CA  
261 C C   . THR A 37 ? 0.1582 0.1013 0.1901 0.0224  0.0111  0.0186  37  THR A C   
262 O O   . THR A 37 ? 0.1907 0.1869 0.2292 0.0389  0.0134  0.0500  37  THR A O   
263 C CB  . THR A 37 ? 0.1701 0.1009 0.2094 0.0019  0.0307  0.0046  37  THR A CB  
264 O OG1 . THR A 37 ? 0.1728 0.0980 0.1982 0.0130  0.0323  -0.0012 37  THR A OG1 
265 C CG2 . THR A 37 ? 0.1781 0.1439 0.2910 -0.0131 0.0558  0.0140  37  THR A CG2 
266 N N   . ASN A 38 ? 0.1380 0.0998 0.2056 0.0080  0.0187  0.0061  38  ASN A N   
267 C CA  . ASN A 38 ? 0.1516 0.0888 0.2063 0.0156  0.0027  0.0037  38  ASN A CA  
268 C C   . ASN A 38 ? 0.1725 0.1152 0.1981 0.0109  -0.0219 0.0257  38  ASN A C   
269 O O   . ASN A 38 ? 0.2115 0.1230 0.2162 0.0302  -0.0194 -0.0236 38  ASN A O   
270 C CB  . ASN A 38 ? 0.1303 0.0941 0.1945 0.0072  -0.0010 -0.0110 38  ASN A CB  
271 C CG  . ASN A 38 ? 0.1268 0.0836 0.2153 0.0013  -0.0024 -0.0154 38  ASN A CG  
272 O OD1 . ASN A 38 ? 0.1569 0.1099 0.2828 0.0123  0.0100  -0.0183 38  ASN A OD1 
273 N ND2 . ASN A 38 ? 0.1163 0.0738 0.2313 -0.0025 -0.0014 -0.0144 38  ASN A ND2 
274 N N   . LYS A 39 ? 0.2193 0.1256 0.2048 0.0017  -0.0427 0.0262  39  LYS A N   
275 C CA  . LYS A 39 ? 0.2756 0.1607 0.2045 -0.0344 -0.0767 0.0346  39  LYS A CA  
276 C C   . LYS A 39 ? 0.2146 0.1296 0.1837 0.0133  -0.0529 -0.0037 39  LYS A C   
277 O O   . LYS A 39 ? 0.2884 0.1490 0.1942 0.0269  -0.0312 -0.0014 39  LYS A O   
278 C CB  . LYS A 39 ? 0.3764 0.2591 0.3088 -0.0896 -0.1357 0.0582  39  LYS A CB  
279 C CG  . LYS A 39 ? 0.3824 0.3899 0.4192 0.0495  -0.0201 0.1729  39  LYS A CG  
280 C CD  . LYS A 39 ? 0.3651 0.4032 0.3972 0.0057  -0.1071 0.0601  39  LYS A CD  
281 C CE  . LYS A 39 ? 0.4696 0.5538 0.4820 0.0329  -0.0827 0.0559  39  LYS A CE  
282 N NZ  . LYS A 39 ? 0.4497 0.6442 0.4937 0.0091  -0.2227 0.1147  39  LYS A NZ  
283 N N   . ASP A 40 ? 0.1787 0.1088 0.1853 0.0087  -0.0516 0.0049  40  ASP A N   
284 C CA  . ASP A 40 ? 0.1439 0.1092 0.1919 0.0012  -0.0439 0.0032  40  ASP A CA  
285 C C   . ASP A 40 ? 0.1242 0.0883 0.1784 0.0043  -0.0219 -0.0146 40  ASP A C   
286 O O   . ASP A 40 ? 0.1647 0.0857 0.1844 -0.0028 -0.0266 -0.0139 40  ASP A O   
287 C CB  . ASP A 40 ? 0.1353 0.1685 0.2726 0.0060  -0.0463 0.0225  40  ASP A CB  
288 C CG  . ASP A 40 ? 0.1822 0.1525 0.3753 0.0034  -0.0642 -0.0113 40  ASP A CG  
289 O OD1 . ASP A 40 ? 0.2813 0.2500 0.4276 0.0181  -0.1842 -0.0309 40  ASP A OD1 
290 O OD2 . ASP A 40 ? 0.2500 0.2301 0.5406 0.0672  -0.1767 0.0001  40  ASP A OD2 
291 N N   . TRP A 41 ? 0.1172 0.0907 0.1680 -0.0025 -0.0174 -0.0038 41  TRP A N   
292 C CA  . TRP A 41 ? 0.1021 0.1042 0.1556 -0.0064 -0.0139 -0.0057 41  TRP A CA  
293 C C   . TRP A 41 ? 0.1191 0.0931 0.1401 -0.0013 -0.0067 0.0008  41  TRP A C   
294 O O   . TRP A 41 ? 0.1170 0.0981 0.2129 -0.0027 0.0060  0.0113  41  TRP A O   
295 C CB  . TRP A 41 ? 0.1187 0.1218 0.1729 -0.0116 0.0161  -0.0222 41  TRP A CB  
296 C CG  . TRP A 41 ? 0.1213 0.1324 0.1669 -0.0081 0.0044  -0.0369 41  TRP A CG  
297 C CD1 . TRP A 41 ? 0.1220 0.1607 0.2249 -0.0012 0.0015  -0.0312 41  TRP A CD1 
298 C CD2 . TRP A 41 ? 0.1300 0.1312 0.1640 -0.0187 0.0100  -0.0335 41  TRP A CD2 
299 N NE1 . TRP A 41 ? 0.1075 0.1951 0.2557 -0.0050 -0.0037 -0.0247 41  TRP A NE1 
300 C CE2 . TRP A 41 ? 0.1157 0.1788 0.2061 -0.0198 -0.0071 -0.0282 41  TRP A CE2 
301 C CE3 . TRP A 41 ? 0.1569 0.1323 0.1566 -0.0005 0.0053  -0.0325 41  TRP A CE3 
302 C CZ2 . TRP A 41 ? 0.1611 0.1875 0.2614 -0.0495 0.0355  -0.0105 41  TRP A CZ2 
303 C CZ3 . TRP A 41 ? 0.2400 0.1490 0.1821 -0.0126 0.0333  -0.0183 41  TRP A CZ3 
304 C CH2 . TRP A 41 ? 0.1962 0.1713 0.2414 -0.0321 0.0486  -0.0151 41  TRP A CH2 
305 N N   . TRP A 42 ? 0.1096 0.0979 0.1424 0.0031  -0.0028 -0.0026 42  TRP A N   
306 C CA  . TRP A 42 ? 0.1026 0.1004 0.1281 0.0035  0.0010  0.0025  42  TRP A CA  
307 C C   . TRP A 42 ? 0.1197 0.0923 0.1307 0.0000  0.0089  -0.0083 42  TRP A C   
308 O O   . TRP A 42 ? 0.1383 0.1354 0.1322 -0.0258 -0.0142 0.0065  42  TRP A O   
309 C CB  . TRP A 42 ? 0.1408 0.1144 0.1307 0.0112  0.0021  -0.0084 42  TRP A CB  
310 C CG  . TRP A 42 ? 0.1307 0.1076 0.1471 -0.0071 -0.0005 0.0110  42  TRP A CG  
311 C CD1 . TRP A 42 ? 0.1521 0.1194 0.1419 -0.0013 -0.0098 0.0115  42  TRP A CD1 
312 C CD2 . TRP A 42 ? 0.1573 0.1176 0.1345 -0.0036 0.0081  -0.0086 42  TRP A CD2 
313 N NE1 . TRP A 42 ? 0.1795 0.1319 0.1609 0.0038  -0.0145 0.0140  42  TRP A NE1 
314 C CE2 . TRP A 42 ? 0.1875 0.1381 0.1391 -0.0121 -0.0019 0.0022  42  TRP A CE2 
315 C CE3 . TRP A 42 ? 0.2004 0.1585 0.1571 -0.0048 0.0185  -0.0415 42  TRP A CE3 
316 C CZ2 . TRP A 42 ? 0.2493 0.2107 0.1496 0.0253  0.0048  -0.0171 42  TRP A CZ2 
317 C CZ3 . TRP A 42 ? 0.2648 0.2030 0.1822 0.0305  0.0107  -0.0250 42  TRP A CZ3 
318 C CH2 . TRP A 42 ? 0.2946 0.2807 0.1705 0.0623  0.0448  -0.0393 42  TRP A CH2 
319 N N   . LYS A 43 ? 0.0994 0.0992 0.1643 -0.0040 -0.0031 -0.0062 43  LYS A N   
320 C CA  . LYS A 43 ? 0.1049 0.1184 0.1606 0.0073  -0.0126 -0.0159 43  LYS A CA  
321 C C   . LYS A 43 ? 0.1012 0.1215 0.1539 -0.0105 -0.0013 -0.0187 43  LYS A C   
322 O O   . LYS A 43 ? 0.1085 0.1276 0.1808 0.0019  0.0146  0.0005  43  LYS A O   
323 C CB  . LYS A 43 ? 0.1411 0.1173 0.1984 -0.0048 -0.0241 -0.0428 43  LYS A CB  
324 C CG  . LYS A 43 ? 0.2595 0.1790 0.2216 -0.0418 -0.0445 -0.0546 43  LYS A CG  
325 C CD  . LYS A 43 ? 0.3180 0.2920 0.2736 -0.0458 -0.0882 -0.0761 43  LYS A CD  
326 C CE  . LYS A 43 ? 0.4226 0.6131 0.4605 -0.0852 -0.0589 0.0449  43  LYS A CE  
327 N NZ  . LYS A 43 ? 0.6022 0.4570 0.8515 -0.1526 -0.2213 -0.0201 43  LYS A NZ  
328 N N   . VAL A 44 ? 0.1052 0.1217 0.1674 0.0064  -0.0090 0.0003  44  VAL A N   
329 C CA  . VAL A 44 ? 0.0970 0.1234 0.1975 0.0130  -0.0102 -0.0046 44  VAL A CA  
330 C C   . VAL A 44 ? 0.1014 0.1618 0.2061 0.0018  -0.0094 0.0024  44  VAL A C   
331 O O   . VAL A 44 ? 0.1351 0.2455 0.2001 0.0446  -0.0083 0.0088  44  VAL A O   
332 C CB  . VAL A 44 ? 0.1195 0.1337 0.2099 0.0139  0.0024  -0.0071 44  VAL A CB  
333 C CG1 . VAL A 44 ? 0.1576 0.1504 0.2062 -0.0106 -0.0086 -0.0200 44  VAL A CG1 
334 C CG2 . VAL A 44 ? 0.1649 0.1450 0.2402 -0.0191 0.0335  0.0199  44  VAL A CG2 
335 N N   . GLU A 45 ? 0.1166 0.2015 0.2417 0.0325  -0.0093 0.0075  45  GLU A N   
336 C CA  . GLU A 45 ? 0.1468 0.2458 0.2519 0.0284  -0.0584 0.0611  45  GLU A CA  
337 C C   . GLU A 45 ? 0.1493 0.2475 0.2581 0.0385  -0.0158 0.0862  45  GLU A C   
338 O O   . GLU A 45 ? 0.2273 0.2415 0.2679 0.0657  0.0193  0.0555  45  GLU A O   
339 C CB  . GLU A 45 ? 0.1712 0.3129 0.3035 0.0234  -0.0688 0.0143  45  GLU A CB  
340 C CG  . GLU A 45 ? 0.1871 0.3156 0.3852 0.0207  -0.0802 -0.0324 45  GLU A CG  
341 C CD  . GLU A 45 ? 0.2122 0.4175 0.4513 -0.0206 -0.0032 -0.0940 45  GLU A CD  
342 O OE1 . GLU A 45 ? 0.2308 0.4399 0.5177 -0.0276 -0.0088 -0.0996 45  GLU A OE1 
343 O OE2 . GLU A 45 ? 0.3704 0.3936 0.4983 -0.0680 -0.0841 -0.1186 45  GLU A OE2 
344 N N   . VAL A 46 ? 0.2495 0.2560 0.2672 0.1053  0.0109  0.0614  46  VAL A N   
345 C CA  . VAL A 46 ? 0.3222 0.3523 0.2890 0.0806  -0.0077 0.0920  46  VAL A CA  
346 C C   . VAL A 46 ? 0.3327 0.3670 0.3197 0.1677  -0.0062 0.0669  46  VAL A C   
347 O O   . VAL A 46 ? 0.3978 0.4173 0.3157 0.0850  0.0461  0.1295  46  VAL A O   
348 C CB  . VAL A 46 ? 0.4564 0.3133 0.4066 0.0525  -0.0321 0.0785  46  VAL A CB  
349 C CG1 . VAL A 46 ? 0.5198 0.4508 0.4470 -0.0329 0.0426  0.1159  46  VAL A CG1 
350 C CG2 . VAL A 46 ? 0.5806 0.3823 0.5055 -0.0096 0.0074  0.0906  46  VAL A CG2 
351 N N   . ASN A 47 ? 0.4185 0.4567 0.4472 0.1385  -0.0027 0.0518  47  ASN A N   
352 C CA  . ASN A 47 ? 0.3902 0.4890 0.5261 0.1345  -0.0332 0.0265  47  ASN A CA  
353 C C   . ASN A 47 ? 0.3914 0.5499 0.5477 0.1022  -0.0477 0.0291  47  ASN A C   
354 O O   . ASN A 47 ? 0.4312 0.5907 0.6062 0.1003  -0.0316 0.0649  47  ASN A O   
355 C CB  . ASN A 47 ? 0.4690 0.4988 0.5415 0.0999  -0.0562 0.0349  47  ASN A CB  
356 C CG  . ASN A 47 ? 0.6321 0.5717 0.7030 0.0492  -0.0416 -0.0086 47  ASN A CG  
357 O OD1 . ASN A 47 ? 0.8062 0.7357 0.7645 0.0222  0.0023  -0.0250 47  ASN A OD1 
358 N ND2 . ASN A 47 ? 0.6003 0.6970 0.7314 0.0590  -0.0332 0.0220  47  ASN A ND2 
359 N N   . ASP A 48 ? 0.3509 0.5299 0.5026 0.1628  -0.1203 0.0438  48  ASP A N   
360 C CA  . ASP A 48 ? 0.4270 0.5841 0.5310 0.0915  -0.0734 0.0127  48  ASP A CA  
361 C C   . ASP A 48 ? 0.3077 0.5618 0.4439 0.0803  -0.0973 -0.0016 48  ASP A C   
362 O O   . ASP A 48 ? 0.3707 0.5913 0.5111 0.0443  -0.0955 -0.0525 48  ASP A O   
363 C CB  . ASP A 48 ? 0.4575 0.6266 0.5383 0.0870  -0.1156 0.0505  48  ASP A CB  
364 C CG  . ASP A 48 ? 0.6529 0.7840 0.7631 0.0786  -0.0357 0.0319  48  ASP A CG  
365 O OD1 . ASP A 48 ? 0.8372 0.9255 0.7951 0.0201  -0.0360 0.0671  48  ASP A OD1 
366 O OD2 . ASP A 48 ? 0.8688 0.9159 0.8919 0.1101  -0.0505 0.0733  48  ASP A OD2 
367 N N   . ARG A 49 ? 0.2719 0.4913 0.3622 0.1084  -0.0884 0.0644  49  ARG A N   
368 C CA  . ARG A 49 ? 0.2445 0.4988 0.2973 0.0936  -0.0749 0.0509  49  ARG A CA  
369 C C   . ARG A 49 ? 0.2404 0.4017 0.2333 0.0944  -0.0761 0.0143  49  ARG A C   
370 O O   . ARG A 49 ? 0.3243 0.4068 0.2631 0.0840  -0.0313 0.0152  49  ARG A O   
371 C CB  . ARG A 49 ? 0.3336 0.4820 0.3426 0.0717  -0.0491 0.1108  49  ARG A CB  
372 C CG  . ARG A 49 ? 0.5340 0.6450 0.5984 0.0197  0.0198  0.0082  49  ARG A CG  
373 C CD  . ARG A 49 ? 0.6928 0.7902 0.7498 -0.0047 0.0543  0.0012  49  ARG A CD  
374 N NE  . ARG A 49 ? 0.7096 0.7948 0.6940 -0.0018 0.0621  -0.0228 49  ARG A NE  
375 C CZ  . ARG A 49 ? 0.7031 0.7508 0.6816 -0.0847 -0.0208 -0.0013 49  ARG A CZ  
376 N NH1 . ARG A 49 ? 0.7869 0.7356 0.8130 -0.0486 -0.0295 0.0071  49  ARG A NH1 
377 N NH2 . ARG A 49 ? 0.7214 0.6536 0.2827 -0.1275 -0.1323 -0.0322 49  ARG A NH2 
378 N N   . GLN A 50 ? 0.1933 0.3730 0.2497 0.0399  -0.0756 0.0006  50  GLN A N   
379 C CA  . GLN A 50 ? 0.1694 0.3156 0.2167 0.0117  -0.0715 0.0018  50  GLN A CA  
380 C C   . GLN A 50 ? 0.1520 0.2842 0.2035 0.0016  -0.0332 -0.0363 50  GLN A C   
381 O O   . GLN A 50 ? 0.1847 0.4173 0.2089 0.0111  -0.0680 -0.0414 50  GLN A O   
382 C CB  . GLN A 50 ? 0.1567 0.3538 0.3147 -0.0389 -0.0592 0.0036  50  GLN A CB  
383 C CG  . GLN A 50 ? 0.2180 0.3624 0.3255 0.0082  -0.0639 -0.0040 50  GLN A CG  
384 C CD  . GLN A 50 ? 0.3099 0.4437 0.5809 -0.0151 -0.0244 -0.0671 50  GLN A CD  
385 O OE1 . GLN A 50 ? 0.3725 0.3803 0.6690 -0.0427 -0.0172 -0.1154 50  GLN A OE1 
386 N NE2 . GLN A 50 ? 0.2830 0.5501 0.5729 -0.0391 -0.0510 -0.0697 50  GLN A NE2 
387 N N   . GLY A 51 ? 0.1442 0.2113 0.1626 -0.0059 -0.0558 -0.0060 51  GLY A N   
388 C CA  . GLY A 51 ? 0.1154 0.2058 0.1608 0.0069  -0.0376 -0.0302 51  GLY A CA  
389 C C   . GLY A 51 ? 0.1269 0.1265 0.1179 -0.0105 -0.0237 -0.0058 51  GLY A C   
390 O O   . GLY A 51 ? 0.1276 0.1954 0.1405 0.0081  -0.0005 -0.0121 51  GLY A O   
391 N N   . PHE A 52 ? 0.1092 0.1022 0.1293 -0.0113 -0.0208 -0.0184 52  PHE A N   
392 C CA  . PHE A 52 ? 0.1100 0.1027 0.1298 -0.0181 -0.0217 -0.0119 52  PHE A CA  
393 C C   . PHE A 52 ? 0.1159 0.1047 0.1207 -0.0157 0.0005  -0.0274 52  PHE A C   
394 O O   . PHE A 52 ? 0.1571 0.1235 0.1192 -0.0318 0.0011  -0.0188 52  PHE A O   
395 C CB  . PHE A 52 ? 0.1196 0.1110 0.1609 0.0045  -0.0136 -0.0324 52  PHE A CB  
396 C CG  . PHE A 52 ? 0.1463 0.1174 0.1581 0.0153  -0.0283 -0.0289 52  PHE A CG  
397 C CD1 . PHE A 52 ? 0.1697 0.1218 0.2023 0.0158  0.0113  -0.0047 52  PHE A CD1 
398 C CD2 . PHE A 52 ? 0.3200 0.1058 0.1730 0.0151  -0.0443 -0.0302 52  PHE A CD2 
399 C CE1 . PHE A 52 ? 0.2160 0.1513 0.2544 0.0300  0.0022  0.0040  52  PHE A CE1 
400 C CE2 . PHE A 52 ? 0.4244 0.1222 0.2422 -0.0069 -0.0451 -0.0360 52  PHE A CE2 
401 C CZ  . PHE A 52 ? 0.3688 0.1224 0.2856 -0.0284 0.0133  -0.0053 52  PHE A CZ  
402 N N   . VAL A 53 ? 0.1184 0.1083 0.1125 -0.0217 -0.0072 -0.0202 53  VAL A N   
403 C CA  . VAL A 53 ? 0.1263 0.0979 0.1140 -0.0140 -0.0215 -0.0218 53  VAL A CA  
404 C C   . VAL A 53 ? 0.1167 0.0922 0.1066 -0.0138 0.0027  -0.0221 53  VAL A C   
405 O O   . VAL A 53 ? 0.1353 0.0857 0.1233 -0.0193 -0.0119 -0.0030 53  VAL A O   
406 C CB  . VAL A 53 ? 0.1473 0.1167 0.1346 0.0023  -0.0107 -0.0098 53  VAL A CB  
407 C CG1 . VAL A 53 ? 0.1873 0.1509 0.1710 0.0283  -0.0410 -0.0102 53  VAL A CG1 
408 C CG2 . VAL A 53 ? 0.1667 0.1687 0.1565 0.0436  -0.0092 -0.0232 53  VAL A CG2 
409 N N   . PRO A 54 ? 0.1174 0.0998 0.1183 -0.0289 -0.0206 -0.0100 54  PRO A N   
410 C CA  . PRO A 54 ? 0.1134 0.1170 0.1275 -0.0181 -0.0211 -0.0172 54  PRO A CA  
411 C C   . PRO A 54 ? 0.1239 0.0855 0.1271 -0.0073 -0.0349 -0.0148 54  PRO A C   
412 O O   . PRO A 54 ? 0.1490 0.0975 0.1292 0.0031  -0.0260 -0.0061 54  PRO A O   
413 C CB  . PRO A 54 ? 0.1362 0.1596 0.1560 -0.0401 -0.0255 0.0109  54  PRO A CB  
414 C CG  . PRO A 54 ? 0.1485 0.1817 0.1619 -0.0687 -0.0301 0.0123  54  PRO A CG  
415 C CD  . PRO A 54 ? 0.1420 0.1242 0.1483 -0.0485 -0.0183 0.0132  54  PRO A CD  
416 N N   . ALA A 55 ? 0.1465 0.0972 0.1233 -0.0037 -0.0215 -0.0023 55  ALA A N   
417 C CA  . ALA A 55 ? 0.1460 0.1180 0.1260 -0.0094 -0.0064 -0.0084 55  ALA A CA  
418 C C   . ALA A 55 ? 0.1355 0.1221 0.1207 0.0238  -0.0137 -0.0017 55  ALA A C   
419 O O   . ALA A 55 ? 0.1666 0.1520 0.1489 0.0137  0.0189  -0.0084 55  ALA A O   
420 C CB  . ALA A 55 ? 0.2207 0.1151 0.1653 -0.0038 -0.0073 0.0356  55  ALA A CB  
421 N N   . ALA A 56 ? 0.1368 0.1180 0.1258 0.0064  -0.0343 -0.0251 56  ALA A N   
422 C CA  . ALA A 56 ? 0.1483 0.1456 0.1663 0.0116  -0.0595 -0.0280 56  ALA A CA  
423 C C   . ALA A 56 ? 0.1295 0.1125 0.1478 -0.0033 -0.0301 -0.0400 56  ALA A C   
424 O O   . ALA A 56 ? 0.2279 0.1417 0.1829 0.0074  -0.0690 -0.0608 56  ALA A O   
425 C CB  . ALA A 56 ? 0.1671 0.1656 0.3134 0.0078  -0.1001 -0.0469 56  ALA A CB  
426 N N   . TYR A 57 ? 0.0997 0.1124 0.1255 -0.0036 -0.0207 -0.0249 57  TYR A N   
427 C CA  . TYR A 57 ? 0.1064 0.0822 0.1367 0.0034  -0.0095 -0.0078 57  TYR A CA  
428 C C   . TYR A 57 ? 0.1109 0.0940 0.1362 -0.0046 -0.0003 -0.0190 57  TYR A C   
429 O O   . TYR A 57 ? 0.1250 0.1095 0.1794 0.0195  0.0166  -0.0010 57  TYR A O   
430 C CB  . TYR A 57 ? 0.0963 0.1122 0.1441 -0.0065 0.0038  -0.0081 57  TYR A CB  
431 C CG  . TYR A 57 ? 0.1168 0.0924 0.1706 -0.0026 -0.0179 -0.0305 57  TYR A CG  
432 C CD1 . TYR A 57 ? 0.1310 0.1222 0.1280 -0.0173 -0.0054 -0.0213 57  TYR A CD1 
433 C CD2 . TYR A 57 ? 0.1164 0.1308 0.2037 -0.0209 -0.0077 0.0129  57  TYR A CD2 
434 C CE1 . TYR A 57 ? 0.1257 0.1418 0.1489 -0.0305 -0.0073 -0.0350 57  TYR A CE1 
435 C CE2 . TYR A 57 ? 0.1268 0.1609 0.2003 -0.0026 0.0045  0.0084  57  TYR A CE2 
436 C CZ  . TYR A 57 ? 0.1075 0.1352 0.1617 -0.0306 0.0025  -0.0201 57  TYR A CZ  
437 O OH  . TYR A 57 ? 0.1163 0.1963 0.2311 -0.0384 0.0137  -0.0206 57  TYR A OH  
438 N N   . VAL A 58 ? 0.1096 0.1102 0.1429 0.0005  0.0076  -0.0051 58  VAL A N   
439 C CA  . VAL A 58 ? 0.1127 0.1391 0.1556 0.0003  0.0155  0.0042  58  VAL A CA  
440 C C   . VAL A 58 ? 0.1373 0.1528 0.1500 0.0195  0.0019  0.0201  58  VAL A C   
441 O O   . VAL A 58 ? 0.1611 0.2284 0.1719 0.0367  0.0151  0.0267  58  VAL A O   
442 C CB  . VAL A 58 ? 0.1300 0.1456 0.1498 -0.0213 0.0021  0.0008  58  VAL A CB  
443 C CG1 . VAL A 58 ? 0.1730 0.1578 0.1721 -0.0237 -0.0058 -0.0273 58  VAL A CG1 
444 C CG2 . VAL A 58 ? 0.2158 0.1459 0.2904 -0.0412 -0.0754 0.0287  58  VAL A CG2 
445 N N   . LYS A 59 ? 0.1313 0.1878 0.1534 0.0157  0.0246  -0.0008 59  LYS A N   
446 C CA  . LYS A 59 ? 0.1422 0.2504 0.1375 -0.0182 0.0145  -0.0185 59  LYS A CA  
447 C C   . LYS A 59 ? 0.1404 0.2029 0.1451 -0.0058 0.0063  0.0169  59  LYS A C   
448 O O   . LYS A 59 ? 0.1478 0.2060 0.1771 -0.0110 -0.0039 0.0362  59  LYS A O   
449 C CB  . LYS A 59 ? 0.2150 0.3438 0.1859 -0.0640 0.0326  -0.0738 59  LYS A CB  
450 C CG  . LYS A 59 ? 0.3111 0.3755 0.2650 -0.0746 0.0275  -0.0806 59  LYS A CG  
451 C CD  . LYS A 59 ? 0.5011 0.3991 0.3881 -0.1247 0.0037  -0.1402 59  LYS A CD  
452 C CE  . LYS A 59 ? 0.6691 0.7123 0.5785 -0.0189 0.0409  -0.0648 59  LYS A CE  
453 N NZ  . LYS A 59 ? 0.7873 0.7220 0.8021 -0.0158 0.0019  -0.0223 59  LYS A NZ  
454 N N   . LYS A 60 ? 0.1572 0.2018 0.1899 0.0030  0.0283  0.0325  60  LYS A N   
455 C CA  . LYS A 60 ? 0.1808 0.2102 0.2256 0.0018  0.0229  0.0540  60  LYS A CA  
456 C C   . LYS A 60 ? 0.1857 0.2636 0.1658 0.0223  0.0282  0.0409  60  LYS A C   
457 O O   . LYS A 60 ? 0.2144 0.3590 0.1936 0.0203  0.0358  0.0031  60  LYS A O   
458 C CB  . LYS A 60 ? 0.2305 0.2386 0.3016 -0.0174 0.0274  0.0802  60  LYS A CB  
459 C CG  . LYS A 60 ? 0.3494 0.2567 0.3077 0.0420  0.0433  0.0630  60  LYS A CG  
460 C CD  . LYS A 60 ? 0.4971 0.2427 0.4350 0.0755  0.0147  0.0685  60  LYS A CD  
461 C CE  . LYS A 60 ? 0.5680 0.3638 0.4892 0.0431  0.0038  0.1037  60  LYS A CE  
462 N NZ  . LYS A 60 ? 0.6944 0.4900 0.5763 0.0041  0.0385  0.2013  60  LYS A NZ  
463 N N   . LEU A 61 ? 0.1516 0.2901 0.2349 0.0074  0.0396  0.0403  61  LEU A N   
464 C CA  . LEU A 61 ? 0.1888 0.3530 0.2165 0.0402  0.0845  0.0402  61  LEU A CA  
465 C C   . LEU A 61 ? 0.2366 0.5017 0.4052 0.0146  0.0989  0.0095  61  LEU A C   
466 O O   . LEU A 61 ? 0.3958 0.5423 0.5260 -0.0584 0.1253  0.0676  61  LEU A O   
467 C CB  . LEU A 61 ? 0.1875 0.3376 0.2982 0.0393  0.0367  0.0197  61  LEU A CB  
468 C CG  . LEU A 61 ? 0.2293 0.3152 0.2342 -0.0090 0.0316  0.0270  61  LEU A CG  
469 C CD1 . LEU A 61 ? 0.2762 0.3309 0.2950 0.0206  -0.0019 0.0625  61  LEU A CD1 
470 C CD2 . LEU A 61 ? 0.3734 0.4168 0.2895 -0.0937 -0.0035 0.0035  61  LEU A CD2 
471 N N   . ASP A 62 ? 0.3507 0.5781 0.4250 -0.0386 0.1627  0.1056  62  ASP A N   
472 C CA  . ASP A 62 ? 0.5197 0.6399 0.5769 -0.0246 0.1014  0.0563  62  ASP A CA  
473 C C   . ASP A 62 ? 0.5928 0.6746 0.6529 -0.0164 0.0654  0.0625  62  ASP A C   
474 O O   . ASP A 62 ? 0.6469 0.7046 0.7044 -0.0142 0.0300  0.0258  62  ASP A O   
475 C CB  . ASP A 62 ? 0.5681 0.6886 0.6516 -0.0095 0.0716  0.0464  62  ASP A CB  
476 C CG  . ASP A 62 ? 0.7157 0.7757 0.7881 -0.0055 0.0402  0.0300  62  ASP A CG  
477 O OD1 . ASP A 62 ? 0.8445 0.8368 0.9505 -0.0288 0.0134  -0.0107 62  ASP A OD1 
478 O OD2 . ASP A 62 ? 0.8268 0.8297 0.9735 0.0578  0.0474  0.0519  62  ASP A OD2 
479 O OXT . ASP A 62 ? 0.6377 0.6979 0.6803 -0.0025 0.0610  0.0883  62  ASP A OXT 
480 C C   . FMT B .  ? 0.5403 0.4595 0.4444 0.0143  -0.0189 -0.0080 63  FMT A C   
481 O O1  . FMT B .  ? 0.5285 0.4781 0.4750 0.0235  0.0002  -0.0175 63  FMT A O1  
482 O O2  . FMT B .  ? 0.6520 0.5930 0.5012 -0.0159 -0.0304 -0.0034 63  FMT A O2  
483 O O   . HOH C .  ? 0.2018 0.1229 0.2596 -0.0774 0.0802  -0.0579 64  HOH A O   
484 O O   . HOH C .  ? 0.1316 0.1792 0.1801 -0.0424 -0.0118 -0.0227 65  HOH A O   
485 O O   . HOH C .  ? 0.2600 0.2275 0.3742 0.0344  -0.0599 0.0223  66  HOH A O   
486 O O   . HOH C .  ? 0.1422 0.1368 0.2577 -0.0050 -0.0092 0.0423  67  HOH A O   
487 O O   . HOH C .  ? 0.1905 0.1786 0.2778 0.0322  -0.0436 -0.0332 68  HOH A O   
488 O O   . HOH C .  ? 0.3037 0.2473 0.4147 -0.0577 0.1422  0.0359  69  HOH A O   
489 O O   . HOH C .  ? 0.1273 0.2423 0.2953 -0.0353 -0.0172 -0.0587 70  HOH A O   
490 O O   . HOH C .  ? 0.5743 0.3613 0.3217 -0.2264 0.0002  0.0332  71  HOH A O   
491 O O   . HOH C .  ? 0.3600 0.1850 0.2922 -0.0151 0.0148  -0.0856 72  HOH A O   
492 O O   . HOH C .  ? 0.1989 0.2620 0.2866 -0.0335 -0.0022 0.0130  73  HOH A O   
493 O O   . HOH C .  ? 0.2200 0.3548 0.3771 0.0697  -0.0227 -0.0084 74  HOH A O   
494 O O   . HOH C .  ? 0.2349 0.2010 0.3680 -0.0166 -0.0397 -0.0742 75  HOH A O   
495 O O   . HOH C .  ? 0.6259 0.9147 0.4513 -0.2607 -0.0606 -0.2597 76  HOH A O   
496 O O   . HOH C .  ? 0.3905 0.4351 0.2980 -0.1287 -0.0730 -0.0554 77  HOH A O   
497 O O   . HOH C .  ? 0.5216 0.5529 0.2979 0.0929  -0.0469 0.1395  78  HOH A O   
498 O O   . HOH C .  ? 0.2350 0.3044 0.6221 0.0152  0.0989  -0.0622 79  HOH A O   
499 O O   . HOH C .  ? 0.3525 0.3837 0.3220 0.1254  -0.0290 -0.1350 80  HOH A O   
500 O O   . HOH C .  ? 0.3615 0.2287 0.4679 -0.0785 -0.0126 -0.0589 81  HOH A O   
501 O O   . HOH C .  ? 0.3578 0.4864 0.4925 0.1006  -0.1112 0.0823  82  HOH A O   
502 O O   . HOH C .  ? 0.6540 0.3763 0.3713 0.1761  -0.0611 0.0572  83  HOH A O   
503 O O   . HOH C .  ? 0.4126 0.2613 0.5284 -0.0033 0.0607  0.1145  84  HOH A O   
504 O O   . HOH C .  ? 0.5929 0.6302 0.3275 0.0180  -0.0498 0.0108  85  HOH A O   
505 O O   . HOH C .  ? 0.4725 0.3449 0.6995 0.0623  0.1222  0.0396  86  HOH A O   
506 O O   . HOH C .  ? 0.5970 0.4560 0.4406 0.0085  -0.2172 0.0497  87  HOH A O   
507 O O   . HOH C .  ? 0.4327 0.6099 0.3926 0.0381  0.0567  0.1439  88  HOH A O   
508 O O   . HOH C .  ? 0.3788 0.5580 0.3590 -0.0852 0.0181  -0.1106 89  HOH A O   
509 O O   . HOH C .  ? 0.6715 0.3140 0.3980 0.0066  -0.2328 -0.0269 90  HOH A O   
510 O O   . HOH C .  ? 0.1737 0.4414 0.5374 -0.0641 -0.0543 0.0311  91  HOH A O   
511 O O   . HOH C .  ? 0.4749 0.5351 0.2334 0.2752  -0.0214 -0.0101 92  HOH A O   
512 O O   . HOH C .  ? 0.3718 0.3408 0.5004 -0.0215 0.0399  -0.1071 93  HOH A O   
513 O O   . HOH C .  ? 0.3837 0.3352 0.6750 0.0747  0.0300  0.0571  94  HOH A O   
514 O O   . HOH C .  ? 0.6920 0.4490 0.5115 0.0257  -0.1341 -0.1042 95  HOH A O   
515 O O   . HOH C .  ? 0.5118 0.5071 0.3110 0.1035  0.0751  0.0034  96  HOH A O   
516 O O   . HOH C .  ? 0.4155 0.5386 0.3098 -0.1124 -0.0377 -0.0426 97  HOH A O   
517 O O   . HOH C .  ? 0.3196 0.4918 0.7465 0.0356  -0.0537 -0.0877 98  HOH A O   
518 O O   . HOH C .  ? 0.3609 0.3646 0.3433 -0.0830 0.0199  -0.1313 99  HOH A O   
519 O O   . HOH C .  ? 0.2038 0.3353 0.3379 0.0502  0.0217  -0.0796 100 HOH A O   
520 O O   . HOH C .  ? 0.6176 0.4334 0.3376 0.0052  -0.0738 -0.0226 101 HOH A O   
521 O O   . HOH C .  ? 0.4732 0.8930 0.2976 -0.0864 0.0026  -0.0082 102 HOH A O   
522 O O   . HOH C .  ? 0.6685 0.2673 0.5526 0.0079  -0.0366 0.0641  103 HOH A O   
523 O O   . HOH C .  ? 0.4232 0.6376 0.4228 -0.1647 -0.2108 0.0162  104 HOH A O   
524 O O   . HOH C .  ? 0.3851 0.4143 0.3453 -0.0960 0.0010  0.0061  105 HOH A O   
# 
loop_
_pdbx_poly_seq_scheme.asym_id 
_pdbx_poly_seq_scheme.entity_id 
_pdbx_poly_seq_scheme.seq_id 
_pdbx_poly_seq_scheme.mon_id 
_pdbx_poly_seq_scheme.ndb_seq_num 
_pdbx_poly_seq_scheme.pdb_seq_num 
_pdbx_poly_seq_scheme.auth_seq_num 
_pdbx_poly_seq_scheme.pdb_mon_id 
_pdbx_poly_seq_scheme.auth_mon_id 
_pdbx_poly_seq_scheme.pdb_strand_id 
_pdbx_poly_seq_scheme.pdb_ins_code 
_pdbx_poly_seq_scheme.hetero 
A 1 1  MET 1  1  ?  ?   ?   A . n 
A 1 2  ASP 2  2  ?  ?   ?   A . n 
A 1 3  GLU 3  3  ?  ?   ?   A . n 
A 1 4  THR 4  4  ?  ?   ?   A . n 
A 1 5  GLY 5  5  5  GLY GLY A . n 
A 1 6  LYS 6  6  6  LYS LYS A . n 
A 1 7  GLU 7  7  7  GLU GLU A . n 
A 1 8  LEU 8  8  8  LEU LEU A . n 
A 1 9  VAL 9  9  9  VAL VAL A . n 
A 1 10 LEU 10 10 10 LEU LEU A . n 
A 1 11 ALA 11 11 11 ALA ALA A . n 
A 1 12 LEU 12 12 12 LEU LEU A . n 
A 1 13 TYR 13 13 13 TYR TYR A . n 
A 1 14 ASP 14 14 14 ASP ASP A . n 
A 1 15 TYR 15 15 15 TYR TYR A . n 
A 1 16 GLN 16 16 16 GLN GLN A . n 
A 1 17 GLU 17 17 17 GLU GLU A . n 
A 1 18 LYS 18 18 18 LYS LYS A . n 
A 1 19 SER 19 19 19 SER SER A . n 
A 1 20 PRO 20 20 20 PRO PRO A . n 
A 1 21 ASP 21 21 21 ASP ASP A . n 
A 1 22 GLU 22 22 22 GLU GLU A . n 
A 1 23 VAL 23 23 23 VAL VAL A . n 
A 1 24 THR 24 24 24 THR THR A . n 
A 1 25 MET 25 25 25 MET MET A . n 
A 1 26 LYS 26 26 26 LYS LYS A . n 
A 1 27 LYS 27 27 27 LYS LYS A . n 
A 1 28 GLY 28 28 28 GLY GLY A . n 
A 1 29 ASP 29 29 29 ASP ASP A . n 
A 1 30 ILE 30 30 30 ILE ILE A . n 
A 1 31 LEU 31 31 31 LEU LEU A . n 
A 1 32 THR 32 32 32 THR THR A . n 
A 1 33 LEU 33 33 33 LEU LEU A . n 
A 1 34 LEU 34 34 34 LEU LEU A . n 
A 1 35 ASN 35 35 35 ASN ASN A . n 
A 1 36 SER 36 36 36 SER SER A . n 
A 1 37 THR 37 37 37 THR THR A . n 
A 1 38 ASN 38 38 38 ASN ASN A . n 
A 1 39 LYS 39 39 39 LYS LYS A . n 
A 1 40 ASP 40 40 40 ASP ASP A . n 
A 1 41 TRP 41 41 41 TRP TRP A . n 
A 1 42 TRP 42 42 42 TRP TRP A . n 
A 1 43 LYS 43 43 43 LYS LYS A . n 
A 1 44 VAL 44 44 44 VAL VAL A . n 
A 1 45 GLU 45 45 45 GLU GLU A . n 
A 1 46 VAL 46 46 46 VAL VAL A . n 
A 1 47 ASN 47 47 47 ASN ASN A . n 
A 1 48 ASP 48 48 48 ASP ASP A . n 
A 1 49 ARG 49 49 49 ARG ARG A . n 
A 1 50 GLN 50 50 50 GLN GLN A . n 
A 1 51 GLY 51 51 51 GLY GLY A . n 
A 1 52 PHE 52 52 52 PHE PHE A . n 
A 1 53 VAL 53 53 53 VAL VAL A . n 
A 1 54 PRO 54 54 54 PRO PRO A . n 
A 1 55 ALA 55 55 55 ALA ALA A . n 
A 1 56 ALA 56 56 56 ALA ALA A . n 
A 1 57 TYR 57 57 57 TYR TYR A . n 
A 1 58 VAL 58 58 58 VAL VAL A . n 
A 1 59 LYS 59 59 59 LYS LYS A . n 
A 1 60 LYS 60 60 60 LYS LYS A . n 
A 1 61 LEU 61 61 61 LEU LEU A . n 
A 1 62 ASP 62 62 62 ASP ASP A . n 
# 
loop_
_pdbx_nonpoly_scheme.asym_id 
_pdbx_nonpoly_scheme.entity_id 
_pdbx_nonpoly_scheme.mon_id 
_pdbx_nonpoly_scheme.ndb_seq_num 
_pdbx_nonpoly_scheme.pdb_seq_num 
_pdbx_nonpoly_scheme.auth_seq_num 
_pdbx_nonpoly_scheme.pdb_mon_id 
_pdbx_nonpoly_scheme.auth_mon_id 
_pdbx_nonpoly_scheme.pdb_strand_id 
_pdbx_nonpoly_scheme.pdb_ins_code 
B 2 FMT 1  63  1  FMT FMT A . 
C 3 HOH 1  64  1  HOH HOH A . 
C 3 HOH 2  65  2  HOH HOH A . 
C 3 HOH 3  66  3  HOH HOH A . 
C 3 HOH 4  67  4  HOH HOH A . 
C 3 HOH 5  68  5  HOH HOH A . 
C 3 HOH 6  69  6  HOH HOH A . 
C 3 HOH 7  70  7  HOH HOH A . 
C 3 HOH 8  71  8  HOH HOH A . 
C 3 HOH 9  72  9  HOH HOH A . 
C 3 HOH 10 73  10 HOH HOH A . 
C 3 HOH 11 74  11 HOH HOH A . 
C 3 HOH 12 75  12 HOH HOH A . 
C 3 HOH 13 76  13 HOH HOH A . 
C 3 HOH 14 77  14 HOH HOH A . 
C 3 HOH 15 78  15 HOH HOH A . 
C 3 HOH 16 79  16 HOH HOH A . 
C 3 HOH 17 80  17 HOH HOH A . 
C 3 HOH 18 81  18 HOH HOH A . 
C 3 HOH 19 82  19 HOH HOH A . 
C 3 HOH 20 83  20 HOH HOH A . 
C 3 HOH 21 84  21 HOH HOH A . 
C 3 HOH 22 85  22 HOH HOH A . 
C 3 HOH 23 86  23 HOH HOH A . 
C 3 HOH 24 87  24 HOH HOH A . 
C 3 HOH 25 88  25 HOH HOH A . 
C 3 HOH 26 89  26 HOH HOH A . 
C 3 HOH 27 90  27 HOH HOH A . 
C 3 HOH 28 91  28 HOH HOH A . 
C 3 HOH 29 92  29 HOH HOH A . 
C 3 HOH 30 93  30 HOH HOH A . 
C 3 HOH 31 94  31 HOH HOH A . 
C 3 HOH 32 95  32 HOH HOH A . 
C 3 HOH 33 96  33 HOH HOH A . 
C 3 HOH 34 97  34 HOH HOH A . 
C 3 HOH 35 98  35 HOH HOH A . 
C 3 HOH 36 99  36 HOH HOH A . 
C 3 HOH 37 100 37 HOH HOH A . 
C 3 HOH 38 101 38 HOH HOH A . 
C 3 HOH 39 102 39 HOH HOH A . 
C 3 HOH 40 103 40 HOH HOH A . 
C 3 HOH 41 104 41 HOH HOH A . 
C 3 HOH 42 105 42 HOH HOH A . 
# 
_pdbx_struct_assembly.id                   1 
_pdbx_struct_assembly.details              author_and_software_defined_assembly 
_pdbx_struct_assembly.method_details       PISA 
_pdbx_struct_assembly.oligomeric_details   monomeric 
_pdbx_struct_assembly.oligomeric_count     1 
# 
_pdbx_struct_assembly_gen.assembly_id       1 
_pdbx_struct_assembly_gen.oper_expression   1 
_pdbx_struct_assembly_gen.asym_id_list      A,B,C 
# 
_pdbx_struct_oper_list.id                   1 
_pdbx_struct_oper_list.type                 'identity operation' 
_pdbx_struct_oper_list.name                 1_555 
_pdbx_struct_oper_list.symmetry_operation   x,y,z 
_pdbx_struct_oper_list.matrix[1][1]         1.0000000000 
_pdbx_struct_oper_list.matrix[1][2]         0.0000000000 
_pdbx_struct_oper_list.matrix[1][3]         0.0000000000 
_pdbx_struct_oper_list.vector[1]            0.0000000000 
_pdbx_struct_oper_list.matrix[2][1]         0.0000000000 
_pdbx_struct_oper_list.matrix[2][2]         1.0000000000 
_pdbx_struct_oper_list.matrix[2][3]         0.0000000000 
_pdbx_struct_oper_list.vector[2]            0.0000000000 
_pdbx_struct_oper_list.matrix[3][1]         0.0000000000 
_pdbx_struct_oper_list.matrix[3][2]         0.0000000000 
_pdbx_struct_oper_list.matrix[3][3]         1.0000000000 
_pdbx_struct_oper_list.vector[3]            0.0000000000 
# 
loop_
_pdbx_struct_special_symmetry.id 
_pdbx_struct_special_symmetry.PDB_model_num 
_pdbx_struct_special_symmetry.auth_asym_id 
_pdbx_struct_special_symmetry.auth_comp_id 
_pdbx_struct_special_symmetry.auth_seq_id 
_pdbx_struct_special_symmetry.PDB_ins_code 
_pdbx_struct_special_symmetry.label_asym_id 
_pdbx_struct_special_symmetry.label_comp_id 
_pdbx_struct_special_symmetry.label_seq_id 
1 1 A FMT 63 ? B FMT . 
2 1 A HOH 64 ? C HOH . 
# 
loop_
_pdbx_audit_revision_history.ordinal 
_pdbx_audit_revision_history.data_content_type 
_pdbx_audit_revision_history.major_revision 
_pdbx_audit_revision_history.minor_revision 
_pdbx_audit_revision_history.revision_date 
1 'Structure model' 1 0 2011-01-19 
2 'Structure model' 1 1 2011-07-13 
3 'Structure model' 1 2 2021-10-13 
4 'Structure model' 1 3 2023-09-06 
# 
_pdbx_audit_revision_details.ordinal             1 
_pdbx_audit_revision_details.revision_ordinal    1 
_pdbx_audit_revision_details.data_content_type   'Structure model' 
_pdbx_audit_revision_details.provider            repository 
_pdbx_audit_revision_details.type                'Initial release' 
_pdbx_audit_revision_details.description         ? 
_pdbx_audit_revision_details.details             ? 
# 
loop_
_pdbx_audit_revision_group.ordinal 
_pdbx_audit_revision_group.revision_ordinal 
_pdbx_audit_revision_group.data_content_type 
_pdbx_audit_revision_group.group 
1 2 'Structure model' 'Version format compliance' 
2 3 'Structure model' 'Database references'       
3 3 'Structure model' 'Derived calculations'      
4 4 'Structure model' 'Data collection'           
5 4 'Structure model' 'Refinement description'    
# 
loop_
_pdbx_audit_revision_category.ordinal 
_pdbx_audit_revision_category.revision_ordinal 
_pdbx_audit_revision_category.data_content_type 
_pdbx_audit_revision_category.category 
1 3 'Structure model' database_2                    
2 3 'Structure model' struct_ref_seq_dif            
3 3 'Structure model' struct_site                   
4 4 'Structure model' chem_comp_atom                
5 4 'Structure model' chem_comp_bond                
6 4 'Structure model' pdbx_initial_refinement_model 
# 
loop_
_pdbx_audit_revision_item.ordinal 
_pdbx_audit_revision_item.revision_ordinal 
_pdbx_audit_revision_item.data_content_type 
_pdbx_audit_revision_item.item 
1 3 'Structure model' '_database_2.pdbx_DOI'                
2 3 'Structure model' '_database_2.pdbx_database_accession' 
3 3 'Structure model' '_struct_ref_seq_dif.details'         
4 3 'Structure model' '_struct_site.pdbx_auth_asym_id'      
5 3 'Structure model' '_struct_site.pdbx_auth_comp_id'      
6 3 'Structure model' '_struct_site.pdbx_auth_seq_id'       
# 
_phasing.method   mr 
# 
loop_
_software.pdbx_ordinal 
_software.name 
_software.version 
_software.date 
_software.type 
_software.contact_author 
_software.contact_author_email 
_software.classification 
_software.location 
_software.language 
_software.citation_id 
1 SCALA       .     ?               other   'Phil R. Evans'      pre@mrc-lmb.cam.ac.uk  'data scaling'    
http://www.ccp4.ac.uk/dist/html/scala.html   Fortran_77 ? 
2 MOLREP      .     ?               program 'Alexei Vaguine'     alexei@ysbl.york.ac.uk phasing           
http://www.ccp4.ac.uk/dist/html/molrep.html  Fortran_77 ? 
3 REFMAC      .     ?               program 'Garib N. Murshudov' garib@ysbl.york.ac.uk  refinement        
http://www.ccp4.ac.uk/dist/html/refmac5.html Fortran_77 ? 
4 PDB_EXTRACT 3.005 'June 11, 2008' package PDB                  help@deposit.rcsb.org  'data extraction' 
http://sw-tools.pdb.org/apps/PDB_EXTRACT/    C++        ? 
5 HKL-2000    .     ?               ?       ?                    ?                      'data collection' ? ?          ? 
6 HKL-2000    .     ?               ?       ?                    ?                      'data reduction'  ? ?          ? 
# 
_pdbx_validate_symm_contact.id                1 
_pdbx_validate_symm_contact.PDB_model_num     1 
_pdbx_validate_symm_contact.auth_atom_id_1    C 
_pdbx_validate_symm_contact.auth_asym_id_1    A 
_pdbx_validate_symm_contact.auth_comp_id_1    FMT 
_pdbx_validate_symm_contact.auth_seq_id_1     63 
_pdbx_validate_symm_contact.PDB_ins_code_1    ? 
_pdbx_validate_symm_contact.label_alt_id_1    ? 
_pdbx_validate_symm_contact.site_symmetry_1   1_555 
_pdbx_validate_symm_contact.auth_atom_id_2    O2 
_pdbx_validate_symm_contact.auth_asym_id_2    A 
_pdbx_validate_symm_contact.auth_comp_id_2    FMT 
_pdbx_validate_symm_contact.auth_seq_id_2     63 
_pdbx_validate_symm_contact.PDB_ins_code_2    ? 
_pdbx_validate_symm_contact.label_alt_id_2    ? 
_pdbx_validate_symm_contact.site_symmetry_2   12_564 
_pdbx_validate_symm_contact.dist              1.95 
# 
_pdbx_validate_torsion.id              1 
_pdbx_validate_torsion.PDB_model_num   1 
_pdbx_validate_torsion.auth_comp_id    ASN 
_pdbx_validate_torsion.auth_asym_id    A 
_pdbx_validate_torsion.auth_seq_id     47 
_pdbx_validate_torsion.PDB_ins_code    ? 
_pdbx_validate_torsion.label_alt_id    ? 
_pdbx_validate_torsion.phi             52.11 
_pdbx_validate_torsion.psi             -108.06 
# 
loop_
_pdbx_unobs_or_zero_occ_residues.id 
_pdbx_unobs_or_zero_occ_residues.PDB_model_num 
_pdbx_unobs_or_zero_occ_residues.polymer_flag 
_pdbx_unobs_or_zero_occ_residues.occupancy_flag 
_pdbx_unobs_or_zero_occ_residues.auth_asym_id 
_pdbx_unobs_or_zero_occ_residues.auth_comp_id 
_pdbx_unobs_or_zero_occ_residues.auth_seq_id 
_pdbx_unobs_or_zero_occ_residues.PDB_ins_code 
_pdbx_unobs_or_zero_occ_residues.label_asym_id 
_pdbx_unobs_or_zero_occ_residues.label_comp_id 
_pdbx_unobs_or_zero_occ_residues.label_seq_id 
1 1 Y 1 A MET 1 ? A MET 1 
2 1 Y 1 A ASP 2 ? A ASP 2 
3 1 Y 1 A GLU 3 ? A GLU 3 
4 1 Y 1 A THR 4 ? A THR 4 
# 
loop_
_chem_comp_atom.comp_id 
_chem_comp_atom.atom_id 
_chem_comp_atom.type_symbol 
_chem_comp_atom.pdbx_aromatic_flag 
_chem_comp_atom.pdbx_stereo_config 
_chem_comp_atom.pdbx_ordinal 
ALA N    N N N 1   
ALA CA   C N S 2   
ALA C    C N N 3   
ALA O    O N N 4   
ALA CB   C N N 5   
ALA OXT  O N N 6   
ALA H    H N N 7   
ALA H2   H N N 8   
ALA HA   H N N 9   
ALA HB1  H N N 10  
ALA HB2  H N N 11  
ALA HB3  H N N 12  
ALA HXT  H N N 13  
ARG N    N N N 14  
ARG CA   C N S 15  
ARG C    C N N 16  
ARG O    O N N 17  
ARG CB   C N N 18  
ARG CG   C N N 19  
ARG CD   C N N 20  
ARG NE   N N N 21  
ARG CZ   C N N 22  
ARG NH1  N N N 23  
ARG NH2  N N N 24  
ARG OXT  O N N 25  
ARG H    H N N 26  
ARG H2   H N N 27  
ARG HA   H N N 28  
ARG HB2  H N N 29  
ARG HB3  H N N 30  
ARG HG2  H N N 31  
ARG HG3  H N N 32  
ARG HD2  H N N 33  
ARG HD3  H N N 34  
ARG HE   H N N 35  
ARG HH11 H N N 36  
ARG HH12 H N N 37  
ARG HH21 H N N 38  
ARG HH22 H N N 39  
ARG HXT  H N N 40  
ASN N    N N N 41  
ASN CA   C N S 42  
ASN C    C N N 43  
ASN O    O N N 44  
ASN CB   C N N 45  
ASN CG   C N N 46  
ASN OD1  O N N 47  
ASN ND2  N N N 48  
ASN OXT  O N N 49  
ASN H    H N N 50  
ASN H2   H N N 51  
ASN HA   H N N 52  
ASN HB2  H N N 53  
ASN HB3  H N N 54  
ASN HD21 H N N 55  
ASN HD22 H N N 56  
ASN HXT  H N N 57  
ASP N    N N N 58  
ASP CA   C N S 59  
ASP C    C N N 60  
ASP O    O N N 61  
ASP CB   C N N 62  
ASP CG   C N N 63  
ASP OD1  O N N 64  
ASP OD2  O N N 65  
ASP OXT  O N N 66  
ASP H    H N N 67  
ASP H2   H N N 68  
ASP HA   H N N 69  
ASP HB2  H N N 70  
ASP HB3  H N N 71  
ASP HD2  H N N 72  
ASP HXT  H N N 73  
FMT C    C N N 74  
FMT O1   O N N 75  
FMT O2   O N N 76  
FMT H    H N N 77  
FMT HO2  H N N 78  
GLN N    N N N 79  
GLN CA   C N S 80  
GLN C    C N N 81  
GLN O    O N N 82  
GLN CB   C N N 83  
GLN CG   C N N 84  
GLN CD   C N N 85  
GLN OE1  O N N 86  
GLN NE2  N N N 87  
GLN OXT  O N N 88  
GLN H    H N N 89  
GLN H2   H N N 90  
GLN HA   H N N 91  
GLN HB2  H N N 92  
GLN HB3  H N N 93  
GLN HG2  H N N 94  
GLN HG3  H N N 95  
GLN HE21 H N N 96  
GLN HE22 H N N 97  
GLN HXT  H N N 98  
GLU N    N N N 99  
GLU CA   C N S 100 
GLU C    C N N 101 
GLU O    O N N 102 
GLU CB   C N N 103 
GLU CG   C N N 104 
GLU CD   C N N 105 
GLU OE1  O N N 106 
GLU OE2  O N N 107 
GLU OXT  O N N 108 
GLU H    H N N 109 
GLU H2   H N N 110 
GLU HA   H N N 111 
GLU HB2  H N N 112 
GLU HB3  H N N 113 
GLU HG2  H N N 114 
GLU HG3  H N N 115 
GLU HE2  H N N 116 
GLU HXT  H N N 117 
GLY N    N N N 118 
GLY CA   C N N 119 
GLY C    C N N 120 
GLY O    O N N 121 
GLY OXT  O N N 122 
GLY H    H N N 123 
GLY H2   H N N 124 
GLY HA2  H N N 125 
GLY HA3  H N N 126 
GLY HXT  H N N 127 
HOH O    O N N 128 
HOH H1   H N N 129 
HOH H2   H N N 130 
ILE N    N N N 131 
ILE CA   C N S 132 
ILE C    C N N 133 
ILE O    O N N 134 
ILE CB   C N S 135 
ILE CG1  C N N 136 
ILE CG2  C N N 137 
ILE CD1  C N N 138 
ILE OXT  O N N 139 
ILE H    H N N 140 
ILE H2   H N N 141 
ILE HA   H N N 142 
ILE HB   H N N 143 
ILE HG12 H N N 144 
ILE HG13 H N N 145 
ILE HG21 H N N 146 
ILE HG22 H N N 147 
ILE HG23 H N N 148 
ILE HD11 H N N 149 
ILE HD12 H N N 150 
ILE HD13 H N N 151 
ILE HXT  H N N 152 
LEU N    N N N 153 
LEU CA   C N S 154 
LEU C    C N N 155 
LEU O    O N N 156 
LEU CB   C N N 157 
LEU CG   C N N 158 
LEU CD1  C N N 159 
LEU CD2  C N N 160 
LEU OXT  O N N 161 
LEU H    H N N 162 
LEU H2   H N N 163 
LEU HA   H N N 164 
LEU HB2  H N N 165 
LEU HB3  H N N 166 
LEU HG   H N N 167 
LEU HD11 H N N 168 
LEU HD12 H N N 169 
LEU HD13 H N N 170 
LEU HD21 H N N 171 
LEU HD22 H N N 172 
LEU HD23 H N N 173 
LEU HXT  H N N 174 
LYS N    N N N 175 
LYS CA   C N S 176 
LYS C    C N N 177 
LYS O    O N N 178 
LYS CB   C N N 179 
LYS CG   C N N 180 
LYS CD   C N N 181 
LYS CE   C N N 182 
LYS NZ   N N N 183 
LYS OXT  O N N 184 
LYS H    H N N 185 
LYS H2   H N N 186 
LYS HA   H N N 187 
LYS HB2  H N N 188 
LYS HB3  H N N 189 
LYS HG2  H N N 190 
LYS HG3  H N N 191 
LYS HD2  H N N 192 
LYS HD3  H N N 193 
LYS HE2  H N N 194 
LYS HE3  H N N 195 
LYS HZ1  H N N 196 
LYS HZ2  H N N 197 
LYS HZ3  H N N 198 
LYS HXT  H N N 199 
MET N    N N N 200 
MET CA   C N S 201 
MET C    C N N 202 
MET O    O N N 203 
MET CB   C N N 204 
MET CG   C N N 205 
MET SD   S N N 206 
MET CE   C N N 207 
MET OXT  O N N 208 
MET H    H N N 209 
MET H2   H N N 210 
MET HA   H N N 211 
MET HB2  H N N 212 
MET HB3  H N N 213 
MET HG2  H N N 214 
MET HG3  H N N 215 
MET HE1  H N N 216 
MET HE2  H N N 217 
MET HE3  H N N 218 
MET HXT  H N N 219 
PHE N    N N N 220 
PHE CA   C N S 221 
PHE C    C N N 222 
PHE O    O N N 223 
PHE CB   C N N 224 
PHE CG   C Y N 225 
PHE CD1  C Y N 226 
PHE CD2  C Y N 227 
PHE CE1  C Y N 228 
PHE CE2  C Y N 229 
PHE CZ   C Y N 230 
PHE OXT  O N N 231 
PHE H    H N N 232 
PHE H2   H N N 233 
PHE HA   H N N 234 
PHE HB2  H N N 235 
PHE HB3  H N N 236 
PHE HD1  H N N 237 
PHE HD2  H N N 238 
PHE HE1  H N N 239 
PHE HE2  H N N 240 
PHE HZ   H N N 241 
PHE HXT  H N N 242 
PRO N    N N N 243 
PRO CA   C N S 244 
PRO C    C N N 245 
PRO O    O N N 246 
PRO CB   C N N 247 
PRO CG   C N N 248 
PRO CD   C N N 249 
PRO OXT  O N N 250 
PRO H    H N N 251 
PRO HA   H N N 252 
PRO HB2  H N N 253 
PRO HB3  H N N 254 
PRO HG2  H N N 255 
PRO HG3  H N N 256 
PRO HD2  H N N 257 
PRO HD3  H N N 258 
PRO HXT  H N N 259 
SER N    N N N 260 
SER CA   C N S 261 
SER C    C N N 262 
SER O    O N N 263 
SER CB   C N N 264 
SER OG   O N N 265 
SER OXT  O N N 266 
SER H    H N N 267 
SER H2   H N N 268 
SER HA   H N N 269 
SER HB2  H N N 270 
SER HB3  H N N 271 
SER HG   H N N 272 
SER HXT  H N N 273 
THR N    N N N 274 
THR CA   C N S 275 
THR C    C N N 276 
THR O    O N N 277 
THR CB   C N R 278 
THR OG1  O N N 279 
THR CG2  C N N 280 
THR OXT  O N N 281 
THR H    H N N 282 
THR H2   H N N 283 
THR HA   H N N 284 
THR HB   H N N 285 
THR HG1  H N N 286 
THR HG21 H N N 287 
THR HG22 H N N 288 
THR HG23 H N N 289 
THR HXT  H N N 290 
TRP N    N N N 291 
TRP CA   C N S 292 
TRP C    C N N 293 
TRP O    O N N 294 
TRP CB   C N N 295 
TRP CG   C Y N 296 
TRP CD1  C Y N 297 
TRP CD2  C Y N 298 
TRP NE1  N Y N 299 
TRP CE2  C Y N 300 
TRP CE3  C Y N 301 
TRP CZ2  C Y N 302 
TRP CZ3  C Y N 303 
TRP CH2  C Y N 304 
TRP OXT  O N N 305 
TRP H    H N N 306 
TRP H2   H N N 307 
TRP HA   H N N 308 
TRP HB2  H N N 309 
TRP HB3  H N N 310 
TRP HD1  H N N 311 
TRP HE1  H N N 312 
TRP HE3  H N N 313 
TRP HZ2  H N N 314 
TRP HZ3  H N N 315 
TRP HH2  H N N 316 
TRP HXT  H N N 317 
TYR N    N N N 318 
TYR CA   C N S 319 
TYR C    C N N 320 
TYR O    O N N 321 
TYR CB   C N N 322 
TYR CG   C Y N 323 
TYR CD1  C Y N 324 
TYR CD2  C Y N 325 
TYR CE1  C Y N 326 
TYR CE2  C Y N 327 
TYR CZ   C Y N 328 
TYR OH   O N N 329 
TYR OXT  O N N 330 
TYR H    H N N 331 
TYR H2   H N N 332 
TYR HA   H N N 333 
TYR HB2  H N N 334 
TYR HB3  H N N 335 
TYR HD1  H N N 336 
TYR HD2  H N N 337 
TYR HE1  H N N 338 
TYR HE2  H N N 339 
TYR HH   H N N 340 
TYR HXT  H N N 341 
VAL N    N N N 342 
VAL CA   C N S 343 
VAL C    C N N 344 
VAL O    O N N 345 
VAL CB   C N N 346 
VAL CG1  C N N 347 
VAL CG2  C N N 348 
VAL OXT  O N N 349 
VAL H    H N N 350 
VAL H2   H N N 351 
VAL HA   H N N 352 
VAL HB   H N N 353 
VAL HG11 H N N 354 
VAL HG12 H N N 355 
VAL HG13 H N N 356 
VAL HG21 H N N 357 
VAL HG22 H N N 358 
VAL HG23 H N N 359 
VAL HXT  H N N 360 
# 
loop_
_chem_comp_bond.comp_id 
_chem_comp_bond.atom_id_1 
_chem_comp_bond.atom_id_2 
_chem_comp_bond.value_order 
_chem_comp_bond.pdbx_aromatic_flag 
_chem_comp_bond.pdbx_stereo_config 
_chem_comp_bond.pdbx_ordinal 
ALA N   CA   sing N N 1   
ALA N   H    sing N N 2   
ALA N   H2   sing N N 3   
ALA CA  C    sing N N 4   
ALA CA  CB   sing N N 5   
ALA CA  HA   sing N N 6   
ALA C   O    doub N N 7   
ALA C   OXT  sing N N 8   
ALA CB  HB1  sing N N 9   
ALA CB  HB2  sing N N 10  
ALA CB  HB3  sing N N 11  
ALA OXT HXT  sing N N 12  
ARG N   CA   sing N N 13  
ARG N   H    sing N N 14  
ARG N   H2   sing N N 15  
ARG CA  C    sing N N 16  
ARG CA  CB   sing N N 17  
ARG CA  HA   sing N N 18  
ARG C   O    doub N N 19  
ARG C   OXT  sing N N 20  
ARG CB  CG   sing N N 21  
ARG CB  HB2  sing N N 22  
ARG CB  HB3  sing N N 23  
ARG CG  CD   sing N N 24  
ARG CG  HG2  sing N N 25  
ARG CG  HG3  sing N N 26  
ARG CD  NE   sing N N 27  
ARG CD  HD2  sing N N 28  
ARG CD  HD3  sing N N 29  
ARG NE  CZ   sing N N 30  
ARG NE  HE   sing N N 31  
ARG CZ  NH1  sing N N 32  
ARG CZ  NH2  doub N N 33  
ARG NH1 HH11 sing N N 34  
ARG NH1 HH12 sing N N 35  
ARG NH2 HH21 sing N N 36  
ARG NH2 HH22 sing N N 37  
ARG OXT HXT  sing N N 38  
ASN N   CA   sing N N 39  
ASN N   H    sing N N 40  
ASN N   H2   sing N N 41  
ASN CA  C    sing N N 42  
ASN CA  CB   sing N N 43  
ASN CA  HA   sing N N 44  
ASN C   O    doub N N 45  
ASN C   OXT  sing N N 46  
ASN CB  CG   sing N N 47  
ASN CB  HB2  sing N N 48  
ASN CB  HB3  sing N N 49  
ASN CG  OD1  doub N N 50  
ASN CG  ND2  sing N N 51  
ASN ND2 HD21 sing N N 52  
ASN ND2 HD22 sing N N 53  
ASN OXT HXT  sing N N 54  
ASP N   CA   sing N N 55  
ASP N   H    sing N N 56  
ASP N   H2   sing N N 57  
ASP CA  C    sing N N 58  
ASP CA  CB   sing N N 59  
ASP CA  HA   sing N N 60  
ASP C   O    doub N N 61  
ASP C   OXT  sing N N 62  
ASP CB  CG   sing N N 63  
ASP CB  HB2  sing N N 64  
ASP CB  HB3  sing N N 65  
ASP CG  OD1  doub N N 66  
ASP CG  OD2  sing N N 67  
ASP OD2 HD2  sing N N 68  
ASP OXT HXT  sing N N 69  
FMT C   O1   doub N N 70  
FMT C   O2   sing N N 71  
FMT C   H    sing N N 72  
FMT O2  HO2  sing N N 73  
GLN N   CA   sing N N 74  
GLN N   H    sing N N 75  
GLN N   H2   sing N N 76  
GLN CA  C    sing N N 77  
GLN CA  CB   sing N N 78  
GLN CA  HA   sing N N 79  
GLN C   O    doub N N 80  
GLN C   OXT  sing N N 81  
GLN CB  CG   sing N N 82  
GLN CB  HB2  sing N N 83  
GLN CB  HB3  sing N N 84  
GLN CG  CD   sing N N 85  
GLN CG  HG2  sing N N 86  
GLN CG  HG3  sing N N 87  
GLN CD  OE1  doub N N 88  
GLN CD  NE2  sing N N 89  
GLN NE2 HE21 sing N N 90  
GLN NE2 HE22 sing N N 91  
GLN OXT HXT  sing N N 92  
GLU N   CA   sing N N 93  
GLU N   H    sing N N 94  
GLU N   H2   sing N N 95  
GLU CA  C    sing N N 96  
GLU CA  CB   sing N N 97  
GLU CA  HA   sing N N 98  
GLU C   O    doub N N 99  
GLU C   OXT  sing N N 100 
GLU CB  CG   sing N N 101 
GLU CB  HB2  sing N N 102 
GLU CB  HB3  sing N N 103 
GLU CG  CD   sing N N 104 
GLU CG  HG2  sing N N 105 
GLU CG  HG3  sing N N 106 
GLU CD  OE1  doub N N 107 
GLU CD  OE2  sing N N 108 
GLU OE2 HE2  sing N N 109 
GLU OXT HXT  sing N N 110 
GLY N   CA   sing N N 111 
GLY N   H    sing N N 112 
GLY N   H2   sing N N 113 
GLY CA  C    sing N N 114 
GLY CA  HA2  sing N N 115 
GLY CA  HA3  sing N N 116 
GLY C   O    doub N N 117 
GLY C   OXT  sing N N 118 
GLY OXT HXT  sing N N 119 
HOH O   H1   sing N N 120 
HOH O   H2   sing N N 121 
ILE N   CA   sing N N 122 
ILE N   H    sing N N 123 
ILE N   H2   sing N N 124 
ILE CA  C    sing N N 125 
ILE CA  CB   sing N N 126 
ILE CA  HA   sing N N 127 
ILE C   O    doub N N 128 
ILE C   OXT  sing N N 129 
ILE CB  CG1  sing N N 130 
ILE CB  CG2  sing N N 131 
ILE CB  HB   sing N N 132 
ILE CG1 CD1  sing N N 133 
ILE CG1 HG12 sing N N 134 
ILE CG1 HG13 sing N N 135 
ILE CG2 HG21 sing N N 136 
ILE CG2 HG22 sing N N 137 
ILE CG2 HG23 sing N N 138 
ILE CD1 HD11 sing N N 139 
ILE CD1 HD12 sing N N 140 
ILE CD1 HD13 sing N N 141 
ILE OXT HXT  sing N N 142 
LEU N   CA   sing N N 143 
LEU N   H    sing N N 144 
LEU N   H2   sing N N 145 
LEU CA  C    sing N N 146 
LEU CA  CB   sing N N 147 
LEU CA  HA   sing N N 148 
LEU C   O    doub N N 149 
LEU C   OXT  sing N N 150 
LEU CB  CG   sing N N 151 
LEU CB  HB2  sing N N 152 
LEU CB  HB3  sing N N 153 
LEU CG  CD1  sing N N 154 
LEU CG  CD2  sing N N 155 
LEU CG  HG   sing N N 156 
LEU CD1 HD11 sing N N 157 
LEU CD1 HD12 sing N N 158 
LEU CD1 HD13 sing N N 159 
LEU CD2 HD21 sing N N 160 
LEU CD2 HD22 sing N N 161 
LEU CD2 HD23 sing N N 162 
LEU OXT HXT  sing N N 163 
LYS N   CA   sing N N 164 
LYS N   H    sing N N 165 
LYS N   H2   sing N N 166 
LYS CA  C    sing N N 167 
LYS CA  CB   sing N N 168 
LYS CA  HA   sing N N 169 
LYS C   O    doub N N 170 
LYS C   OXT  sing N N 171 
LYS CB  CG   sing N N 172 
LYS CB  HB2  sing N N 173 
LYS CB  HB3  sing N N 174 
LYS CG  CD   sing N N 175 
LYS CG  HG2  sing N N 176 
LYS CG  HG3  sing N N 177 
LYS CD  CE   sing N N 178 
LYS CD  HD2  sing N N 179 
LYS CD  HD3  sing N N 180 
LYS CE  NZ   sing N N 181 
LYS CE  HE2  sing N N 182 
LYS CE  HE3  sing N N 183 
LYS NZ  HZ1  sing N N 184 
LYS NZ  HZ2  sing N N 185 
LYS NZ  HZ3  sing N N 186 
LYS OXT HXT  sing N N 187 
MET N   CA   sing N N 188 
MET N   H    sing N N 189 
MET N   H2   sing N N 190 
MET CA  C    sing N N 191 
MET CA  CB   sing N N 192 
MET CA  HA   sing N N 193 
MET C   O    doub N N 194 
MET C   OXT  sing N N 195 
MET CB  CG   sing N N 196 
MET CB  HB2  sing N N 197 
MET CB  HB3  sing N N 198 
MET CG  SD   sing N N 199 
MET CG  HG2  sing N N 200 
MET CG  HG3  sing N N 201 
MET SD  CE   sing N N 202 
MET CE  HE1  sing N N 203 
MET CE  HE2  sing N N 204 
MET CE  HE3  sing N N 205 
MET OXT HXT  sing N N 206 
PHE N   CA   sing N N 207 
PHE N   H    sing N N 208 
PHE N   H2   sing N N 209 
PHE CA  C    sing N N 210 
PHE CA  CB   sing N N 211 
PHE CA  HA   sing N N 212 
PHE C   O    doub N N 213 
PHE C   OXT  sing N N 214 
PHE CB  CG   sing N N 215 
PHE CB  HB2  sing N N 216 
PHE CB  HB3  sing N N 217 
PHE CG  CD1  doub Y N 218 
PHE CG  CD2  sing Y N 219 
PHE CD1 CE1  sing Y N 220 
PHE CD1 HD1  sing N N 221 
PHE CD2 CE2  doub Y N 222 
PHE CD2 HD2  sing N N 223 
PHE CE1 CZ   doub Y N 224 
PHE CE1 HE1  sing N N 225 
PHE CE2 CZ   sing Y N 226 
PHE CE2 HE2  sing N N 227 
PHE CZ  HZ   sing N N 228 
PHE OXT HXT  sing N N 229 
PRO N   CA   sing N N 230 
PRO N   CD   sing N N 231 
PRO N   H    sing N N 232 
PRO CA  C    sing N N 233 
PRO CA  CB   sing N N 234 
PRO CA  HA   sing N N 235 
PRO C   O    doub N N 236 
PRO C   OXT  sing N N 237 
PRO CB  CG   sing N N 238 
PRO CB  HB2  sing N N 239 
PRO CB  HB3  sing N N 240 
PRO CG  CD   sing N N 241 
PRO CG  HG2  sing N N 242 
PRO CG  HG3  sing N N 243 
PRO CD  HD2  sing N N 244 
PRO CD  HD3  sing N N 245 
PRO OXT HXT  sing N N 246 
SER N   CA   sing N N 247 
SER N   H    sing N N 248 
SER N   H2   sing N N 249 
SER CA  C    sing N N 250 
SER CA  CB   sing N N 251 
SER CA  HA   sing N N 252 
SER C   O    doub N N 253 
SER C   OXT  sing N N 254 
SER CB  OG   sing N N 255 
SER CB  HB2  sing N N 256 
SER CB  HB3  sing N N 257 
SER OG  HG   sing N N 258 
SER OXT HXT  sing N N 259 
THR N   CA   sing N N 260 
THR N   H    sing N N 261 
THR N   H2   sing N N 262 
THR CA  C    sing N N 263 
THR CA  CB   sing N N 264 
THR CA  HA   sing N N 265 
THR C   O    doub N N 266 
THR C   OXT  sing N N 267 
THR CB  OG1  sing N N 268 
THR CB  CG2  sing N N 269 
THR CB  HB   sing N N 270 
THR OG1 HG1  sing N N 271 
THR CG2 HG21 sing N N 272 
THR CG2 HG22 sing N N 273 
THR CG2 HG23 sing N N 274 
THR OXT HXT  sing N N 275 
TRP N   CA   sing N N 276 
TRP N   H    sing N N 277 
TRP N   H2   sing N N 278 
TRP CA  C    sing N N 279 
TRP CA  CB   sing N N 280 
TRP CA  HA   sing N N 281 
TRP C   O    doub N N 282 
TRP C   OXT  sing N N 283 
TRP CB  CG   sing N N 284 
TRP CB  HB2  sing N N 285 
TRP CB  HB3  sing N N 286 
TRP CG  CD1  doub Y N 287 
TRP CG  CD2  sing Y N 288 
TRP CD1 NE1  sing Y N 289 
TRP CD1 HD1  sing N N 290 
TRP CD2 CE2  doub Y N 291 
TRP CD2 CE3  sing Y N 292 
TRP NE1 CE2  sing Y N 293 
TRP NE1 HE1  sing N N 294 
TRP CE2 CZ2  sing Y N 295 
TRP CE3 CZ3  doub Y N 296 
TRP CE3 HE3  sing N N 297 
TRP CZ2 CH2  doub Y N 298 
TRP CZ2 HZ2  sing N N 299 
TRP CZ3 CH2  sing Y N 300 
TRP CZ3 HZ3  sing N N 301 
TRP CH2 HH2  sing N N 302 
TRP OXT HXT  sing N N 303 
TYR N   CA   sing N N 304 
TYR N   H    sing N N 305 
TYR N   H2   sing N N 306 
TYR CA  C    sing N N 307 
TYR CA  CB   sing N N 308 
TYR CA  HA   sing N N 309 
TYR C   O    doub N N 310 
TYR C   OXT  sing N N 311 
TYR CB  CG   sing N N 312 
TYR CB  HB2  sing N N 313 
TYR CB  HB3  sing N N 314 
TYR CG  CD1  doub Y N 315 
TYR CG  CD2  sing Y N 316 
TYR CD1 CE1  sing Y N 317 
TYR CD1 HD1  sing N N 318 
TYR CD2 CE2  doub Y N 319 
TYR CD2 HD2  sing N N 320 
TYR CE1 CZ   doub Y N 321 
TYR CE1 HE1  sing N N 322 
TYR CE2 CZ   sing Y N 323 
TYR CE2 HE2  sing N N 324 
TYR CZ  OH   sing N N 325 
TYR OH  HH   sing N N 326 
TYR OXT HXT  sing N N 327 
VAL N   CA   sing N N 328 
VAL N   H    sing N N 329 
VAL N   H2   sing N N 330 
VAL CA  C    sing N N 331 
VAL CA  CB   sing N N 332 
VAL CA  HA   sing N N 333 
VAL C   O    doub N N 334 
VAL C   OXT  sing N N 335 
VAL CB  CG1  sing N N 336 
VAL CB  CG2  sing N N 337 
VAL CB  HB   sing N N 338 
VAL CG1 HG11 sing N N 339 
VAL CG1 HG12 sing N N 340 
VAL CG1 HG13 sing N N 341 
VAL CG2 HG21 sing N N 342 
VAL CG2 HG22 sing N N 343 
VAL CG2 HG23 sing N N 344 
VAL OXT HXT  sing N N 345 
# 
loop_
_pdbx_entity_nonpoly.entity_id 
_pdbx_entity_nonpoly.name 
_pdbx_entity_nonpoly.comp_id 
2 'FORMIC ACID' FMT 
3 water         HOH 
# 
_pdbx_initial_refinement_model.id               1 
_pdbx_initial_refinement_model.entity_id_list   ? 
_pdbx_initial_refinement_model.type             'experimental model' 
_pdbx_initial_refinement_model.source_name      PDB 
_pdbx_initial_refinement_model.accession_code   1SHG 
_pdbx_initial_refinement_model.details          'PDB entry 1SHG' 
# 
